data_4QKC
# 
_entry.id   4QKC 
# 
_audit_conform.dict_name       mmcif_pdbx.dic 
_audit_conform.dict_version    5.398 
_audit_conform.dict_location   http://mmcif.pdb.org/dictionaries/ascii/mmcif_pdbx.dic 
# 
loop_
_database_2.database_id 
_database_2.database_code 
_database_2.pdbx_database_accession 
_database_2.pdbx_DOI 
PDB   4QKC         pdb_00004qkc 10.2210/pdb4qkc/pdb 
RCSB  RCSB086163   ?            ?                   
WWPDB D_1000086163 ?            ?                   
# 
loop_
_pdbx_audit_revision_history.ordinal 
_pdbx_audit_revision_history.data_content_type 
_pdbx_audit_revision_history.major_revision 
_pdbx_audit_revision_history.minor_revision 
_pdbx_audit_revision_history.revision_date 
1 'Structure model' 1 0 2015-11-11 
2 'Structure model' 1 1 2015-12-16 
3 'Structure model' 1 2 2023-09-20 
4 'Structure model' 1 3 2024-11-06 
# 
_pdbx_audit_revision_details.ordinal             1 
_pdbx_audit_revision_details.revision_ordinal    1 
_pdbx_audit_revision_details.data_content_type   'Structure model' 
_pdbx_audit_revision_details.provider            repository 
_pdbx_audit_revision_details.type                'Initial release' 
_pdbx_audit_revision_details.description         ? 
_pdbx_audit_revision_details.details             ? 
# 
loop_
_pdbx_audit_revision_group.ordinal 
_pdbx_audit_revision_group.revision_ordinal 
_pdbx_audit_revision_group.data_content_type 
_pdbx_audit_revision_group.group 
1 2 'Structure model' 'Database references'    
2 3 'Structure model' 'Data collection'        
3 3 'Structure model' 'Database references'    
4 3 'Structure model' 'Derived calculations'   
5 3 'Structure model' 'Refinement description' 
6 4 'Structure model' 'Structure summary'      
# 
loop_
_pdbx_audit_revision_category.ordinal 
_pdbx_audit_revision_category.revision_ordinal 
_pdbx_audit_revision_category.data_content_type 
_pdbx_audit_revision_category.category 
1  3 'Structure model' chem_comp_atom                
2  3 'Structure model' chem_comp_bond                
3  3 'Structure model' database_2                    
4  3 'Structure model' pdbx_initial_refinement_model 
5  3 'Structure model' pdbx_struct_conn_angle        
6  3 'Structure model' pdbx_struct_special_symmetry  
7  3 'Structure model' struct_conn                   
8  3 'Structure model' struct_ref_seq_dif            
9  3 'Structure model' struct_site                   
10 4 'Structure model' pdbx_entry_details            
11 4 'Structure model' pdbx_modification_feature     
# 
loop_
_pdbx_audit_revision_item.ordinal 
_pdbx_audit_revision_item.revision_ordinal 
_pdbx_audit_revision_item.data_content_type 
_pdbx_audit_revision_item.item 
1  3 'Structure model' '_database_2.pdbx_DOI'                        
2  3 'Structure model' '_database_2.pdbx_database_accession'         
3  3 'Structure model' '_pdbx_struct_conn_angle.ptnr1_auth_comp_id'  
4  3 'Structure model' '_pdbx_struct_conn_angle.ptnr1_auth_seq_id'   
5  3 'Structure model' '_pdbx_struct_conn_angle.ptnr1_label_alt_id'  
6  3 'Structure model' '_pdbx_struct_conn_angle.ptnr1_label_asym_id' 
7  3 'Structure model' '_pdbx_struct_conn_angle.ptnr1_label_atom_id' 
8  3 'Structure model' '_pdbx_struct_conn_angle.ptnr1_label_comp_id' 
9  3 'Structure model' '_pdbx_struct_conn_angle.ptnr1_label_seq_id'  
10 3 'Structure model' '_pdbx_struct_conn_angle.ptnr3_auth_comp_id'  
11 3 'Structure model' '_pdbx_struct_conn_angle.ptnr3_auth_seq_id'   
12 3 'Structure model' '_pdbx_struct_conn_angle.ptnr3_label_alt_id'  
13 3 'Structure model' '_pdbx_struct_conn_angle.ptnr3_label_asym_id' 
14 3 'Structure model' '_pdbx_struct_conn_angle.ptnr3_label_atom_id' 
15 3 'Structure model' '_pdbx_struct_conn_angle.ptnr3_label_comp_id' 
16 3 'Structure model' '_pdbx_struct_conn_angle.ptnr3_label_seq_id'  
17 3 'Structure model' '_pdbx_struct_conn_angle.value'               
18 3 'Structure model' '_struct_conn.pdbx_dist_value'                
19 3 'Structure model' '_struct_conn.pdbx_leaving_atom_flag'         
20 3 'Structure model' '_struct_conn.pdbx_ptnr2_label_alt_id'        
21 3 'Structure model' '_struct_conn.ptnr1_auth_comp_id'             
22 3 'Structure model' '_struct_conn.ptnr1_auth_seq_id'              
23 3 'Structure model' '_struct_conn.ptnr1_label_asym_id'            
24 3 'Structure model' '_struct_conn.ptnr1_label_atom_id'            
25 3 'Structure model' '_struct_conn.ptnr1_label_comp_id'            
26 3 'Structure model' '_struct_conn.ptnr1_label_seq_id'             
27 3 'Structure model' '_struct_conn.ptnr2_auth_comp_id'             
28 3 'Structure model' '_struct_conn.ptnr2_auth_seq_id'              
29 3 'Structure model' '_struct_conn.ptnr2_label_asym_id'            
30 3 'Structure model' '_struct_conn.ptnr2_label_atom_id'            
31 3 'Structure model' '_struct_conn.ptnr2_label_comp_id'            
32 3 'Structure model' '_struct_ref_seq_dif.details'                 
33 3 'Structure model' '_struct_site.pdbx_auth_asym_id'              
34 3 'Structure model' '_struct_site.pdbx_auth_comp_id'              
35 3 'Structure model' '_struct_site.pdbx_auth_seq_id'               
# 
_pdbx_database_status.status_code                     REL 
_pdbx_database_status.entry_id                        4QKC 
_pdbx_database_status.recvd_initial_deposition_date   2014-06-05 
_pdbx_database_status.deposit_site                    RCSB 
_pdbx_database_status.process_site                    RCSB 
_pdbx_database_status.status_code_sf                  REL 
_pdbx_database_status.status_code_mr                  ? 
_pdbx_database_status.SG_entry                        ? 
_pdbx_database_status.status_code_cs                  ? 
_pdbx_database_status.methods_development_category    ? 
_pdbx_database_status.pdb_format_compatible           Y 
_pdbx_database_status.status_code_nmr_data            ? 
# 
loop_
_pdbx_database_related.db_name 
_pdbx_database_related.db_id 
_pdbx_database_related.details 
_pdbx_database_related.content_type 
PDB 4QK6 . unspecified 
PDB 4QK7 . unspecified 
PDB 4QKL . unspecified 
PDB 4QKM . unspecified 
# 
loop_
_audit_author.name 
_audit_author.pdbx_ordinal 
'Thomaston, J.L.' 1 
'DeGrado, W.F.'   2 
# 
_citation.id                        primary 
_citation.title                     
;High-resolution structures of the M2 channel from influenza A virus reveal dynamic pathways for proton stabilization and transduction.
;
_citation.journal_abbrev            Proc.Natl.Acad.Sci.USA 
_citation.journal_volume            112 
_citation.page_first                14260 
_citation.page_last                 14265 
_citation.year                      2015 
_citation.journal_id_ASTM           PNASA6 
_citation.country                   US 
_citation.journal_id_ISSN           0027-8424 
_citation.journal_id_CSD            0040 
_citation.book_publisher            ? 
_citation.pdbx_database_id_PubMed   26578770 
_citation.pdbx_database_id_DOI      10.1073/pnas.1518493112 
# 
loop_
_citation_author.citation_id 
_citation_author.name 
_citation_author.ordinal 
_citation_author.identifier_ORCID 
primary 'Thomaston, J.L.'    1 ? 
primary 'Alfonso-Prieto, M.' 2 ? 
primary 'Woldeyes, R.A.'     3 ? 
primary 'Fraser, J.S.'       4 ? 
primary 'Klein, M.L.'        5 ? 
primary 'Fiorin, G.'         6 ? 
primary 'DeGrado, W.F.'      7 ? 
# 
loop_
_entity.id 
_entity.type 
_entity.src_method 
_entity.pdbx_description 
_entity.formula_weight 
_entity.pdbx_number_of_molecules 
_entity.pdbx_ec 
_entity.pdbx_mutation 
_entity.pdbx_fragment 
_entity.details 
1 polymer     syn 'influenza M2 monomer'                           2754.340 1  ? ? ? ? 
2 non-polymer syn 'CALCIUM ION'                                    40.078   2  ? ? ? ? 
3 non-polymer syn 'CHLORIDE ION'                                   35.453   1  ? ? ? ? 
4 non-polymer syn 1,2-ETHANEDIOL                                   62.068   1  ? ? ? ? 
5 non-polymer syn '(2S)-2,3-dihydroxypropyl (9Z)-octadec-9-enoate' 356.540  2  ? ? ? ? 
6 water       nat water                                            18.015   42 ? ? ? ? 
# 
_entity_poly.entity_id                      1 
_entity_poly.type                           'polypeptide(L)' 
_entity_poly.nstd_linkage                   no 
_entity_poly.nstd_monomer                   yes 
_entity_poly.pdbx_seq_one_letter_code       '(ACE)SSDPLVVAASIIGILHLILWILDRL(NH2)' 
_entity_poly.pdbx_seq_one_letter_code_can   XSSDPLVVAASIIGILHLILWILDRLX 
_entity_poly.pdbx_strand_id                 A 
_entity_poly.pdbx_target_identifier         ? 
# 
loop_
_pdbx_entity_nonpoly.entity_id 
_pdbx_entity_nonpoly.name 
_pdbx_entity_nonpoly.comp_id 
2 'CALCIUM ION'                                    CA  
3 'CHLORIDE ION'                                   CL  
4 1,2-ETHANEDIOL                                   EDO 
5 '(2S)-2,3-dihydroxypropyl (9Z)-octadec-9-enoate' OLB 
6 water                                            HOH 
# 
loop_
_entity_poly_seq.entity_id 
_entity_poly_seq.num 
_entity_poly_seq.mon_id 
_entity_poly_seq.hetero 
1 1  ACE n 
1 2  SER n 
1 3  SER n 
1 4  ASP n 
1 5  PRO n 
1 6  LEU n 
1 7  VAL n 
1 8  VAL n 
1 9  ALA n 
1 10 ALA n 
1 11 SER n 
1 12 ILE n 
1 13 ILE n 
1 14 GLY n 
1 15 ILE n 
1 16 LEU n 
1 17 HIS n 
1 18 LEU n 
1 19 ILE n 
1 20 LEU n 
1 21 TRP n 
1 22 ILE n 
1 23 LEU n 
1 24 ASP n 
1 25 ARG n 
1 26 LEU n 
1 27 NH2 n 
# 
_pdbx_entity_src_syn.entity_id              1 
_pdbx_entity_src_syn.pdbx_src_id            1 
_pdbx_entity_src_syn.pdbx_alt_source_flag   sample 
_pdbx_entity_src_syn.pdbx_beg_seq_num       ? 
_pdbx_entity_src_syn.pdbx_end_seq_num       ? 
_pdbx_entity_src_syn.organism_scientific    'Influenza A virus' 
_pdbx_entity_src_syn.organism_common_name   ? 
_pdbx_entity_src_syn.ncbi_taxonomy_id       385599 
_pdbx_entity_src_syn.details                
;This sequence is found in the influenza A virus (strain A/Udorn/307/1972 H3N2) and was manually synthesized using Fmoc chemistry. N- and C-terminal modifications are present.
;
# 
loop_
_chem_comp.id 
_chem_comp.type 
_chem_comp.mon_nstd_flag 
_chem_comp.name 
_chem_comp.pdbx_synonyms 
_chem_comp.formula 
_chem_comp.formula_weight 
ACE non-polymer         . 'ACETYL GROUP'                                   ?                 'C2 H4 O'        44.053  
ALA 'L-peptide linking' y ALANINE                                          ?                 'C3 H7 N O2'     89.093  
ARG 'L-peptide linking' y ARGININE                                         ?                 'C6 H15 N4 O2 1' 175.209 
ASP 'L-peptide linking' y 'ASPARTIC ACID'                                  ?                 'C4 H7 N O4'     133.103 
CA  non-polymer         . 'CALCIUM ION'                                    ?                 'Ca 2'           40.078  
CL  non-polymer         . 'CHLORIDE ION'                                   ?                 'Cl -1'          35.453  
EDO non-polymer         . 1,2-ETHANEDIOL                                   'ETHYLENE GLYCOL' 'C2 H6 O2'       62.068  
GLY 'peptide linking'   y GLYCINE                                          ?                 'C2 H5 N O2'     75.067  
HIS 'L-peptide linking' y HISTIDINE                                        ?                 'C6 H10 N3 O2 1' 156.162 
HOH non-polymer         . WATER                                            ?                 'H2 O'           18.015  
ILE 'L-peptide linking' y ISOLEUCINE                                       ?                 'C6 H13 N O2'    131.173 
LEU 'L-peptide linking' y LEUCINE                                          ?                 'C6 H13 N O2'    131.173 
NH2 non-polymer         . 'AMINO GROUP'                                    ?                 'H2 N'           16.023  
OLB non-polymer         . '(2S)-2,3-dihydroxypropyl (9Z)-octadec-9-enoate' ?                 'C21 H40 O4'     356.540 
PRO 'L-peptide linking' y PROLINE                                          ?                 'C5 H9 N O2'     115.130 
SER 'L-peptide linking' y SERINE                                           ?                 'C3 H7 N O3'     105.093 
TRP 'L-peptide linking' y TRYPTOPHAN                                       ?                 'C11 H12 N2 O2'  204.225 
VAL 'L-peptide linking' y VALINE                                           ?                 'C5 H11 N O2'    117.146 
# 
loop_
_pdbx_poly_seq_scheme.asym_id 
_pdbx_poly_seq_scheme.entity_id 
_pdbx_poly_seq_scheme.seq_id 
_pdbx_poly_seq_scheme.mon_id 
_pdbx_poly_seq_scheme.ndb_seq_num 
_pdbx_poly_seq_scheme.pdb_seq_num 
_pdbx_poly_seq_scheme.auth_seq_num 
_pdbx_poly_seq_scheme.pdb_mon_id 
_pdbx_poly_seq_scheme.auth_mon_id 
_pdbx_poly_seq_scheme.pdb_strand_id 
_pdbx_poly_seq_scheme.pdb_ins_code 
_pdbx_poly_seq_scheme.hetero 
A 1 1  ACE 1  21 21 ACE ACE A . n 
A 1 2  SER 2  22 22 SER SER A . n 
A 1 3  SER 3  23 23 SER SER A . n 
A 1 4  ASP 4  24 24 ASP ASP A . n 
A 1 5  PRO 5  25 25 PRO PRO A . n 
A 1 6  LEU 6  26 26 LEU LEU A . n 
A 1 7  VAL 7  27 27 VAL VAL A . n 
A 1 8  VAL 8  28 28 VAL VAL A . n 
A 1 9  ALA 9  29 29 ALA ALA A . n 
A 1 10 ALA 10 30 30 ALA ALA A . n 
A 1 11 SER 11 31 31 SER SER A . n 
A 1 12 ILE 12 32 32 ILE ILE A . n 
A 1 13 ILE 13 33 33 ILE ILE A . n 
A 1 14 GLY 14 34 34 GLY GLY A . n 
A 1 15 ILE 15 35 35 ILE ILE A . n 
A 1 16 LEU 16 36 36 LEU LEU A . n 
A 1 17 HIS 17 37 37 HIS HIS A . n 
A 1 18 LEU 18 38 38 LEU LEU A . n 
A 1 19 ILE 19 39 39 ILE ILE A . n 
A 1 20 LEU 20 40 40 LEU LEU A . n 
A 1 21 TRP 21 41 41 TRP TRP A . n 
A 1 22 ILE 22 42 42 ILE ILE A . n 
A 1 23 LEU 23 43 43 LEU LEU A . n 
A 1 24 ASP 24 44 44 ASP ASP A . n 
A 1 25 ARG 25 45 45 ARG ARG A . n 
A 1 26 LEU 26 46 46 LEU LEU A . n 
A 1 27 NH2 27 47 47 NH2 NH2 A . n 
# 
loop_
_pdbx_nonpoly_scheme.asym_id 
_pdbx_nonpoly_scheme.entity_id 
_pdbx_nonpoly_scheme.mon_id 
_pdbx_nonpoly_scheme.ndb_seq_num 
_pdbx_nonpoly_scheme.pdb_seq_num 
_pdbx_nonpoly_scheme.auth_seq_num 
_pdbx_nonpoly_scheme.pdb_mon_id 
_pdbx_nonpoly_scheme.auth_mon_id 
_pdbx_nonpoly_scheme.pdb_strand_id 
_pdbx_nonpoly_scheme.pdb_ins_code 
B 2 CA  1  101 1  CA  CA  A . 
C 3 CL  1  102 1  CL  CL  A . 
D 2 CA  1  103 1  CA  CA  A . 
E 4 EDO 1  104 1  EDO EDO A . 
F 5 OLB 1  105 1  OLB OLB A . 
G 5 OLB 1  106 1  OLB OLB A . 
H 6 HOH 1  201 1  HOH HOH A . 
H 6 HOH 2  202 2  HOH HOH A . 
H 6 HOH 3  203 3  HOH HOH A . 
H 6 HOH 4  204 4  HOH HOH A . 
H 6 HOH 5  205 5  HOH HOH A . 
H 6 HOH 6  206 6  HOH HOH A . 
H 6 HOH 7  207 7  HOH HOH A . 
H 6 HOH 8  208 8  HOH HOH A . 
H 6 HOH 9  209 9  HOH HOH A . 
H 6 HOH 10 210 10 HOH HOH A . 
H 6 HOH 11 211 11 HOH HOH A . 
H 6 HOH 12 212 12 HOH HOH A . 
H 6 HOH 13 213 13 HOH HOH A . 
H 6 HOH 14 214 14 HOH HOH A . 
H 6 HOH 15 215 15 HOH HOH A . 
H 6 HOH 16 216 16 HOH HOH A . 
H 6 HOH 17 217 17 HOH HOH A . 
H 6 HOH 18 218 18 HOH HOH A . 
H 6 HOH 19 219 19 HOH HOH A . 
H 6 HOH 20 220 20 HOH HOH A . 
H 6 HOH 21 221 21 HOH HOH A . 
H 6 HOH 22 222 22 HOH HOH A . 
H 6 HOH 23 223 23 HOH HOH A . 
H 6 HOH 24 224 24 HOH HOH A . 
H 6 HOH 25 225 25 HOH HOH A . 
H 6 HOH 26 226 26 HOH HOH A . 
H 6 HOH 27 227 27 HOH HOH A . 
H 6 HOH 28 228 28 HOH HOH A . 
H 6 HOH 29 229 29 HOH HOH A . 
H 6 HOH 30 230 30 HOH HOH A . 
H 6 HOH 31 231 31 HOH HOH A . 
H 6 HOH 32 232 32 HOH HOH A . 
H 6 HOH 33 233 33 HOH HOH A . 
H 6 HOH 34 234 34 HOH HOH A . 
H 6 HOH 35 235 35 HOH HOH A . 
H 6 HOH 36 236 36 HOH HOH A . 
H 6 HOH 37 237 37 HOH HOH A . 
H 6 HOH 38 238 38 HOH HOH A . 
H 6 HOH 39 239 39 HOH HOH A . 
H 6 HOH 40 240 40 HOH HOH A . 
H 6 HOH 41 241 41 HOH HOH A . 
H 6 HOH 42 242 42 HOH HOH A . 
# 
loop_
_software.name 
_software.classification 
_software.version 
_software.citation_id 
_software.pdbx_ordinal 
Blu-Ice 'data collection' .                             ? 1 
PHASER  phasing           .                             ? 2 
PHENIX  refinement        '(phenix.refine: 1.8.4_1496)' ? 3 
MOSFLM  'data reduction'  .                             ? 4 
Aimless 'data scaling'    .                             ? 5 
# 
_cell.entry_id           4QKC 
_cell.length_a           29.310 
_cell.length_b           29.310 
_cell.length_c           67.310 
_cell.angle_alpha        90.00 
_cell.angle_beta         90.00 
_cell.angle_gamma        90.00 
_cell.Z_PDB              8 
_cell.pdbx_unique_axis   ? 
_cell.length_a_esd       ? 
_cell.length_b_esd       ? 
_cell.length_c_esd       ? 
_cell.angle_alpha_esd    ? 
_cell.angle_beta_esd     ? 
_cell.angle_gamma_esd    ? 
# 
_symmetry.entry_id                         4QKC 
_symmetry.space_group_name_H-M             'I 4' 
_symmetry.pdbx_full_space_group_name_H-M   ? 
_symmetry.cell_setting                     ? 
_symmetry.Int_Tables_number                79 
_symmetry.space_group_name_Hall            ? 
# 
_exptl.entry_id          4QKC 
_exptl.method            'X-RAY DIFFRACTION' 
_exptl.crystals_number   1 
# 
_exptl_crystal.id                    1 
_exptl_crystal.density_meas          ? 
_exptl_crystal.density_Matthews      2.62 
_exptl_crystal.density_percent_sol   53.13 
_exptl_crystal.description           ? 
_exptl_crystal.F_000                 ? 
_exptl_crystal.preparation           ? 
# 
_exptl_crystal_grow.crystal_id      1 
_exptl_crystal_grow.method          'LCP sandwich plates' 
_exptl_crystal_grow.temp            283 
_exptl_crystal_grow.temp_details    ? 
_exptl_crystal_grow.pH              5.5 
_exptl_crystal_grow.pdbx_pH_range   ? 
_exptl_crystal_grow.pdbx_details    
;1.8 M calcium chloride, 0.9 M MES pH 5.5, 39.6% v/v PEG 400, 5% v/v Jeffamine M-600 pH 7.0 additive, LCP sandwich plates, temperature 283K
;
# 
_diffrn.id                     1 
_diffrn.ambient_temp           100 
_diffrn.ambient_temp_details   ? 
_diffrn.crystal_id             1 
# 
_diffrn_detector.diffrn_id              1 
_diffrn_detector.detector               CCD 
_diffrn_detector.type                   'ADSC QUANTUM 315r' 
_diffrn_detector.pdbx_collection_date   2013-07-11 
_diffrn_detector.details                ? 
# 
_diffrn_radiation.diffrn_id                        1 
_diffrn_radiation.wavelength_id                    1 
_diffrn_radiation.pdbx_monochromatic_or_laue_m_l   M 
_diffrn_radiation.monochromator                    'Double flat crystal, Si(111)' 
_diffrn_radiation.pdbx_diffrn_protocol             'SINGLE WAVELENGTH' 
_diffrn_radiation.pdbx_scattering_type             x-ray 
# 
_diffrn_radiation_wavelength.id           1 
_diffrn_radiation_wavelength.wavelength   0.953724 
_diffrn_radiation_wavelength.wt           1.0 
# 
_diffrn_source.diffrn_id                   1 
_diffrn_source.source                      SYNCHROTRON 
_diffrn_source.type                        'ALS BEAMLINE 8.3.1' 
_diffrn_source.pdbx_synchrotron_site       ALS 
_diffrn_source.pdbx_synchrotron_beamline   8.3.1 
_diffrn_source.pdbx_wavelength             ? 
_diffrn_source.pdbx_wavelength_list        0.953724 
# 
_reflns.pdbx_diffrn_id               1 
_reflns.pdbx_ordinal                 1 
_reflns.entry_id                     4QKC 
_reflns.observed_criterion_sigma_I   3.0 
_reflns.observed_criterion_sigma_F   3.0 
_reflns.d_resolution_low             20.730 
_reflns.d_resolution_high            1.100 
_reflns.number_obs                   11596 
_reflns.number_all                   11654 
_reflns.percent_possible_obs         99.500 
_reflns.pdbx_Rmerge_I_obs            0.050 
_reflns.pdbx_Rsym_value              ? 
_reflns.pdbx_netI_over_sigmaI        17.300 
_reflns.B_iso_Wilson_estimate        9.150 
_reflns.pdbx_redundancy              6.700 
_reflns.R_free_details               ? 
_reflns.limit_h_max                  ? 
_reflns.limit_h_min                  ? 
_reflns.limit_k_max                  ? 
_reflns.limit_k_min                  ? 
_reflns.limit_l_max                  ? 
_reflns.limit_l_min                  ? 
_reflns.observed_criterion_F_max     ? 
_reflns.observed_criterion_F_min     ? 
_reflns.pdbx_chi_squared             ? 
_reflns.pdbx_scaling_rejects         ? 
# 
_reflns_shell.pdbx_diffrn_id         1 
_reflns_shell.pdbx_ordinal           1 
_reflns_shell.d_res_high             1.100 
_reflns_shell.d_res_low              1.110 
_reflns_shell.percent_possible_all   100.000 
_reflns_shell.Rmerge_I_obs           0.544 
_reflns_shell.pdbx_Rsym_value        ? 
_reflns_shell.meanI_over_sigI_obs    3.000 
_reflns_shell.pdbx_redundancy        6.300 
_reflns_shell.percent_possible_obs   ? 
_reflns_shell.number_unique_all      ? 
_reflns_shell.number_measured_all    ? 
_reflns_shell.number_measured_obs    ? 
_reflns_shell.number_unique_obs      ? 
_reflns_shell.pdbx_chi_squared       ? 
# 
_refine.pdbx_refine_id                           'X-RAY DIFFRACTION' 
_refine.entry_id                                 4QKC 
_refine.pdbx_diffrn_id                           1 
_refine.pdbx_TLS_residual_ADP_flag               ? 
_refine.ls_number_reflns_obs                     11453 
_refine.ls_number_reflns_all                     11654 
_refine.pdbx_ls_sigma_I                          ? 
_refine.pdbx_ls_sigma_F                          1.34 
_refine.pdbx_data_cutoff_high_absF               ? 
_refine.pdbx_data_cutoff_low_absF                ? 
_refine.pdbx_data_cutoff_high_rms_absF           ? 
_refine.ls_d_res_low                             13.064 
_refine.ls_d_res_high                            1.100 
_refine.ls_percent_reflns_obs                    99.37 
_refine.ls_R_factor_obs                          0.1097 
_refine.ls_R_factor_all                          ? 
_refine.ls_R_factor_R_work                       0.1077 
_refine.ls_R_factor_R_free                       0.1276 
_refine.ls_R_factor_R_free_error                 ? 
_refine.ls_R_factor_R_free_error_details         ? 
_refine.ls_percent_reflns_R_free                 10.10 
_refine.ls_number_reflns_R_free                  1157 
_refine.ls_number_parameters                     ? 
_refine.ls_number_restraints                     ? 
_refine.occupancy_min                            ? 
_refine.occupancy_max                            ? 
_refine.correlation_coeff_Fo_to_Fc               ? 
_refine.correlation_coeff_Fo_to_Fc_free          ? 
_refine.B_iso_mean                               ? 
_refine.aniso_B[1][1]                            ? 
_refine.aniso_B[2][2]                            ? 
_refine.aniso_B[3][3]                            ? 
_refine.aniso_B[1][2]                            ? 
_refine.aniso_B[1][3]                            ? 
_refine.aniso_B[2][3]                            ? 
_refine.solvent_model_details                    'FLAT BULK SOLVENT MODEL' 
_refine.solvent_model_param_ksol                 ? 
_refine.solvent_model_param_bsol                 ? 
_refine.pdbx_solvent_vdw_probe_radii             1.11 
_refine.pdbx_solvent_ion_probe_radii             ? 
_refine.pdbx_solvent_shrinkage_radii             0.90 
_refine.pdbx_ls_cross_valid_method               ? 
_refine.details                                  ? 
_refine.pdbx_starting_model                      'chain A of 3C9J' 
_refine.pdbx_method_to_determine_struct          'MOLECULAR REPLACEMENT' 
_refine.pdbx_isotropic_thermal_model             ? 
_refine.pdbx_stereochemistry_target_values       ML 
_refine.pdbx_stereochem_target_val_spec_case     ? 
_refine.pdbx_R_Free_selection_details            ? 
_refine.pdbx_overall_ESU_R                       ? 
_refine.pdbx_overall_ESU_R_Free                  ? 
_refine.overall_SU_ML                            0.08 
_refine.pdbx_overall_phase_error                 12.60 
_refine.overall_SU_B                             ? 
_refine.overall_SU_R_Cruickshank_DPI             ? 
_refine.pdbx_overall_SU_R_free_Cruickshank_DPI   ? 
_refine.pdbx_overall_SU_R_Blow_DPI               ? 
_refine.pdbx_overall_SU_R_free_Blow_DPI          ? 
_refine.ls_redundancy_reflns_obs                 ? 
_refine.B_iso_min                                ? 
_refine.B_iso_max                                ? 
_refine.overall_SU_R_free                        ? 
_refine.ls_wR_factor_R_free                      ? 
_refine.ls_wR_factor_R_work                      ? 
_refine.overall_FOM_free_R_set                   ? 
_refine.overall_FOM_work_R_set                   ? 
# 
_refine_hist.pdbx_refine_id                   'X-RAY DIFFRACTION' 
_refine_hist.cycle_id                         LAST 
_refine_hist.pdbx_number_atoms_protein        196 
_refine_hist.pdbx_number_atoms_nucleic_acid   0 
_refine_hist.pdbx_number_atoms_ligand         57 
_refine_hist.number_atoms_solvent             42 
_refine_hist.number_atoms_total               295 
_refine_hist.d_res_high                       1.100 
_refine_hist.d_res_low                        13.064 
# 
loop_
_refine_ls_restr.type 
_refine_ls_restr.dev_ideal 
_refine_ls_restr.dev_ideal_target 
_refine_ls_restr.weight 
_refine_ls_restr.number 
_refine_ls_restr.pdbx_refine_id 
_refine_ls_restr.pdbx_restraint_function 
f_bond_d           0.043  ? ? 421 'X-RAY DIFFRACTION' ? 
f_angle_d          1.054  ? ? 564 'X-RAY DIFFRACTION' ? 
f_dihedral_angle_d 17.463 ? ? 175 'X-RAY DIFFRACTION' ? 
f_chiral_restr     0.052  ? ? 77  'X-RAY DIFFRACTION' ? 
f_plane_restr      0.008  ? ? 58  'X-RAY DIFFRACTION' ? 
# 
loop_
_refine_ls_shell.pdbx_refine_id 
_refine_ls_shell.pdbx_total_number_of_bins_used 
_refine_ls_shell.d_res_high 
_refine_ls_shell.d_res_low 
_refine_ls_shell.number_reflns_R_work 
_refine_ls_shell.R_factor_R_work 
_refine_ls_shell.percent_reflns_obs 
_refine_ls_shell.R_factor_R_free 
_refine_ls_shell.R_factor_R_free_error 
_refine_ls_shell.percent_reflns_R_free 
_refine_ls_shell.number_reflns_R_free 
_refine_ls_shell.number_reflns_all 
_refine_ls_shell.R_factor_all 
_refine_ls_shell.redundancy_reflns_obs 
_refine_ls_shell.number_reflns_obs 
'X-RAY DIFFRACTION' . 1.1001 1.1501  1273 0.1560 99.00  0.1889 . . 144 . . . . 
'X-RAY DIFFRACTION' . 1.1501 1.2107  1279 0.1119 99.00  0.1254 . . 145 . . . . 
'X-RAY DIFFRACTION' . 1.2107 1.2865  1299 0.0937 100.00 0.1114 . . 145 . . . . 
'X-RAY DIFFRACTION' . 1.2865 1.3857  1295 0.0927 100.00 0.1224 . . 144 . . . . 
'X-RAY DIFFRACTION' . 1.3857 1.5250  1283 0.0810 100.00 0.1229 . . 142 . . . . 
'X-RAY DIFFRACTION' . 1.5250 1.7452  1297 0.0865 100.00 0.1039 . . 148 . . . . 
'X-RAY DIFFRACTION' . 1.7452 2.1971  1303 0.1015 100.00 0.1082 . . 148 . . . . 
'X-RAY DIFFRACTION' . 2.1971 13.0646 1267 0.1241 97.00  0.1443 . . 141 . . . . 
# 
_struct.entry_id                  4QKC 
_struct.title                     
'Influenza A M2 wild type TM domain at low pH in the lipidic cubic phase under cryo diffraction conditions' 
_struct.pdbx_model_details        ? 
_struct.pdbx_CASP_flag            ? 
_struct.pdbx_model_type_details   ? 
# 
_struct_keywords.entry_id        4QKC 
_struct_keywords.pdbx_keywords   'VIRAL PROTEIN' 
_struct_keywords.text            'transmembrane alpha helix, pH-activated proton channel, VIRAL PROTEIN' 
# 
loop_
_struct_asym.id 
_struct_asym.pdbx_blank_PDB_chainid_flag 
_struct_asym.pdbx_modified 
_struct_asym.entity_id 
_struct_asym.details 
A N N 1 ? 
B N N 2 ? 
C N N 3 ? 
D N N 2 ? 
E N N 4 ? 
F N N 5 ? 
G N N 5 ? 
H N N 6 ? 
# 
_struct_ref.id                         1 
_struct_ref.db_name                    UNP 
_struct_ref.db_code                    W8PGZ1_9INFA 
_struct_ref.pdbx_db_accession          W8PGZ1 
_struct_ref.entity_id                  1 
_struct_ref.pdbx_seq_one_letter_code   SSDPLVVAASIIGILHLILWILDRL 
_struct_ref.pdbx_align_begin           22 
_struct_ref.pdbx_db_isoform            ? 
# 
_struct_ref_seq.align_id                      1 
_struct_ref_seq.ref_id                        1 
_struct_ref_seq.pdbx_PDB_id_code              4QKC 
_struct_ref_seq.pdbx_strand_id                A 
_struct_ref_seq.seq_align_beg                 2 
_struct_ref_seq.pdbx_seq_align_beg_ins_code   ? 
_struct_ref_seq.seq_align_end                 26 
_struct_ref_seq.pdbx_seq_align_end_ins_code   ? 
_struct_ref_seq.pdbx_db_accession             W8PGZ1 
_struct_ref_seq.db_align_beg                  22 
_struct_ref_seq.pdbx_db_align_beg_ins_code    ? 
_struct_ref_seq.db_align_end                  46 
_struct_ref_seq.pdbx_db_align_end_ins_code    ? 
_struct_ref_seq.pdbx_auth_seq_align_beg       22 
_struct_ref_seq.pdbx_auth_seq_align_end       46 
# 
loop_
_struct_ref_seq_dif.align_id 
_struct_ref_seq_dif.pdbx_pdb_id_code 
_struct_ref_seq_dif.mon_id 
_struct_ref_seq_dif.pdbx_pdb_strand_id 
_struct_ref_seq_dif.seq_num 
_struct_ref_seq_dif.pdbx_pdb_ins_code 
_struct_ref_seq_dif.pdbx_seq_db_name 
_struct_ref_seq_dif.pdbx_seq_db_accession_code 
_struct_ref_seq_dif.db_mon_id 
_struct_ref_seq_dif.pdbx_seq_db_seq_num 
_struct_ref_seq_dif.details 
_struct_ref_seq_dif.pdbx_auth_seq_num 
_struct_ref_seq_dif.pdbx_ordinal 
1 4QKC ACE A 1  ? UNP W8PGZ1 ? ? acetylation 21 1 
1 4QKC NH2 A 27 ? UNP W8PGZ1 ? ? amidation   47 2 
# 
_pdbx_struct_assembly.id                   1 
_pdbx_struct_assembly.details              author_and_software_defined_assembly 
_pdbx_struct_assembly.method_details       PISA 
_pdbx_struct_assembly.oligomeric_details   tetrameric 
_pdbx_struct_assembly.oligomeric_count     4 
# 
loop_
_pdbx_struct_assembly_prop.biol_id 
_pdbx_struct_assembly_prop.type 
_pdbx_struct_assembly_prop.value 
_pdbx_struct_assembly_prop.details 
1 'ABSA (A^2)' 7180 ? 
1 MORE         -240 ? 
1 'SSA (A^2)'  6510 ? 
# 
_pdbx_struct_assembly_gen.assembly_id       1 
_pdbx_struct_assembly_gen.oper_expression   1,2,3,4 
_pdbx_struct_assembly_gen.asym_id_list      A,B,C,D,E,F,G,H 
# 
loop_
_pdbx_struct_oper_list.id 
_pdbx_struct_oper_list.type 
_pdbx_struct_oper_list.name 
_pdbx_struct_oper_list.symmetry_operation 
_pdbx_struct_oper_list.matrix[1][1] 
_pdbx_struct_oper_list.matrix[1][2] 
_pdbx_struct_oper_list.matrix[1][3] 
_pdbx_struct_oper_list.vector[1] 
_pdbx_struct_oper_list.matrix[2][1] 
_pdbx_struct_oper_list.matrix[2][2] 
_pdbx_struct_oper_list.matrix[2][3] 
_pdbx_struct_oper_list.vector[2] 
_pdbx_struct_oper_list.matrix[3][1] 
_pdbx_struct_oper_list.matrix[3][2] 
_pdbx_struct_oper_list.matrix[3][3] 
_pdbx_struct_oper_list.vector[3] 
1 'identity operation'         1_555 x,y,z       1.0000000000 0.0000000000  0.0000000000  0.0000000000  0.0000000000  1.0000000000  0.0000000000  0.0000000000   0.0000000000  0.0000000000  1.0000000000  0.0000000000   
2 'crystal symmetry operation' 2_645 -x+1,-y-1,z 0.7680013137 0.0215421811  -0.6400858665 -3.7846654418 0.0215421811  -0.9997375197 -0.0077991150 -11.4887070651 -0.6400858665 -0.0077991150 -0.7682637941 -10.8403975842 
3 'crystal symmetry operation' 3_545 -y,x-1,z    0.8840006569 0.3511651313  -0.3085869233 0.1251048408  -0.3296229502 0.0001312402  -0.9441126487 -11.4846341751 -0.3314989432 0.9363135337  0.1158681030  -0.0409609828  
4 'crystal symmetry operation' 4_655 y+1,-x,z    0.8840006569 -0.3296229502 -0.3314989432 -3.9097702827 0.3511651313  0.0001312402  0.9363135337  -0.0040728900  -0.3085869233 -0.9441126487 0.1158681030  -10.7994366014 
# 
_struct_biol.id        1 
_struct_biol.details   ? 
# 
_struct_conf.conf_type_id            HELX_P 
_struct_conf.id                      HELX_P1 
_struct_conf.pdbx_PDB_helix_id       1 
_struct_conf.beg_label_comp_id       ASP 
_struct_conf.beg_label_asym_id       A 
_struct_conf.beg_label_seq_id        4 
_struct_conf.pdbx_beg_PDB_ins_code   ? 
_struct_conf.end_label_comp_id       LEU 
_struct_conf.end_label_asym_id       A 
_struct_conf.end_label_seq_id        26 
_struct_conf.pdbx_end_PDB_ins_code   ? 
_struct_conf.beg_auth_comp_id        ASP 
_struct_conf.beg_auth_asym_id        A 
_struct_conf.beg_auth_seq_id         24 
_struct_conf.end_auth_comp_id        LEU 
_struct_conf.end_auth_asym_id        A 
_struct_conf.end_auth_seq_id         46 
_struct_conf.pdbx_PDB_helix_class    1 
_struct_conf.details                 ? 
_struct_conf.pdbx_PDB_helix_length   23 
# 
_struct_conf_type.id          HELX_P 
_struct_conf_type.criteria    ? 
_struct_conf_type.reference   ? 
# 
loop_
_struct_conn.id 
_struct_conn.conn_type_id 
_struct_conn.pdbx_leaving_atom_flag 
_struct_conn.pdbx_PDB_id 
_struct_conn.ptnr1_label_asym_id 
_struct_conn.ptnr1_label_comp_id 
_struct_conn.ptnr1_label_seq_id 
_struct_conn.ptnr1_label_atom_id 
_struct_conn.pdbx_ptnr1_label_alt_id 
_struct_conn.pdbx_ptnr1_PDB_ins_code 
_struct_conn.pdbx_ptnr1_standard_comp_id 
_struct_conn.ptnr1_symmetry 
_struct_conn.ptnr2_label_asym_id 
_struct_conn.ptnr2_label_comp_id 
_struct_conn.ptnr2_label_seq_id 
_struct_conn.ptnr2_label_atom_id 
_struct_conn.pdbx_ptnr2_label_alt_id 
_struct_conn.pdbx_ptnr2_PDB_ins_code 
_struct_conn.ptnr1_auth_asym_id 
_struct_conn.ptnr1_auth_comp_id 
_struct_conn.ptnr1_auth_seq_id 
_struct_conn.ptnr2_auth_asym_id 
_struct_conn.ptnr2_auth_comp_id 
_struct_conn.ptnr2_auth_seq_id 
_struct_conn.ptnr2_symmetry 
_struct_conn.pdbx_ptnr3_label_atom_id 
_struct_conn.pdbx_ptnr3_label_seq_id 
_struct_conn.pdbx_ptnr3_label_comp_id 
_struct_conn.pdbx_ptnr3_label_asym_id 
_struct_conn.pdbx_ptnr3_label_alt_id 
_struct_conn.pdbx_ptnr3_PDB_ins_code 
_struct_conn.details 
_struct_conn.pdbx_dist_value 
_struct_conn.pdbx_value_order 
_struct_conn.pdbx_role 
covale1 covale both ? A ACE 1  C   ? ? ? 1_555 A SER 2  N   ? ? A ACE 21  A SER 22  1_555 ? ? ? ? ? ? ? 1.346 ? ? 
covale2 covale both ? A LEU 26 C   A ? ? 1_555 A NH2 27 N   A ? A LEU 46  A NH2 47  1_555 ? ? ? ? ? ? ? 1.327 ? ? 
covale3 covale both ? A LEU 26 C   B ? ? 1_555 A NH2 27 N   B ? A LEU 46  A NH2 47  1_555 ? ? ? ? ? ? ? 1.314 ? ? 
metalc1 metalc ?    ? A SER 2  O   ? ? ? 1_555 B CA  .  CA  ? ? A SER 22  A CA  101 1_555 ? ? ? ? ? ? ? 2.387 ? ? 
metalc2 metalc ?    ? A ASP 4  OD1 ? ? ? 1_555 D CA  .  CA  ? ? A ASP 24  A CA  103 1_555 ? ? ? ? ? ? ? 2.400 ? ? 
metalc3 metalc ?    ? B CA  .  CA  ? ? ? 1_555 H HOH .  O   A ? A CA  101 A HOH 201 1_555 ? ? ? ? ? ? ? 2.395 ? ? 
metalc4 metalc ?    ? B CA  .  CA  ? ? ? 1_555 H HOH .  O   B ? A CA  101 A HOH 242 1_555 ? ? ? ? ? ? ? 2.225 ? ? 
metalc5 metalc ?    ? D CA  .  CA  ? ? ? 1_555 F OLB .  O23 ? ? A CA  103 A OLB 105 1_555 ? ? ? ? ? ? ? 2.410 ? ? 
metalc6 metalc ?    ? D CA  .  CA  ? ? ? 1_555 H HOH .  O   ? ? A CA  103 A HOH 211 1_555 ? ? ? ? ? ? ? 2.492 ? ? 
metalc7 metalc ?    ? D CA  .  CA  ? ? ? 1_555 H HOH .  O   ? ? A CA  103 A HOH 212 1_555 ? ? ? ? ? ? ? 2.440 ? ? 
metalc8 metalc ?    ? D CA  .  CA  ? ? ? 1_555 H HOH .  O   ? ? A CA  103 A HOH 220 1_555 ? ? ? ? ? ? ? 2.383 ? ? 
# 
loop_
_struct_conn_type.id 
_struct_conn_type.criteria 
_struct_conn_type.reference 
covale ? ? 
metalc ? ? 
# 
loop_
_pdbx_struct_conn_angle.id 
_pdbx_struct_conn_angle.ptnr1_label_atom_id 
_pdbx_struct_conn_angle.ptnr1_label_alt_id 
_pdbx_struct_conn_angle.ptnr1_label_asym_id 
_pdbx_struct_conn_angle.ptnr1_label_comp_id 
_pdbx_struct_conn_angle.ptnr1_label_seq_id 
_pdbx_struct_conn_angle.ptnr1_auth_atom_id 
_pdbx_struct_conn_angle.ptnr1_auth_asym_id 
_pdbx_struct_conn_angle.ptnr1_auth_comp_id 
_pdbx_struct_conn_angle.ptnr1_auth_seq_id 
_pdbx_struct_conn_angle.ptnr1_PDB_ins_code 
_pdbx_struct_conn_angle.ptnr1_symmetry 
_pdbx_struct_conn_angle.ptnr2_label_atom_id 
_pdbx_struct_conn_angle.ptnr2_label_alt_id 
_pdbx_struct_conn_angle.ptnr2_label_asym_id 
_pdbx_struct_conn_angle.ptnr2_label_comp_id 
_pdbx_struct_conn_angle.ptnr2_label_seq_id 
_pdbx_struct_conn_angle.ptnr2_auth_atom_id 
_pdbx_struct_conn_angle.ptnr2_auth_asym_id 
_pdbx_struct_conn_angle.ptnr2_auth_comp_id 
_pdbx_struct_conn_angle.ptnr2_auth_seq_id 
_pdbx_struct_conn_angle.ptnr2_PDB_ins_code 
_pdbx_struct_conn_angle.ptnr2_symmetry 
_pdbx_struct_conn_angle.ptnr3_label_atom_id 
_pdbx_struct_conn_angle.ptnr3_label_alt_id 
_pdbx_struct_conn_angle.ptnr3_label_asym_id 
_pdbx_struct_conn_angle.ptnr3_label_comp_id 
_pdbx_struct_conn_angle.ptnr3_label_seq_id 
_pdbx_struct_conn_angle.ptnr3_auth_atom_id 
_pdbx_struct_conn_angle.ptnr3_auth_asym_id 
_pdbx_struct_conn_angle.ptnr3_auth_comp_id 
_pdbx_struct_conn_angle.ptnr3_auth_seq_id 
_pdbx_struct_conn_angle.ptnr3_PDB_ins_code 
_pdbx_struct_conn_angle.ptnr3_symmetry 
_pdbx_struct_conn_angle.value 
_pdbx_struct_conn_angle.value_esd 
1  O   ? A SER 2 ? A SER 22  ? 1_555 CA ? B CA . ? A CA 101 ? 1_555 O   A H HOH . ? A HOH 201 ? 1_555 80.2  ? 
2  O   ? A SER 2 ? A SER 22  ? 1_555 CA ? B CA . ? A CA 101 ? 1_555 O   B H HOH . ? A HOH 242 ? 1_555 79.0  ? 
3  O   A H HOH . ? A HOH 201 ? 1_555 CA ? B CA . ? A CA 101 ? 1_555 O   B H HOH . ? A HOH 242 ? 1_555 12.9  ? 
4  OD1 ? A ASP 4 ? A ASP 24  ? 1_555 CA ? D CA . ? A CA 103 ? 1_555 O23 ? F OLB . ? A OLB 105 ? 1_555 79.7  ? 
5  OD1 ? A ASP 4 ? A ASP 24  ? 1_555 CA ? D CA . ? A CA 103 ? 1_555 O   ? H HOH . ? A HOH 211 ? 1_555 75.0  ? 
6  O23 ? F OLB . ? A OLB 105 ? 1_555 CA ? D CA . ? A CA 103 ? 1_555 O   ? H HOH . ? A HOH 211 ? 1_555 70.8  ? 
7  OD1 ? A ASP 4 ? A ASP 24  ? 1_555 CA ? D CA . ? A CA 103 ? 1_555 O   ? H HOH . ? A HOH 212 ? 1_555 80.1  ? 
8  O23 ? F OLB . ? A OLB 105 ? 1_555 CA ? D CA . ? A CA 103 ? 1_555 O   ? H HOH . ? A HOH 212 ? 1_555 141.5 ? 
9  O   ? H HOH . ? A HOH 211 ? 1_555 CA ? D CA . ? A CA 103 ? 1_555 O   ? H HOH . ? A HOH 212 ? 1_555 72.5  ? 
10 OD1 ? A ASP 4 ? A ASP 24  ? 1_555 CA ? D CA . ? A CA 103 ? 1_555 O   ? H HOH . ? A HOH 220 ? 1_555 129.5 ? 
11 O23 ? F OLB . ? A OLB 105 ? 1_555 CA ? D CA . ? A CA 103 ? 1_555 O   ? H HOH . ? A HOH 220 ? 1_555 137.9 ? 
12 O   ? H HOH . ? A HOH 211 ? 1_555 CA ? D CA . ? A CA 103 ? 1_555 O   ? H HOH . ? A HOH 220 ? 1_555 138.3 ? 
13 O   ? H HOH . ? A HOH 212 ? 1_555 CA ? D CA . ? A CA 103 ? 1_555 O   ? H HOH . ? A HOH 220 ? 1_555 79.2  ? 
# 
loop_
_pdbx_modification_feature.ordinal 
_pdbx_modification_feature.label_comp_id 
_pdbx_modification_feature.label_asym_id 
_pdbx_modification_feature.label_seq_id 
_pdbx_modification_feature.label_alt_id 
_pdbx_modification_feature.modified_residue_label_comp_id 
_pdbx_modification_feature.modified_residue_label_asym_id 
_pdbx_modification_feature.modified_residue_label_seq_id 
_pdbx_modification_feature.modified_residue_label_alt_id 
_pdbx_modification_feature.auth_comp_id 
_pdbx_modification_feature.auth_asym_id 
_pdbx_modification_feature.auth_seq_id 
_pdbx_modification_feature.PDB_ins_code 
_pdbx_modification_feature.symmetry 
_pdbx_modification_feature.modified_residue_auth_comp_id 
_pdbx_modification_feature.modified_residue_auth_asym_id 
_pdbx_modification_feature.modified_residue_auth_seq_id 
_pdbx_modification_feature.modified_residue_PDB_ins_code 
_pdbx_modification_feature.modified_residue_symmetry 
_pdbx_modification_feature.comp_id_linking_atom 
_pdbx_modification_feature.modified_residue_id_linking_atom 
_pdbx_modification_feature.modified_residue_id 
_pdbx_modification_feature.ref_pcm_id 
_pdbx_modification_feature.ref_comp_id 
_pdbx_modification_feature.type 
_pdbx_modification_feature.category 
1 ACE A 1  ? SER A 2  ? ACE A 21 ? 1_555 SER A 22 ? 1_555 . . SER 6  ACE None 'Terminal acetylation' 
2 NH2 A 27 A LEU A 26 A NH2 A 47 ? 1_555 LEU A 46 ? 1_555 . . LEU 14 NH2 None 'Terminal amidation'   
3 NH2 A 27 B LEU A 26 B NH2 A 47 ? 1_555 LEU A 46 ? 1_555 . . LEU 14 NH2 None 'Terminal amidation'   
# 
loop_
_struct_site.id 
_struct_site.pdbx_evidence_code 
_struct_site.pdbx_auth_asym_id 
_struct_site.pdbx_auth_comp_id 
_struct_site.pdbx_auth_seq_id 
_struct_site.pdbx_auth_ins_code 
_struct_site.pdbx_num_residues 
_struct_site.details 
AC1 Software A CA  101 ? 12 'BINDING SITE FOR RESIDUE CA A 101'  
AC2 Software A CL  102 ? 4  'BINDING SITE FOR RESIDUE CL A 102'  
AC3 Software A CA  103 ? 6  'BINDING SITE FOR RESIDUE CA A 103'  
AC4 Software A EDO 104 ? 6  'BINDING SITE FOR RESIDUE EDO A 104' 
AC5 Software A OLB 105 ? 15 'BINDING SITE FOR RESIDUE OLB A 105' 
AC6 Software A OLB 106 ? 11 'BINDING SITE FOR RESIDUE OLB A 106' 
# 
loop_
_struct_site_gen.id 
_struct_site_gen.site_id 
_struct_site_gen.pdbx_num_res 
_struct_site_gen.label_comp_id 
_struct_site_gen.label_asym_id 
_struct_site_gen.label_seq_id 
_struct_site_gen.pdbx_auth_ins_code 
_struct_site_gen.auth_comp_id 
_struct_site_gen.auth_asym_id 
_struct_site_gen.auth_seq_id 
_struct_site_gen.label_atom_id 
_struct_site_gen.label_alt_id 
_struct_site_gen.symmetry 
_struct_site_gen.details 
1  AC1 12 SER A 2  ? SER A 22  . ? 1_555 ? 
2  AC1 12 SER A 2  ? SER A 22  . ? 2_645 ? 
3  AC1 12 SER A 2  ? SER A 22  . ? 3_545 ? 
4  AC1 12 SER A 2  ? SER A 22  . ? 4_655 ? 
5  AC1 12 HOH H .  ? HOH A 201 . ? 4_655 ? 
6  AC1 12 HOH H .  ? HOH A 201 . ? 2_645 ? 
7  AC1 12 HOH H .  ? HOH A 201 . ? 1_555 ? 
8  AC1 12 HOH H .  ? HOH A 201 . ? 3_545 ? 
9  AC1 12 HOH H .  ? HOH A 242 . ? 1_555 ? 
10 AC1 12 HOH H .  ? HOH A 242 . ? 3_545 ? 
11 AC1 12 HOH H .  ? HOH A 242 . ? 4_655 ? 
12 AC1 12 HOH H .  ? HOH A 242 . ? 2_645 ? 
13 AC2 4  SER A 3  ? SER A 23  . ? 1_555 ? 
14 AC2 4  SER A 3  ? SER A 23  . ? 2_645 ? 
15 AC2 4  SER A 3  ? SER A 23  . ? 3_545 ? 
16 AC2 4  SER A 3  ? SER A 23  . ? 4_655 ? 
17 AC3 6  ASP A 4  ? ASP A 24  . ? 1_555 ? 
18 AC3 6  OLB F .  ? OLB A 105 . ? 1_555 ? 
19 AC3 6  HOH H .  ? HOH A 207 . ? 3_545 ? 
20 AC3 6  HOH H .  ? HOH A 211 . ? 1_555 ? 
21 AC3 6  HOH H .  ? HOH A 212 . ? 1_555 ? 
22 AC3 6  HOH H .  ? HOH A 220 . ? 1_555 ? 
23 AC4 6  HIS A 17 ? HIS A 37  . ? 4_655 ? 
24 AC4 6  HIS A 17 ? HIS A 37  . ? 1_555 ? 
25 AC4 6  TRP A 21 ? TRP A 41  . ? 1_555 ? 
26 AC4 6  HOH H .  ? HOH A 223 . ? 1_555 ? 
27 AC4 6  HOH H .  ? HOH A 224 . ? 4_655 ? 
28 AC4 6  HOH H .  ? HOH A 227 . ? 1_555 ? 
29 AC5 15 ASP A 4  ? ASP A 24  . ? 1_555 ? 
30 AC5 15 PRO A 5  ? PRO A 25  . ? 1_555 ? 
31 AC5 15 LEU A 6  ? LEU A 26  . ? 1_555 ? 
32 AC5 15 ILE A 15 ? ILE A 35  . ? 3_545 ? 
33 AC5 15 LEU A 18 ? LEU A 38  . ? 3_545 ? 
34 AC5 15 ILE A 19 ? ILE A 39  . ? 3_545 ? 
35 AC5 15 ILE A 22 ? ILE A 42  . ? 4_555 ? 
36 AC5 15 LEU A 23 ? LEU A 43  . ? 4_555 ? 
37 AC5 15 ARG A 25 ? ARG A 45  . ? 5_444 ? 
38 AC5 15 NH2 A 27 ? NH2 A 47  . ? 6_544 ? 
39 AC5 15 CA  D .  ? CA  A 103 . ? 1_555 ? 
40 AC5 15 OLB G .  ? OLB A 106 . ? 2_545 ? 
41 AC5 15 HOH H .  ? HOH A 207 . ? 3_545 ? 
42 AC5 15 HOH H .  ? HOH A 211 . ? 1_555 ? 
43 AC5 15 HOH H .  ? HOH A 220 . ? 1_555 ? 
44 AC6 11 PRO A 5  ? PRO A 25  . ? 1_555 ? 
45 AC6 11 VAL A 8  ? VAL A 28  . ? 1_555 ? 
46 AC6 11 ALA A 9  ? ALA A 29  . ? 1_555 ? 
47 AC6 11 ILE A 13 ? ILE A 33  . ? 1_555 ? 
48 AC6 11 HIS A 17 ? HIS A 37  . ? 1_555 ? 
49 AC6 11 ILE A 19 ? ILE A 39  . ? 4_555 ? 
50 AC6 11 LEU A 20 ? LEU A 40  . ? 1_555 ? 
51 AC6 11 ARG A 25 ? ARG A 45  . ? 6_544 ? 
52 AC6 11 OLB F .  ? OLB A 105 . ? 2_545 ? 
53 AC6 11 HOH H .  ? HOH A 206 . ? 6_544 ? 
54 AC6 11 HOH H .  ? HOH A 240 . ? 4_655 ? 
# 
_pdbx_entry_details.entry_id                   4QKC 
_pdbx_entry_details.compound_details           ? 
_pdbx_entry_details.source_details             ? 
_pdbx_entry_details.nonpolymer_details         ? 
_pdbx_entry_details.sequence_details           ? 
_pdbx_entry_details.has_ligand_of_interest     ? 
_pdbx_entry_details.has_protein_modification   Y 
# 
_pdbx_validate_close_contact.id               1 
_pdbx_validate_close_contact.PDB_model_num    1 
_pdbx_validate_close_contact.auth_atom_id_1   OD1 
_pdbx_validate_close_contact.auth_asym_id_1   A 
_pdbx_validate_close_contact.auth_comp_id_1   ASP 
_pdbx_validate_close_contact.auth_seq_id_1    44 
_pdbx_validate_close_contact.PDB_ins_code_1   ? 
_pdbx_validate_close_contact.label_alt_id_1   B 
_pdbx_validate_close_contact.auth_atom_id_2   O 
_pdbx_validate_close_contact.auth_asym_id_2   A 
_pdbx_validate_close_contact.auth_comp_id_2   HOH 
_pdbx_validate_close_contact.auth_seq_id_2    222 
_pdbx_validate_close_contact.PDB_ins_code_2   ? 
_pdbx_validate_close_contact.label_alt_id_2   ? 
_pdbx_validate_close_contact.dist             2.00 
# 
_pdbx_validate_symm_contact.id                1 
_pdbx_validate_symm_contact.PDB_model_num     1 
_pdbx_validate_symm_contact.auth_atom_id_1    O25 
_pdbx_validate_symm_contact.auth_asym_id_1    A 
_pdbx_validate_symm_contact.auth_comp_id_1    OLB 
_pdbx_validate_symm_contact.auth_seq_id_1     105 
_pdbx_validate_symm_contact.PDB_ins_code_1    ? 
_pdbx_validate_symm_contact.label_alt_id_1    ? 
_pdbx_validate_symm_contact.site_symmetry_1   1_555 
_pdbx_validate_symm_contact.auth_atom_id_2    O 
_pdbx_validate_symm_contact.auth_asym_id_2    A 
_pdbx_validate_symm_contact.auth_comp_id_2    HOH 
_pdbx_validate_symm_contact.auth_seq_id_2     207 
_pdbx_validate_symm_contact.PDB_ins_code_2    ? 
_pdbx_validate_symm_contact.label_alt_id_2    ? 
_pdbx_validate_symm_contact.site_symmetry_2   3_545 
_pdbx_validate_symm_contact.dist              2.10 
# 
loop_
_pdbx_struct_special_symmetry.id 
_pdbx_struct_special_symmetry.PDB_model_num 
_pdbx_struct_special_symmetry.auth_asym_id 
_pdbx_struct_special_symmetry.auth_comp_id 
_pdbx_struct_special_symmetry.auth_seq_id 
_pdbx_struct_special_symmetry.PDB_ins_code 
_pdbx_struct_special_symmetry.label_asym_id 
_pdbx_struct_special_symmetry.label_comp_id 
_pdbx_struct_special_symmetry.label_seq_id 
1  1 A LEU 46  ? A LEU 26 
2  1 A CA  101 ? B CA  .  
3  1 A CL  102 ? C CL  .  
4  1 A HOH 216 ? H HOH .  
5  1 A HOH 217 ? H HOH .  
6  1 A HOH 218 ? H HOH .  
7  1 A HOH 225 ? H HOH .  
8  1 A HOH 226 ? H HOH .  
9  1 A HOH 233 ? H HOH .  
10 1 A HOH 237 ? H HOH .  
# 
loop_
_chem_comp_atom.comp_id 
_chem_comp_atom.atom_id 
_chem_comp_atom.type_symbol 
_chem_comp_atom.pdbx_aromatic_flag 
_chem_comp_atom.pdbx_stereo_config 
_chem_comp_atom.pdbx_ordinal 
ACE C    C  N N 1   
ACE O    O  N N 2   
ACE CH3  C  N N 3   
ACE H    H  N N 4   
ACE H1   H  N N 5   
ACE H2   H  N N 6   
ACE H3   H  N N 7   
ALA N    N  N N 8   
ALA CA   C  N S 9   
ALA C    C  N N 10  
ALA O    O  N N 11  
ALA CB   C  N N 12  
ALA OXT  O  N N 13  
ALA H    H  N N 14  
ALA H2   H  N N 15  
ALA HA   H  N N 16  
ALA HB1  H  N N 17  
ALA HB2  H  N N 18  
ALA HB3  H  N N 19  
ALA HXT  H  N N 20  
ARG N    N  N N 21  
ARG CA   C  N S 22  
ARG C    C  N N 23  
ARG O    O  N N 24  
ARG CB   C  N N 25  
ARG CG   C  N N 26  
ARG CD   C  N N 27  
ARG NE   N  N N 28  
ARG CZ   C  N N 29  
ARG NH1  N  N N 30  
ARG NH2  N  N N 31  
ARG OXT  O  N N 32  
ARG H    H  N N 33  
ARG H2   H  N N 34  
ARG HA   H  N N 35  
ARG HB2  H  N N 36  
ARG HB3  H  N N 37  
ARG HG2  H  N N 38  
ARG HG3  H  N N 39  
ARG HD2  H  N N 40  
ARG HD3  H  N N 41  
ARG HE   H  N N 42  
ARG HH11 H  N N 43  
ARG HH12 H  N N 44  
ARG HH21 H  N N 45  
ARG HH22 H  N N 46  
ARG HXT  H  N N 47  
ASP N    N  N N 48  
ASP CA   C  N S 49  
ASP C    C  N N 50  
ASP O    O  N N 51  
ASP CB   C  N N 52  
ASP CG   C  N N 53  
ASP OD1  O  N N 54  
ASP OD2  O  N N 55  
ASP OXT  O  N N 56  
ASP H    H  N N 57  
ASP H2   H  N N 58  
ASP HA   H  N N 59  
ASP HB2  H  N N 60  
ASP HB3  H  N N 61  
ASP HD2  H  N N 62  
ASP HXT  H  N N 63  
CA  CA   CA N N 64  
CL  CL   CL N N 65  
EDO C1   C  N N 66  
EDO O1   O  N N 67  
EDO C2   C  N N 68  
EDO O2   O  N N 69  
EDO H11  H  N N 70  
EDO H12  H  N N 71  
EDO HO1  H  N N 72  
EDO H21  H  N N 73  
EDO H22  H  N N 74  
EDO HO2  H  N N 75  
GLY N    N  N N 76  
GLY CA   C  N N 77  
GLY C    C  N N 78  
GLY O    O  N N 79  
GLY OXT  O  N N 80  
GLY H    H  N N 81  
GLY H2   H  N N 82  
GLY HA2  H  N N 83  
GLY HA3  H  N N 84  
GLY HXT  H  N N 85  
HIS N    N  N N 86  
HIS CA   C  N S 87  
HIS C    C  N N 88  
HIS O    O  N N 89  
HIS CB   C  N N 90  
HIS CG   C  Y N 91  
HIS ND1  N  Y N 92  
HIS CD2  C  Y N 93  
HIS CE1  C  Y N 94  
HIS NE2  N  Y N 95  
HIS OXT  O  N N 96  
HIS H    H  N N 97  
HIS H2   H  N N 98  
HIS HA   H  N N 99  
HIS HB2  H  N N 100 
HIS HB3  H  N N 101 
HIS HD1  H  N N 102 
HIS HD2  H  N N 103 
HIS HE1  H  N N 104 
HIS HE2  H  N N 105 
HIS HXT  H  N N 106 
HOH O    O  N N 107 
HOH H1   H  N N 108 
HOH H2   H  N N 109 
ILE N    N  N N 110 
ILE CA   C  N S 111 
ILE C    C  N N 112 
ILE O    O  N N 113 
ILE CB   C  N S 114 
ILE CG1  C  N N 115 
ILE CG2  C  N N 116 
ILE CD1  C  N N 117 
ILE OXT  O  N N 118 
ILE H    H  N N 119 
ILE H2   H  N N 120 
ILE HA   H  N N 121 
ILE HB   H  N N 122 
ILE HG12 H  N N 123 
ILE HG13 H  N N 124 
ILE HG21 H  N N 125 
ILE HG22 H  N N 126 
ILE HG23 H  N N 127 
ILE HD11 H  N N 128 
ILE HD12 H  N N 129 
ILE HD13 H  N N 130 
ILE HXT  H  N N 131 
LEU N    N  N N 132 
LEU CA   C  N S 133 
LEU C    C  N N 134 
LEU O    O  N N 135 
LEU CB   C  N N 136 
LEU CG   C  N N 137 
LEU CD1  C  N N 138 
LEU CD2  C  N N 139 
LEU OXT  O  N N 140 
LEU H    H  N N 141 
LEU H2   H  N N 142 
LEU HA   H  N N 143 
LEU HB2  H  N N 144 
LEU HB3  H  N N 145 
LEU HG   H  N N 146 
LEU HD11 H  N N 147 
LEU HD12 H  N N 148 
LEU HD13 H  N N 149 
LEU HD21 H  N N 150 
LEU HD22 H  N N 151 
LEU HD23 H  N N 152 
LEU HXT  H  N N 153 
NH2 N    N  N N 154 
NH2 HN1  H  N N 155 
NH2 HN2  H  N N 156 
OLB C1   C  N N 157 
OLB C2   C  N N 158 
OLB C3   C  N N 159 
OLB C4   C  N N 160 
OLB C5   C  N N 161 
OLB O19  O  N N 162 
OLB O20  O  N N 163 
OLB C21  C  N N 164 
OLB C22  C  N S 165 
OLB O23  O  N N 166 
OLB C24  C  N N 167 
OLB O25  O  N N 168 
OLB C6   C  N N 169 
OLB C7   C  N N 170 
OLB C8   C  N N 171 
OLB C9   C  N N 172 
OLB C10  C  N N 173 
OLB C11  C  N N 174 
OLB H2   H  N N 175 
OLB H2A  H  N N 176 
OLB H3   H  N N 177 
OLB H3A  H  N N 178 
OLB H4   H  N N 179 
OLB H4A  H  N N 180 
OLB H5   H  N N 181 
OLB H5A  H  N N 182 
OLB H21  H  N N 183 
OLB H21A H  N N 184 
OLB H22  H  N N 185 
OLB HO23 H  N N 186 
OLB H24  H  N N 187 
OLB H24A H  N N 188 
OLB HO25 H  N N 189 
OLB H16  H  N N 190 
OLB H17  H  N N 191 
OLB H18  H  N N 192 
OLB H19  H  N N 193 
OLB H20  H  N N 194 
OLB H211 H  N N 195 
OLB H221 H  N N 196 
OLB H23  H  N N 197 
OLB H241 H  N N 198 
OLB H25  H  N N 199 
OLB C12  C  N N 200 
OLB H26  H  N N 201 
OLB C13  C  N N 202 
OLB H27  H  N N 203 
OLB C14  C  N N 204 
OLB H28  H  N N 205 
OLB H29  H  N N 206 
OLB H30  H  N N 207 
OLB H31  H  N N 208 
OLB C15  C  N N 209 
OLB C16  C  N N 210 
OLB H32  H  N N 211 
OLB H33  H  N N 212 
OLB H34  H  N N 213 
OLB H35  H  N N 214 
OLB C17  C  N N 215 
OLB C18  C  N N 216 
OLB H36  H  N N 217 
OLB H37  H  N N 218 
OLB H38  H  N N 219 
OLB H39  H  N N 220 
OLB H40  H  N N 221 
PRO N    N  N N 222 
PRO CA   C  N S 223 
PRO C    C  N N 224 
PRO O    O  N N 225 
PRO CB   C  N N 226 
PRO CG   C  N N 227 
PRO CD   C  N N 228 
PRO OXT  O  N N 229 
PRO H    H  N N 230 
PRO HA   H  N N 231 
PRO HB2  H  N N 232 
PRO HB3  H  N N 233 
PRO HG2  H  N N 234 
PRO HG3  H  N N 235 
PRO HD2  H  N N 236 
PRO HD3  H  N N 237 
PRO HXT  H  N N 238 
SER N    N  N N 239 
SER CA   C  N S 240 
SER C    C  N N 241 
SER O    O  N N 242 
SER CB   C  N N 243 
SER OG   O  N N 244 
SER OXT  O  N N 245 
SER H    H  N N 246 
SER H2   H  N N 247 
SER HA   H  N N 248 
SER HB2  H  N N 249 
SER HB3  H  N N 250 
SER HG   H  N N 251 
SER HXT  H  N N 252 
TRP N    N  N N 253 
TRP CA   C  N S 254 
TRP C    C  N N 255 
TRP O    O  N N 256 
TRP CB   C  N N 257 
TRP CG   C  Y N 258 
TRP CD1  C  Y N 259 
TRP CD2  C  Y N 260 
TRP NE1  N  Y N 261 
TRP CE2  C  Y N 262 
TRP CE3  C  Y N 263 
TRP CZ2  C  Y N 264 
TRP CZ3  C  Y N 265 
TRP CH2  C  Y N 266 
TRP OXT  O  N N 267 
TRP H    H  N N 268 
TRP H2   H  N N 269 
TRP HA   H  N N 270 
TRP HB2  H  N N 271 
TRP HB3  H  N N 272 
TRP HD1  H  N N 273 
TRP HE1  H  N N 274 
TRP HE3  H  N N 275 
TRP HZ2  H  N N 276 
TRP HZ3  H  N N 277 
TRP HH2  H  N N 278 
TRP HXT  H  N N 279 
VAL N    N  N N 280 
VAL CA   C  N S 281 
VAL C    C  N N 282 
VAL O    O  N N 283 
VAL CB   C  N N 284 
VAL CG1  C  N N 285 
VAL CG2  C  N N 286 
VAL OXT  O  N N 287 
VAL H    H  N N 288 
VAL H2   H  N N 289 
VAL HA   H  N N 290 
VAL HB   H  N N 291 
VAL HG11 H  N N 292 
VAL HG12 H  N N 293 
VAL HG13 H  N N 294 
VAL HG21 H  N N 295 
VAL HG22 H  N N 296 
VAL HG23 H  N N 297 
VAL HXT  H  N N 298 
# 
loop_
_chem_comp_bond.comp_id 
_chem_comp_bond.atom_id_1 
_chem_comp_bond.atom_id_2 
_chem_comp_bond.value_order 
_chem_comp_bond.pdbx_aromatic_flag 
_chem_comp_bond.pdbx_stereo_config 
_chem_comp_bond.pdbx_ordinal 
ACE C   O    doub N N 1   
ACE C   CH3  sing N N 2   
ACE C   H    sing N N 3   
ACE CH3 H1   sing N N 4   
ACE CH3 H2   sing N N 5   
ACE CH3 H3   sing N N 6   
ALA N   CA   sing N N 7   
ALA N   H    sing N N 8   
ALA N   H2   sing N N 9   
ALA CA  C    sing N N 10  
ALA CA  CB   sing N N 11  
ALA CA  HA   sing N N 12  
ALA C   O    doub N N 13  
ALA C   OXT  sing N N 14  
ALA CB  HB1  sing N N 15  
ALA CB  HB2  sing N N 16  
ALA CB  HB3  sing N N 17  
ALA OXT HXT  sing N N 18  
ARG N   CA   sing N N 19  
ARG N   H    sing N N 20  
ARG N   H2   sing N N 21  
ARG CA  C    sing N N 22  
ARG CA  CB   sing N N 23  
ARG CA  HA   sing N N 24  
ARG C   O    doub N N 25  
ARG C   OXT  sing N N 26  
ARG CB  CG   sing N N 27  
ARG CB  HB2  sing N N 28  
ARG CB  HB3  sing N N 29  
ARG CG  CD   sing N N 30  
ARG CG  HG2  sing N N 31  
ARG CG  HG3  sing N N 32  
ARG CD  NE   sing N N 33  
ARG CD  HD2  sing N N 34  
ARG CD  HD3  sing N N 35  
ARG NE  CZ   sing N N 36  
ARG NE  HE   sing N N 37  
ARG CZ  NH1  sing N N 38  
ARG CZ  NH2  doub N N 39  
ARG NH1 HH11 sing N N 40  
ARG NH1 HH12 sing N N 41  
ARG NH2 HH21 sing N N 42  
ARG NH2 HH22 sing N N 43  
ARG OXT HXT  sing N N 44  
ASP N   CA   sing N N 45  
ASP N   H    sing N N 46  
ASP N   H2   sing N N 47  
ASP CA  C    sing N N 48  
ASP CA  CB   sing N N 49  
ASP CA  HA   sing N N 50  
ASP C   O    doub N N 51  
ASP C   OXT  sing N N 52  
ASP CB  CG   sing N N 53  
ASP CB  HB2  sing N N 54  
ASP CB  HB3  sing N N 55  
ASP CG  OD1  doub N N 56  
ASP CG  OD2  sing N N 57  
ASP OD2 HD2  sing N N 58  
ASP OXT HXT  sing N N 59  
EDO C1  O1   sing N N 60  
EDO C1  C2   sing N N 61  
EDO C1  H11  sing N N 62  
EDO C1  H12  sing N N 63  
EDO O1  HO1  sing N N 64  
EDO C2  O2   sing N N 65  
EDO C2  H21  sing N N 66  
EDO C2  H22  sing N N 67  
EDO O2  HO2  sing N N 68  
GLY N   CA   sing N N 69  
GLY N   H    sing N N 70  
GLY N   H2   sing N N 71  
GLY CA  C    sing N N 72  
GLY CA  HA2  sing N N 73  
GLY CA  HA3  sing N N 74  
GLY C   O    doub N N 75  
GLY C   OXT  sing N N 76  
GLY OXT HXT  sing N N 77  
HIS N   CA   sing N N 78  
HIS N   H    sing N N 79  
HIS N   H2   sing N N 80  
HIS CA  C    sing N N 81  
HIS CA  CB   sing N N 82  
HIS CA  HA   sing N N 83  
HIS C   O    doub N N 84  
HIS C   OXT  sing N N 85  
HIS CB  CG   sing N N 86  
HIS CB  HB2  sing N N 87  
HIS CB  HB3  sing N N 88  
HIS CG  ND1  sing Y N 89  
HIS CG  CD2  doub Y N 90  
HIS ND1 CE1  doub Y N 91  
HIS ND1 HD1  sing N N 92  
HIS CD2 NE2  sing Y N 93  
HIS CD2 HD2  sing N N 94  
HIS CE1 NE2  sing Y N 95  
HIS CE1 HE1  sing N N 96  
HIS NE2 HE2  sing N N 97  
HIS OXT HXT  sing N N 98  
HOH O   H1   sing N N 99  
HOH O   H2   sing N N 100 
ILE N   CA   sing N N 101 
ILE N   H    sing N N 102 
ILE N   H2   sing N N 103 
ILE CA  C    sing N N 104 
ILE CA  CB   sing N N 105 
ILE CA  HA   sing N N 106 
ILE C   O    doub N N 107 
ILE C   OXT  sing N N 108 
ILE CB  CG1  sing N N 109 
ILE CB  CG2  sing N N 110 
ILE CB  HB   sing N N 111 
ILE CG1 CD1  sing N N 112 
ILE CG1 HG12 sing N N 113 
ILE CG1 HG13 sing N N 114 
ILE CG2 HG21 sing N N 115 
ILE CG2 HG22 sing N N 116 
ILE CG2 HG23 sing N N 117 
ILE CD1 HD11 sing N N 118 
ILE CD1 HD12 sing N N 119 
ILE CD1 HD13 sing N N 120 
ILE OXT HXT  sing N N 121 
LEU N   CA   sing N N 122 
LEU N   H    sing N N 123 
LEU N   H2   sing N N 124 
LEU CA  C    sing N N 125 
LEU CA  CB   sing N N 126 
LEU CA  HA   sing N N 127 
LEU C   O    doub N N 128 
LEU C   OXT  sing N N 129 
LEU CB  CG   sing N N 130 
LEU CB  HB2  sing N N 131 
LEU CB  HB3  sing N N 132 
LEU CG  CD1  sing N N 133 
LEU CG  CD2  sing N N 134 
LEU CG  HG   sing N N 135 
LEU CD1 HD11 sing N N 136 
LEU CD1 HD12 sing N N 137 
LEU CD1 HD13 sing N N 138 
LEU CD2 HD21 sing N N 139 
LEU CD2 HD22 sing N N 140 
LEU CD2 HD23 sing N N 141 
LEU OXT HXT  sing N N 142 
NH2 N   HN1  sing N N 143 
NH2 N   HN2  sing N N 144 
OLB C1  O19  doub N N 145 
OLB C1  O20  sing N N 146 
OLB C2  C1   sing N N 147 
OLB C3  C2   sing N N 148 
OLB C4  C3   sing N N 149 
OLB C5  C4   sing N N 150 
OLB C5  C6   sing N N 151 
OLB O20 C21  sing N N 152 
OLB C21 C22  sing N N 153 
OLB C22 C24  sing N N 154 
OLB O23 C22  sing N N 155 
OLB C24 O25  sing N N 156 
OLB C6  C7   sing N N 157 
OLB C7  C8   sing N N 158 
OLB C8  C9   sing N N 159 
OLB C9  C10  doub N Z 160 
OLB C10 C11  sing N N 161 
OLB C2  H2   sing N N 162 
OLB C2  H2A  sing N N 163 
OLB C3  H3   sing N N 164 
OLB C3  H3A  sing N N 165 
OLB C4  H4   sing N N 166 
OLB C4  H4A  sing N N 167 
OLB C5  H5   sing N N 168 
OLB C5  H5A  sing N N 169 
OLB C21 H21  sing N N 170 
OLB C21 H21A sing N N 171 
OLB C22 H22  sing N N 172 
OLB O23 HO23 sing N N 173 
OLB C24 H24  sing N N 174 
OLB C24 H24A sing N N 175 
OLB O25 HO25 sing N N 176 
OLB C6  H16  sing N N 177 
OLB C6  H17  sing N N 178 
OLB C7  H18  sing N N 179 
OLB C7  H19  sing N N 180 
OLB C8  H20  sing N N 181 
OLB C8  H211 sing N N 182 
OLB C9  H221 sing N N 183 
OLB C10 H23  sing N N 184 
OLB C11 H241 sing N N 185 
OLB C11 H25  sing N N 186 
OLB C11 C12  sing N N 187 
OLB C12 H26  sing N N 188 
OLB C12 C13  sing N N 189 
OLB C12 H27  sing N N 190 
OLB C13 C14  sing N N 191 
OLB C13 H28  sing N N 192 
OLB C13 H29  sing N N 193 
OLB C14 H30  sing N N 194 
OLB C14 H31  sing N N 195 
OLB C14 C15  sing N N 196 
OLB C15 C16  sing N N 197 
OLB C15 H32  sing N N 198 
OLB C15 H33  sing N N 199 
OLB C16 H34  sing N N 200 
OLB C16 H35  sing N N 201 
OLB C16 C17  sing N N 202 
OLB C17 C18  sing N N 203 
OLB C17 H36  sing N N 204 
OLB C17 H37  sing N N 205 
OLB C18 H38  sing N N 206 
OLB C18 H39  sing N N 207 
OLB C18 H40  sing N N 208 
PRO N   CA   sing N N 209 
PRO N   CD   sing N N 210 
PRO N   H    sing N N 211 
PRO CA  C    sing N N 212 
PRO CA  CB   sing N N 213 
PRO CA  HA   sing N N 214 
PRO C   O    doub N N 215 
PRO C   OXT  sing N N 216 
PRO CB  CG   sing N N 217 
PRO CB  HB2  sing N N 218 
PRO CB  HB3  sing N N 219 
PRO CG  CD   sing N N 220 
PRO CG  HG2  sing N N 221 
PRO CG  HG3  sing N N 222 
PRO CD  HD2  sing N N 223 
PRO CD  HD3  sing N N 224 
PRO OXT HXT  sing N N 225 
SER N   CA   sing N N 226 
SER N   H    sing N N 227 
SER N   H2   sing N N 228 
SER CA  C    sing N N 229 
SER CA  CB   sing N N 230 
SER CA  HA   sing N N 231 
SER C   O    doub N N 232 
SER C   OXT  sing N N 233 
SER CB  OG   sing N N 234 
SER CB  HB2  sing N N 235 
SER CB  HB3  sing N N 236 
SER OG  HG   sing N N 237 
SER OXT HXT  sing N N 238 
TRP N   CA   sing N N 239 
TRP N   H    sing N N 240 
TRP N   H2   sing N N 241 
TRP CA  C    sing N N 242 
TRP CA  CB   sing N N 243 
TRP CA  HA   sing N N 244 
TRP C   O    doub N N 245 
TRP C   OXT  sing N N 246 
TRP CB  CG   sing N N 247 
TRP CB  HB2  sing N N 248 
TRP CB  HB3  sing N N 249 
TRP CG  CD1  doub Y N 250 
TRP CG  CD2  sing Y N 251 
TRP CD1 NE1  sing Y N 252 
TRP CD1 HD1  sing N N 253 
TRP CD2 CE2  doub Y N 254 
TRP CD2 CE3  sing Y N 255 
TRP NE1 CE2  sing Y N 256 
TRP NE1 HE1  sing N N 257 
TRP CE2 CZ2  sing Y N 258 
TRP CE3 CZ3  doub Y N 259 
TRP CE3 HE3  sing N N 260 
TRP CZ2 CH2  doub Y N 261 
TRP CZ2 HZ2  sing N N 262 
TRP CZ3 CH2  sing Y N 263 
TRP CZ3 HZ3  sing N N 264 
TRP CH2 HH2  sing N N 265 
TRP OXT HXT  sing N N 266 
VAL N   CA   sing N N 267 
VAL N   H    sing N N 268 
VAL N   H2   sing N N 269 
VAL CA  C    sing N N 270 
VAL CA  CB   sing N N 271 
VAL CA  HA   sing N N 272 
VAL C   O    doub N N 273 
VAL C   OXT  sing N N 274 
VAL CB  CG1  sing N N 275 
VAL CB  CG2  sing N N 276 
VAL CB  HB   sing N N 277 
VAL CG1 HG11 sing N N 278 
VAL CG1 HG12 sing N N 279 
VAL CG1 HG13 sing N N 280 
VAL CG2 HG21 sing N N 281 
VAL CG2 HG22 sing N N 282 
VAL CG2 HG23 sing N N 283 
VAL OXT HXT  sing N N 284 
# 
_pdbx_initial_refinement_model.id               1 
_pdbx_initial_refinement_model.entity_id_list   ? 
_pdbx_initial_refinement_model.type             'experimental model' 
_pdbx_initial_refinement_model.source_name      PDB 
_pdbx_initial_refinement_model.accession_code   3C9J 
_pdbx_initial_refinement_model.details          'chain A of 3C9J' 
# 
_atom_sites.entry_id                    4QKC 
_atom_sites.fract_transf_matrix[1][1]   -0.01161782 
_atom_sites.fract_transf_matrix[1][2]   0.00039745 
_atom_sites.fract_transf_matrix[1][3]   -0.03207657 
_atom_sites.fract_transf_matrix[2][1]   -0.00023218 
_atom_sites.fract_transf_matrix[2][2]   0.03411345 
_atom_sites.fract_transf_matrix[2][3]   0.00050678 
_atom_sites.fract_transf_matrix[3][1]   0.01396875 
_atom_sites.fract_transf_matrix[3][2]   0.00017020 
_atom_sites.fract_transf_matrix[3][3]   -0.00505723 
_atom_sites.fract_transf_vector[1]      0.306436 
_atom_sites.fract_transf_vector[2]      -0.301732 
_atom_sites.fract_transf_vector[3]      -0.014933 
# 
loop_
_atom_type.symbol 
C  
CA 
CL 
H  
N  
O  
# 
loop_
_atom_site.group_PDB 
_atom_site.id 
_atom_site.type_symbol 
_atom_site.label_atom_id 
_atom_site.label_alt_id 
_atom_site.label_comp_id 
_atom_site.label_asym_id 
_atom_site.label_entity_id 
_atom_site.label_seq_id 
_atom_site.pdbx_PDB_ins_code 
_atom_site.Cartn_x 
_atom_site.Cartn_y 
_atom_site.Cartn_z 
_atom_site.occupancy 
_atom_site.B_iso_or_equiv 
_atom_site.pdbx_formal_charge 
_atom_site.auth_seq_id 
_atom_site.auth_comp_id 
_atom_site.auth_asym_id 
_atom_site.auth_atom_id 
_atom_site.pdbx_PDB_model_num 
HETATM 1   C  C    . ACE A 1 1  ? -18.061 -0.503  1.522   1.00 7.43   ? 21  ACE A C    1 
HETATM 2   O  O    . ACE A 1 1  ? -17.439 0.386   2.100   1.00 8.50   ? 21  ACE A O    1 
HETATM 3   C  CH3  . ACE A 1 1  ? -19.097 -0.212  0.487   1.00 9.08   ? 21  ACE A CH3  1 
HETATM 4   H  H1   . ACE A 1 1  ? -19.346 -1.130  -0.046  1.00 10.89  ? 21  ACE A H1   1 
HETATM 5   H  H2   . ACE A 1 1  ? -19.992 0.181   0.970   1.00 10.89  ? 21  ACE A H2   1 
HETATM 6   H  H3   . ACE A 1 1  ? -18.711 0.524   -0.218  1.00 10.89  ? 21  ACE A H3   1 
ATOM   7   N  N    . SER A 1 2  ? -17.873 -1.812  1.770   1.00 7.74   ? 22  SER A N    1 
ATOM   8   C  CA   . SER A 1 2  ? -16.929 -2.230  2.793   1.00 8.01   ? 22  SER A CA   1 
ATOM   9   C  C    . SER A 1 2  ? -16.279 -3.518  2.362   1.00 6.79   ? 22  SER A C    1 
ATOM   10  O  O    . SER A 1 2  ? -16.756 -4.249  1.477   1.00 7.30   ? 22  SER A O    1 
ATOM   11  C  CB   . SER A 1 2  ? -17.587 -2.340  4.160   1.00 9.56   ? 22  SER A CB   1 
ATOM   12  O  OG   . SER A 1 2  ? -18.693 -3.246  4.085   1.00 10.54  ? 22  SER A OG   1 
ATOM   13  H  H    . SER A 1 2  ? -18.406 -2.436  1.509   1.00 9.28   ? 22  SER A H    1 
ATOM   14  H  HA   . SER A 1 2  ? -16.231 -1.559  2.860   1.00 9.61   ? 22  SER A HA   1 
ATOM   15  H  HB2  . SER A 1 2  ? -16.940 -2.676  4.800   1.00 11.47  ? 22  SER A HB2  1 
ATOM   16  H  HB3  . SER A 1 2  ? -17.906 -1.466  4.432   1.00 11.47  ? 22  SER A HB3  1 
ATOM   17  H  HG   . SER A 1 2  ? -19.062 -3.311  4.837   1.00 12.65  ? 22  SER A HG   1 
ATOM   18  N  N    A SER A 1 3  ? -15.153 -3.800  2.997   0.95 7.11   ? 23  SER A N    1 
ATOM   19  N  N    B SER A 1 3  ? -15.155 -3.805  3.013   0.05 7.31   ? 23  SER A N    1 
ATOM   20  C  CA   A SER A 1 3  ? -14.279 -4.912  2.667   0.95 7.03   ? 23  SER A CA   1 
ATOM   21  C  CA   B SER A 1 3  ? -14.313 -4.936  2.659   0.05 7.82   ? 23  SER A CA   1 
ATOM   22  C  C    A SER A 1 3  ? -13.859 -5.676  3.914   0.95 7.23   ? 23  SER A C    1 
ATOM   23  C  C    B SER A 1 3  ? -13.867 -5.681  3.908   0.05 7.72   ? 23  SER A C    1 
ATOM   24  O  O    A SER A 1 3  ? -13.866 -5.143  5.025   0.95 7.80   ? 23  SER A O    1 
ATOM   25  O  O    B SER A 1 3  ? -13.955 -5.152  5.017   0.05 7.93   ? 23  SER A O    1 
ATOM   26  C  CB   A SER A 1 3  ? -13.001 -4.386  1.977   0.95 7.56   ? 23  SER A CB   1 
ATOM   27  C  CB   B SER A 1 3  ? -13.082 -4.436  1.904   0.05 8.59   ? 23  SER A CB   1 
ATOM   28  O  OG   A SER A 1 3  ? -13.319 -3.667  0.781   0.95 6.87   ? 23  SER A OG   1 
ATOM   29  O  OG   B SER A 1 3  ? -12.192 -5.498  1.626   0.05 9.62   ? 23  SER A OG   1 
ATOM   30  H  H    A SER A 1 3  ? -14.861 -3.335  3.658   0.95 8.54   ? 23  SER A H    1 
ATOM   31  H  H    B SER A 1 3  ? -14.855 -3.347  3.677   0.05 8.77   ? 23  SER A H    1 
ATOM   32  H  HA   A SER A 1 3  ? -14.734 -5.521  2.064   0.95 8.43   ? 23  SER A HA   1 
ATOM   33  H  HA   B SER A 1 3  ? -14.805 -5.547  2.088   0.05 9.39   ? 23  SER A HA   1 
ATOM   34  H  HB2  A SER A 1 3  ? -12.535 -3.792  2.587   0.95 9.07   ? 23  SER A HB2  1 
ATOM   35  H  HB2  B SER A 1 3  ? -13.367 -4.037  1.067   0.05 10.31  ? 23  SER A HB2  1 
ATOM   36  H  HB3  A SER A 1 3  ? -12.433 -5.139  1.750   0.95 9.07   ? 23  SER A HB3  1 
ATOM   37  H  HB3  B SER A 1 3  ? -12.625 -3.776  2.448   0.05 10.31  ? 23  SER A HB3  1 
ATOM   38  H  HG   A SER A 1 3  ? -13.723 -4.170  0.243   0.95 8.25   ? 23  SER A HG   1 
ATOM   39  H  HG   B SER A 1 3  ? -11.937 -5.854  2.342   0.05 11.55  ? 23  SER A HG   1 
ATOM   40  N  N    . ASP A 1 4  ? -13.390 -6.911  3.726   1.00 7.43   ? 24  ASP A N    1 
ATOM   41  C  CA   . ASP A 1 4  ? -12.729 -7.625  4.803   1.00 7.69   ? 24  ASP A CA   1 
ATOM   42  C  C    . ASP A 1 4  ? -11.592 -6.782  5.350   1.00 7.66   ? 24  ASP A C    1 
ATOM   43  O  O    . ASP A 1 4  ? -10.814 -6.231  4.561   1.00 7.61   ? 24  ASP A O    1 
ATOM   44  C  CB   . ASP A 1 4  ? -12.197 -8.943  4.231   1.00 8.44   ? 24  ASP A CB   1 
ATOM   45  C  CG   . ASP A 1 4  ? -11.802 -9.925  5.294   1.00 10.51  ? 24  ASP A CG   1 
ATOM   46  O  OD1  . ASP A 1 4  ? -12.570 -10.876 5.495   1.00 14.56  ? 24  ASP A OD1  1 
ATOM   47  O  OD2  . ASP A 1 4  ? -10.792 -9.695  5.955   1.00 12.61  ? 24  ASP A OD2  1 
ATOM   48  H  H    . ASP A 1 4  ? -13.443 -7.347  2.986   1.00 8.91   ? 24  ASP A H    1 
ATOM   49  H  HA   . ASP A 1 4  ? -13.359 -7.816  5.515   1.00 9.22   ? 24  ASP A HA   1 
ATOM   50  H  HB2  . ASP A 1 4  ? -12.889 -9.353  3.687   1.00 10.13  ? 24  ASP A HB2  1 
ATOM   51  H  HB3  . ASP A 1 4  ? -11.415 -8.759  3.689   1.00 10.13  ? 24  ASP A HB3  1 
ATOM   52  N  N    A PRO A 1 5  ? -11.420 -6.726  6.673   0.83 8.96   ? 25  PRO A N    1 
ATOM   53  N  N    B PRO A 1 5  ? -11.449 -6.707  6.690   0.17 7.74   ? 25  PRO A N    1 
ATOM   54  C  CA   A PRO A 1 5  ? -10.288 -5.954  7.198   0.83 9.67   ? 25  PRO A CA   1 
ATOM   55  C  CA   B PRO A 1 5  ? -10.350 -5.976  7.340   0.17 8.07   ? 25  PRO A CA   1 
ATOM   56  C  C    A PRO A 1 5  ? -8.939  -6.372  6.612   0.83 8.96   ? 25  PRO A C    1 
ATOM   57  C  C    B PRO A 1 5  ? -8.941  -6.370  6.857   0.17 8.37   ? 25  PRO A C    1 
ATOM   58  O  O    A PRO A 1 5  ? -8.068  -5.521  6.448   0.83 9.30   ? 25  PRO A O    1 
ATOM   59  O  O    B PRO A 1 5  ? -8.016  -5.560  6.950   0.17 7.65   ? 25  PRO A O    1 
ATOM   60  C  CB   A PRO A 1 5  ? -10.399 -6.162  8.710   0.83 13.22  ? 25  PRO A CB   1 
ATOM   61  C  CB   B PRO A 1 5  ? -10.545 -6.309  8.826   0.17 9.02   ? 25  PRO A CB   1 
ATOM   62  C  CG   A PRO A 1 5  ? -11.884 -6.306  8.934   0.83 14.18  ? 25  PRO A CG   1 
ATOM   63  C  CG   B PRO A 1 5  ? -12.014 -6.536  8.965   0.17 8.69   ? 25  PRO A CG   1 
ATOM   64  C  CD   A PRO A 1 5  ? -12.361 -7.122  7.736   0.83 11.28  ? 25  PRO A CD   1 
ATOM   65  C  CD   B PRO A 1 5  ? -12.433 -7.196  7.677   0.17 7.89   ? 25  PRO A CD   1 
ATOM   66  H  HA   A PRO A 1 5  ? -10.424 -5.013  7.008   0.83 11.60  ? 25  PRO A HA   1 
ATOM   67  H  HA   B PRO A 1 5  ? -10.468 -5.022  7.215   0.17 9.69   ? 25  PRO A HA   1 
ATOM   68  H  HB2  A PRO A 1 5  ? -9.928  -6.970  8.970   0.83 15.87  ? 25  PRO A HB2  1 
ATOM   69  H  HB2  B PRO A 1 5  ? -10.048 -7.111  9.052   0.17 10.82  ? 25  PRO A HB2  1 
ATOM   70  H  HB3  A PRO A 1 5  ? -10.050 -5.388  9.178   0.83 15.87  ? 25  PRO A HB3  1 
ATOM   71  H  HB3  B PRO A 1 5  ? -10.258 -5.560  9.372   0.17 10.82  ? 25  PRO A HB3  1 
ATOM   72  H  HG2  A PRO A 1 5  ? -12.048 -6.780  9.764   0.83 17.02  ? 25  PRO A HG2  1 
ATOM   73  H  HG2  B PRO A 1 5  ? -12.184 -7.119  9.720   0.17 10.43  ? 25  PRO A HG2  1 
ATOM   74  H  HG3  A PRO A 1 5  ? -12.302 -5.431  8.946   0.83 17.02  ? 25  PRO A HG3  1 
ATOM   75  H  HG3  B PRO A 1 5  ? -12.467 -5.686  9.078   0.17 10.43  ? 25  PRO A HG3  1 
ATOM   76  H  HD2  A PRO A 1 5  ? -12.285 -8.072  7.920   0.83 13.54  ? 25  PRO A HD2  1 
ATOM   77  H  HD2  B PRO A 1 5  ? -12.376 -8.161  7.759   0.17 9.47   ? 25  PRO A HD2  1 
ATOM   78  H  HD3  A PRO A 1 5  ? -13.268 -6.875  7.496   0.83 13.54  ? 25  PRO A HD3  1 
ATOM   79  H  HD3  B PRO A 1 5  ? -13.327 -6.913  7.429   0.17 9.47   ? 25  PRO A HD3  1 
ATOM   80  N  N    A LEU A 1 6  ? -8.754  -7.639  6.304   0.53 10.50  ? 26  LEU A N    1 
ATOM   81  N  N    B LEU A 1 6  ? -8.775  -7.586  6.353   0.32 7.70   ? 26  LEU A N    1 
ATOM   82  N  N    C LEU A 1 6  ? -8.684  -7.762  6.359   0.15 9.04   ? 26  LEU A N    1 
ATOM   83  C  CA   A LEU A 1 6  ? -7.493  -8.095  5.735   0.53 10.80  ? 26  LEU A CA   1 
ATOM   84  C  CA   B LEU A 1 6  ? -7.488  -8.008  5.796   0.32 8.39   ? 26  LEU A CA   1 
ATOM   85  C  CA   C LEU A 1 6  ? -7.466  -8.196  5.675   0.15 9.36   ? 26  LEU A CA   1 
ATOM   86  C  C    A LEU A 1 6  ? -7.251  -7.517  4.343   0.53 8.94   ? 26  LEU A C    1 
ATOM   87  C  C    B LEU A 1 6  ? -7.269  -7.403  4.398   0.32 7.94   ? 26  LEU A C    1 
ATOM   88  C  C    C LEU A 1 6  ? -7.267  -7.421  4.380   0.15 8.38   ? 26  LEU A C    1 
ATOM   89  O  O    A LEU A 1 6  ? -6.096  -7.307  3.939   0.53 9.30   ? 26  LEU A O    1 
ATOM   90  O  O    B LEU A 1 6  ? -6.141  -7.033  4.052   0.32 9.58   ? 26  LEU A O    1 
ATOM   91  O  O    C LEU A 1 6  ? -6.173  -6.926  4.099   0.15 8.90   ? 26  LEU A O    1 
ATOM   92  C  CB   A LEU A 1 6  ? -7.494  -9.611  5.689   0.53 13.88  ? 26  LEU A CB   1 
ATOM   93  C  CB   B LEU A 1 6  ? -7.385  -9.544  5.783   0.32 9.41   ? 26  LEU A CB   1 
ATOM   94  C  CB   C LEU A 1 6  ? -7.520  -9.703  5.382   0.15 11.04  ? 26  LEU A CB   1 
ATOM   95  C  CG   A LEU A 1 6  ? -6.220  -10.267 5.215   0.53 14.90  ? 26  LEU A CG   1 
ATOM   96  C  CG   B LEU A 1 6  ? -6.091  -10.167 5.260   0.32 11.38  ? 26  LEU A CG   1 
ATOM   97  C  CG   C LEU A 1 6  ? -7.265  -10.642 6.562   0.15 12.05  ? 26  LEU A CG   1 
ATOM   98  C  CD1  A LEU A 1 6  ? -4.998  -9.762  6.015   0.53 15.24  ? 26  LEU A CD1  1 
ATOM   99  C  CD1  B LEU A 1 6  ? -5.753  -11.512 5.922   0.32 13.49  ? 26  LEU A CD1  1 
ATOM   100 C  CD1  C LEU A 1 6  ? -7.651  -12.066 6.233   0.15 13.07  ? 26  LEU A CD1  1 
ATOM   101 C  CD2  A LEU A 1 6  ? -6.429  -11.760 5.356   0.53 15.54  ? 26  LEU A CD2  1 
ATOM   102 C  CD2  B LEU A 1 6  ? -6.203  -10.362 3.786   0.32 10.35  ? 26  LEU A CD2  1 
ATOM   103 C  CD2  C LEU A 1 6  ? -5.801  -10.581 6.927   0.15 12.56  ? 26  LEU A CD2  1 
ATOM   104 H  H    A LEU A 1 6  ? -9.340  -8.260  6.413   0.53 12.60  ? 26  LEU A H    1 
ATOM   105 H  H    B LEU A 1 6  ? -9.388  -8.188  6.320   0.32 9.25   ? 26  LEU A H    1 
ATOM   106 H  H    C LEU A 1 6  ? -9.380  -8.227  6.162   0.15 10.85  ? 26  LEU A H    1 
ATOM   107 H  HA   A LEU A 1 6  ? -6.765  -7.812  6.310   0.53 12.96  ? 26  LEU A HA   1 
ATOM   108 H  HA   B LEU A 1 6  ? -6.781  -7.675  6.370   0.32 10.07  ? 26  LEU A HA   1 
ATOM   109 H  HA   C LEU A 1 6  ? -6.702  -8.028  6.248   0.15 11.24  ? 26  LEU A HA   1 
ATOM   110 H  HB2  A LEU A 1 6  ? -7.674  -9.942  6.583   0.53 16.66  ? 26  LEU A HB2  1 
ATOM   111 H  HB2  B LEU A 1 6  ? -7.502  -9.858  6.693   0.32 11.30  ? 26  LEU A HB2  1 
ATOM   112 H  HB2  C LEU A 1 6  ? -8.402  -9.912  5.035   0.15 13.25  ? 26  LEU A HB2  1 
ATOM   113 H  HB3  A LEU A 1 6  ? -8.204  -9.896  5.093   0.53 16.66  ? 26  LEU A HB3  1 
ATOM   114 H  HB3  B LEU A 1 6  ? -8.106  -9.886  5.233   0.32 11.30  ? 26  LEU A HB3  1 
ATOM   115 H  HB3  C LEU A 1 6  ? -6.854  -9.904  4.707   0.15 13.25  ? 26  LEU A HB3  1 
ATOM   116 H  HG   A LEU A 1 6  ? -6.080  -10.063 4.277   0.53 17.88  ? 26  LEU A HG   1 
ATOM   117 H  HG   B LEU A 1 6  ? -5.355  -9.558  5.427   0.32 13.65  ? 26  LEU A HG   1 
ATOM   118 H  HG   C LEU A 1 6  ? -7.785  -10.349 7.326   0.15 14.46  ? 26  LEU A HG   1 
ATOM   119 H  HD11 A LEU A 1 6  ? -4.200  -10.204 5.684   0.53 18.29  ? 26  LEU A HD11 1 
ATOM   120 H  HD11 B LEU A 1 6  ? -4.925  -11.850 5.545   0.32 16.19  ? 26  LEU A HD11 1 
ATOM   121 H  HD11 C LEU A 1 6  ? -7.474  -12.627 7.005   0.15 15.68  ? 26  LEU A HD11 1 
ATOM   122 H  HD12 A LEU A 1 6  ? -4.919  -8.802  5.897   0.53 18.29  ? 26  LEU A HD12 1 
ATOM   123 H  HD12 B LEU A 1 6  ? -5.652  -11.376 6.877   0.32 16.19  ? 26  LEU A HD12 1 
ATOM   124 H  HD12 C LEU A 1 6  ? -8.595  -12.095 6.013   0.15 15.68  ? 26  LEU A HD12 1 
ATOM   125 H  HD13 A LEU A 1 6  ? -5.127  -9.971  6.953   0.53 18.29  ? 26  LEU A HD13 1 
ATOM   126 H  HD13 B LEU A 1 6  ? -6.474  -12.137 5.751   0.32 16.19  ? 26  LEU A HD13 1 
ATOM   127 H  HD13 C LEU A 1 6  ? -7.126  -12.369 5.477   0.15 15.68  ? 26  LEU A HD13 1 
ATOM   128 H  HD21 A LEU A 1 6  ? -5.628  -12.220 5.060   0.53 18.65  ? 26  LEU A HD21 1 
ATOM   129 H  HD21 B LEU A 1 6  ? -5.382  -10.758 3.457   0.32 12.41  ? 26  LEU A HD21 1 
ATOM   130 H  HD21 C LEU A 1 6  ? -5.638  -11.176 7.676   0.15 15.07  ? 26  LEU A HD21 1 
ATOM   131 H  HD22 A LEU A 1 6  ? -6.605  -11.967 6.288   0.53 18.65  ? 26  LEU A HD22 1 
ATOM   132 H  HD22 B LEU A 1 6  ? -6.952  -10.951 3.602   0.32 12.41  ? 26  LEU A HD22 1 
ATOM   133 H  HD22 C LEU A 1 6  ? -5.274  -10.858 6.163   0.15 15.07  ? 26  LEU A HD22 1 
ATOM   134 H  HD23 A LEU A 1 6  ? -7.185  -12.026 4.810   0.53 18.65  ? 26  LEU A HD23 1 
ATOM   135 H  HD23 B LEU A 1 6  ? -6.348  -9.501  3.364   0.32 12.41  ? 26  LEU A HD23 1 
ATOM   136 H  HD23 C LEU A 1 6  ? -5.576  -9.670  7.174   0.15 15.07  ? 26  LEU A HD23 1 
ATOM   137 N  N    . VAL A 1 7  ? -8.332  -7.323  3.594   1.00 7.72   ? 27  VAL A N    1 
ATOM   138 C  CA   . VAL A 1 7  ? -8.271  -6.692  2.279   1.00 7.53   ? 27  VAL A CA   1 
ATOM   139 C  C    . VAL A 1 7  ? -7.976  -5.202  2.422   1.00 7.17   ? 27  VAL A C    1 
ATOM   140 O  O    . VAL A 1 7  ? -7.192  -4.641  1.648   1.00 7.84   ? 27  VAL A O    1 
ATOM   141 C  CB   . VAL A 1 7  ? -9.554  -6.979  1.511   1.00 7.10   ? 27  VAL A CB   1 
ATOM   142 C  CG1  . VAL A 1 7  ? -9.614  -6.224  0.206   1.00 7.83   ? 27  VAL A CG1  1 
ATOM   143 C  CG2  . VAL A 1 7  ? -9.675  -8.484  1.270   1.00 7.88   ? 27  VAL A CG2  1 
ATOM   144 H  H    A VAL A 1 7  ? -9.126  -7.553  3.830   0.50 9.27   ? 27  VAL A H    1 
ATOM   145 H  H    B VAL A 1 7  ? -9.109  -7.633  3.792   0.50 9.27   ? 27  VAL A H    1 
ATOM   146 H  HA   . VAL A 1 7  ? -7.538  -7.088  1.781   1.00 9.03   ? 27  VAL A HA   1 
ATOM   147 H  HB   . VAL A 1 7  ? -10.311 -6.702  2.050   1.00 8.52   ? 27  VAL A HB   1 
ATOM   148 H  HG11 . VAL A 1 7  ? -10.446 -6.439  -0.244  1.00 9.39   ? 27  VAL A HG11 1 
ATOM   149 H  HG12 . VAL A 1 7  ? -9.573  -5.272  0.390   1.00 9.39   ? 27  VAL A HG12 1 
ATOM   150 H  HG13 . VAL A 1 7  ? -8.861  -6.487  -0.345  1.00 9.39   ? 27  VAL A HG13 1 
ATOM   151 H  HG21 . VAL A 1 7  ? -10.493 -8.660  0.781   1.00 9.46   ? 27  VAL A HG21 1 
ATOM   152 H  HG22 . VAL A 1 7  ? -8.910  -8.783  0.755   1.00 9.46   ? 27  VAL A HG22 1 
ATOM   153 H  HG23 . VAL A 1 7  ? -9.695  -8.940  2.126   1.00 9.46   ? 27  VAL A HG23 1 
ATOM   154 N  N    A VAL A 1 8  ? -8.592  -4.546  3.398   0.83 7.09   ? 28  VAL A N    1 
ATOM   155 N  N    B VAL A 1 8  ? -8.599  -4.509  3.360   0.17 8.24   ? 28  VAL A N    1 
ATOM   156 C  CA   A VAL A 1 8  ? -8.248  -3.157  3.696   0.83 7.05   ? 28  VAL A CA   1 
ATOM   157 C  CA   B VAL A 1 8  ? -8.291  -3.089  3.485   0.17 9.40   ? 28  VAL A CA   1 
ATOM   158 C  C    A VAL A 1 8  ? -6.756  -3.049  4.024   0.83 7.42   ? 28  VAL A C    1 
ATOM   159 C  C    B VAL A 1 8  ? -6.825  -2.915  3.894   0.17 8.44   ? 28  VAL A C    1 
ATOM   160 O  O    A VAL A 1 8  ? -6.058  -2.192  3.479   0.83 8.05   ? 28  VAL A O    1 
ATOM   161 O  O    B VAL A 1 8  ? -6.166  -1.961  3.480   0.17 7.93   ? 28  VAL A O    1 
ATOM   162 C  CB   A VAL A 1 8  ? -9.122  -2.587  4.829   0.83 7.54   ? 28  VAL A CB   1 
ATOM   163 C  CB   B VAL A 1 8  ? -9.209  -2.389  4.482   0.17 11.70  ? 28  VAL A CB   1 
ATOM   164 C  CG1  A VAL A 1 8  ? -8.732  -1.136  5.089   0.83 9.18   ? 28  VAL A CG1  1 
ATOM   165 C  CG1  B VAL A 1 8  ? -10.659 -2.440  3.999   0.17 11.59  ? 28  VAL A CG1  1 
ATOM   166 C  CG2  A VAL A 1 8  ? -10.604 -2.660  4.461   0.83 7.83   ? 28  VAL A CG2  1 
ATOM   167 C  CG2  B VAL A 1 8  ? -9.079  -3.028  5.808   0.17 14.31  ? 28  VAL A CG2  1 
ATOM   168 H  H    A VAL A 1 8  ? -9.207  -4.876  3.899   0.83 8.51   ? 28  VAL A H    1 
ATOM   169 H  H    B VAL A 1 8  ? -9.179  -4.816  3.915   0.17 9.88   ? 28  VAL A H    1 
ATOM   170 H  HA   A VAL A 1 8  ? -8.412  -2.622  2.903   0.83 8.46   ? 28  VAL A HA   1 
ATOM   171 H  HA   B VAL A 1 8  ? -8.412  -2.665  2.622   0.17 11.28  ? 28  VAL A HA   1 
ATOM   172 H  HB   A VAL A 1 8  ? -8.978  -3.099  5.640   0.83 9.04   ? 28  VAL A HB   1 
ATOM   173 H  HB   B VAL A 1 8  ? -8.946  -1.458  4.563   0.17 14.04  ? 28  VAL A HB   1 
ATOM   174 H  HG11 A VAL A 1 8  ? -9.286  -0.784  5.804   0.83 11.02  ? 28  VAL A HG11 1 
ATOM   175 H  HG11 B VAL A 1 8  ? -11.223 -1.990  4.647   0.17 13.91  ? 28  VAL A HG11 1 
ATOM   176 H  HG12 A VAL A 1 8  ? -7.797  -1.103  5.348   0.83 11.02  ? 28  VAL A HG12 1 
ATOM   177 H  HG12 B VAL A 1 8  ? -10.721 -1.995  3.139   0.17 13.91  ? 28  VAL A HG12 1 
ATOM   178 H  HG13 A VAL A 1 8  ? -8.870  -0.622  4.279   0.83 11.02  ? 28  VAL A HG13 1 
ATOM   179 H  HG13 B VAL A 1 8  ? -10.929 -3.368  3.912   0.17 13.91  ? 28  VAL A HG13 1 
ATOM   180 H  HG21 A VAL A 1 8  ? -11.128 -2.295  5.192   0.83 9.40   ? 28  VAL A HG21 1 
ATOM   181 H  HG21 B VAL A 1 8  ? -9.666  -2.576  6.435   0.17 17.17  ? 28  VAL A HG21 1 
ATOM   182 H  HG22 A VAL A 1 8  ? -10.754 -2.142  3.654   0.83 9.40   ? 28  VAL A HG22 1 
ATOM   183 H  HG22 B VAL A 1 8  ? -9.329  -3.961  5.734   0.17 17.17  ? 28  VAL A HG22 1 
ATOM   184 H  HG23 A VAL A 1 8  ? -10.846 -3.587  4.310   0.83 9.40   ? 28  VAL A HG23 1 
ATOM   185 H  HG23 B VAL A 1 8  ? -8.158  -2.954  6.106   0.17 17.17  ? 28  VAL A HG23 1 
ATOM   186 N  N    A ALA A 1 9  ? -6.279  -3.905  4.922   0.83 8.69   ? 29  ALA A N    1 
ATOM   187 N  N    B ALA A 1 9  ? -6.316  -3.853  4.686   0.17 8.45   ? 29  ALA A N    1 
ATOM   188 C  CA   A ALA A 1 9  ? -4.861  -3.880  5.288   0.83 10.51  ? 29  ALA A CA   1 
ATOM   189 C  CA   B ALA A 1 9  ? -4.915  -3.832  5.094   0.17 8.20   ? 29  ALA A CA   1 
ATOM   190 C  C    A ALA A 1 9  ? -3.961  -4.086  4.064   0.83 10.19  ? 29  ALA A C    1 
ATOM   191 C  C    B ALA A 1 9  ? -4.000  -4.077  3.895   0.17 7.47   ? 29  ALA A C    1 
ATOM   192 O  O    A ALA A 1 9  ? -2.968  -3.344  3.876   0.83 10.64  ? 29  ALA A O    1 
ATOM   193 O  O    B ALA A 1 9  ? -3.003  -3.367  3.704   0.17 6.69   ? 29  ALA A O    1 
ATOM   194 C  CB   A ALA A 1 9  ? -4.582  -4.932  6.345   0.83 13.05  ? 29  ALA A CB   1 
ATOM   195 C  CB   B ALA A 1 9  ? -4.666  -4.874  6.169   0.17 9.53   ? 29  ALA A CB   1 
ATOM   196 H  H    A ALA A 1 9  ? -6.745  -4.501  5.330   0.83 10.43  ? 29  ALA A H    1 
ATOM   197 H  H    B ALA A 1 9  ? -6.764  -4.516  5.003   0.17 10.14  ? 29  ALA A H    1 
ATOM   198 H  HA   A ALA A 1 9  ? -4.651  -3.013  5.668   0.83 12.62  ? 29  ALA A HA   1 
ATOM   199 H  HA   B ALA A 1 9  ? -4.703  -2.960  5.464   0.17 9.84   ? 29  ALA A HA   1 
ATOM   200 H  HB1  A ALA A 1 9  ? -3.641  -4.904  6.578   0.83 15.66  ? 29  ALA A HB1  1 
ATOM   201 H  HB1  B ALA A 1 9  ? -3.732  -4.845  6.427   0.17 11.44  ? 29  ALA A HB1  1 
ATOM   202 H  HB2  A ALA A 1 9  ? -5.122  -4.743  7.128   0.83 15.66  ? 29  ALA A HB2  1 
ATOM   203 H  HB2  B ALA A 1 9  ? -5.227  -4.677  6.935   0.17 11.44  ? 29  ALA A HB2  1 
ATOM   204 H  HB3  A ALA A 1 9  ? -4.810  -5.806  5.989   0.83 15.66  ? 29  ALA A HB3  1 
ATOM   205 H  HB3  B ALA A 1 9  ? -4.885  -5.751  5.815   0.17 11.44  ? 29  ALA A HB3  1 
ATOM   206 N  N    A ALA A 1 10 ? -4.287  -5.064  3.221   0.83 10.00  ? 30  ALA A N    1 
ATOM   207 N  N    B ALA A 1 10 ? -4.334  -5.078  3.086   0.17 7.70   ? 30  ALA A N    1 
ATOM   208 C  CA   A ALA A 1 10 ? -3.460  -5.316  2.044   0.83 9.56   ? 30  ALA A CA   1 
ATOM   209 C  CA   B ALA A 1 10 ? -3.546  -5.370  1.897   0.17 7.61   ? 30  ALA A CA   1 
ATOM   210 C  C    A ALA A 1 10 ? -3.440  -4.113  1.126   0.83 9.52   ? 30  ALA A C    1 
ATOM   211 C  C    B ALA A 1 10 ? -3.547  -4.181  0.954   0.17 6.80   ? 30  ALA A C    1 
ATOM   212 O  O    A ALA A 1 10 ? -2.392  -3.788  0.533   0.83 9.93   ? 30  ALA A O    1 
ATOM   213 O  O    B ALA A 1 10 ? -2.567  -3.957  0.239   0.17 6.05   ? 30  ALA A O    1 
ATOM   214 C  CB   A ALA A 1 10 ? -3.984  -6.536  1.305   0.83 12.86  ? 30  ALA A CB   1 
ATOM   215 C  CB   B ALA A 1 10 ? -4.083  -6.600  1.189   0.17 8.81   ? 30  ALA A CB   1 
ATOM   216 H  H    A ALA A 1 10 ? -4.966  -5.585  3.305   0.83 12.00  ? 30  ALA A H    1 
ATOM   217 H  H    B ALA A 1 10 ? -5.009  -5.600  3.204   0.17 9.24   ? 30  ALA A H    1 
ATOM   218 H  HA   A ALA A 1 10 ? -2.550  -5.499  2.326   0.83 11.47  ? 30  ALA A HA   1 
ATOM   219 H  HA   B ALA A 1 10 ? -2.629  -5.548  2.158   0.17 9.14   ? 30  ALA A HA   1 
ATOM   220 H  HB1  A ALA A 1 10 ? -3.429  -6.694  0.526   0.83 15.44  ? 30  ALA A HB1  1 
ATOM   221 H  HB1  B ALA A 1 10 ? -3.542  -6.772  0.403   0.17 10.57  ? 30  ALA A HB1  1 
ATOM   222 H  HB2  A ALA A 1 10 ? -3.950  -7.302  1.898   0.83 15.44  ? 30  ALA A HB2  1 
ATOM   223 H  HB2  B ALA A 1 10 ? -4.038  -7.356  1.794   0.17 10.57  ? 30  ALA A HB2  1 
ATOM   224 H  HB3  A ALA A 1 10 ? -4.900  -6.369  1.032   0.83 15.44  ? 30  ALA A HB3  1 
ATOM   225 H  HB3  B ALA A 1 10 ? -5.003  -6.437  0.929   0.17 10.57  ? 30  ALA A HB3  1 
ATOM   226 N  N    A SER A 1 11 ? -4.577  -3.457  0.977   0.83 8.70   ? 31  SER A N    1 
ATOM   227 N  N    B SER A 1 11 ? -4.640  -3.422  0.954   0.17 7.85   ? 31  SER A N    1 
ATOM   228 C  CA   A SER A 1 11 ? -4.683  -2.288  0.113   0.83 8.72   ? 31  SER A CA   1 
ATOM   229 C  CA   B SER A 1 11 ? -4.754  -2.237  0.107   0.17 9.21   ? 31  SER A CA   1 
ATOM   230 C  C    A SER A 1 11 ? -3.844  -1.124  0.621   0.83 8.73   ? 31  SER A C    1 
ATOM   231 C  C    B SER A 1 11 ? -3.847  -1.124  0.611   0.17 8.58   ? 31  SER A C    1 
ATOM   232 O  O    A SER A 1 11 ? -3.176  -0.441  -0.151  0.83 10.15  ? 31  SER A O    1 
ATOM   233 O  O    B SER A 1 11 ? -3.119  -0.509  -0.169  0.17 8.01   ? 31  SER A O    1 
ATOM   234 C  CB   A SER A 1 11 ? -6.150  -1.898  -0.013  0.83 9.10   ? 31  SER A CB   1 
ATOM   235 C  CB   B SER A 1 11 ? -6.213  -1.753  0.015   0.17 10.99  ? 31  SER A CB   1 
ATOM   236 O  OG   A SER A 1 11 ? -6.895  -2.899  -0.710  0.83 9.77   ? 31  SER A OG   1 
ATOM   237 O  OG   B SER A 1 11 ? -6.728  -1.284  1.252   0.17 13.26  ? 31  SER A OG   1 
ATOM   238 H  H    A SER A 1 11 ? -5.312  -3.669  1.370   0.83 10.44  ? 31  SER A H    1 
ATOM   239 H  H    B SER A 1 11 ? -5.334  -3.573  1.438   0.17 9.42   ? 31  SER A H    1 
ATOM   240 H  HA   A SER A 1 11 ? -4.361  -2.523  -0.771  0.83 10.46  ? 31  SER A HA   1 
ATOM   241 H  HA   B SER A 1 11 ? -4.464  -2.469  -0.789  0.17 11.05  ? 31  SER A HA   1 
ATOM   242 H  HB2  A SER A 1 11 ? -6.524  -1.789  0.876   0.83 10.92  ? 31  SER A HB2  1 
ATOM   243 H  HB2  B SER A 1 11 ? -6.257  -1.031  -0.631  0.17 13.19  ? 31  SER A HB2  1 
ATOM   244 H  HB3  A SER A 1 11 ? -6.212  -1.063  -0.502  0.83 10.92  ? 31  SER A HB3  1 
ATOM   245 H  HB3  B SER A 1 11 ? -6.764  -2.491  -0.287  0.17 13.19  ? 31  SER A HB3  1 
ATOM   246 H  HG   A SER A 1 11 ? -6.584  -3.003  -1.482  0.83 11.72  ? 31  SER A HG   1 
ATOM   247 H  HG   B SER A 1 11 ? -6.268  -0.638  1.528   0.17 15.91  ? 31  SER A HG   1 
ATOM   248 N  N    . ILE A 1 12 ? -3.891  -0.863  1.913   1.00 8.52   ? 32  ILE A N    1 
ATOM   249 C  CA   . ILE A 1 12 ? -3.043  0.155   2.512   1.00 9.62   ? 32  ILE A CA   1 
ATOM   250 C  C    . ILE A 1 12 ? -1.568  -0.197  2.290   1.00 9.48   ? 32  ILE A C    1 
ATOM   251 O  O    . ILE A 1 12 ? -0.760  0.675   1.915   1.00 10.26  ? 32  ILE A O    1 
ATOM   252 C  CB   . ILE A 1 12 ? -3.360  0.309   4.006   1.00 10.49  ? 32  ILE A CB   1 
ATOM   253 C  CG1  . ILE A 1 12 ? -4.774  0.887   4.185   1.00 11.77  ? 32  ILE A CG1  1 
ATOM   254 C  CG2  . ILE A 1 12 ? -2.319  1.162   4.733   1.00 12.57  ? 32  ILE A CG2  1 
ATOM   255 C  CD1  . ILE A 1 12 ? -5.322  0.784   5.604   1.00 14.78  ? 32  ILE A CD1  1 
ATOM   256 H  H    A ILE A 1 12 ? -4.409  -1.263  2.471   0.50 10.22  ? 32  ILE A H    1 
ATOM   257 H  H    B ILE A 1 12 ? -4.407  -1.265  2.473   0.50 10.22  ? 32  ILE A H    1 
ATOM   258 H  HA   . ILE A 1 12 ? -3.215  1.005   2.078   1.00 11.54  ? 32  ILE A HA   1 
ATOM   259 H  HB   . ILE A 1 12 ? -3.348  -0.575  4.405   1.00 12.59  ? 32  ILE A HB   1 
ATOM   260 H  HG12 . ILE A 1 12 ? -4.758  1.826   3.942   1.00 14.12  ? 32  ILE A HG12 1 
ATOM   261 H  HG13 . ILE A 1 12 ? -5.381  0.409   3.599   1.00 14.12  ? 32  ILE A HG13 1 
ATOM   262 H  HG21 . ILE A 1 12 ? -2.563  1.228   5.669   1.00 15.08  ? 32  ILE A HG21 1 
ATOM   263 H  HG22 . ILE A 1 12 ? -1.450  0.739   4.647   1.00 15.08  ? 32  ILE A HG22 1 
ATOM   264 H  HG23 . ILE A 1 12 ? -2.299  2.045   4.333   1.00 15.08  ? 32  ILE A HG23 1 
ATOM   265 H  HD11 . ILE A 1 12 ? -6.212  1.170   5.627   1.00 17.74  ? 32  ILE A HD11 1 
ATOM   266 H  HD12 . ILE A 1 12 ? -5.359  -0.150  5.862   1.00 17.74  ? 32  ILE A HD12 1 
ATOM   267 H  HD13 . ILE A 1 12 ? -4.735  1.270   6.205   1.00 17.74  ? 32  ILE A HD13 1 
ATOM   268 N  N    . ILE A 1 13 ? -1.184  -1.443  2.536   1.00 9.24   ? 33  ILE A N    1 
ATOM   269 C  CA   . ILE A 1 13 ? 0.195   -1.883  2.358   1.00 10.30  ? 33  ILE A CA   1 
ATOM   270 C  C    . ILE A 1 13 ? 0.629   -1.686  0.914   1.00 9.98   ? 33  ILE A C    1 
ATOM   271 O  O    . ILE A 1 13 ? 1.731   -1.201  0.666   1.00 10.92  ? 33  ILE A O    1 
ATOM   272 C  CB   A ILE A 1 13 ? 0.334   -3.350  2.833   0.84 11.73  ? 33  ILE A CB   1 
ATOM   273 C  CB   C ILE A 1 13 ? 0.373   -3.364  2.758   0.16 10.60  ? 33  ILE A CB   1 
ATOM   274 C  CG1  A ILE A 1 13 ? 0.202   -3.406  4.356   0.84 13.02  ? 33  ILE A CG1  1 
ATOM   275 C  CG1  C ILE A 1 13 ? 0.109   -3.542  4.253   0.16 10.42  ? 33  ILE A CG1  1 
ATOM   276 C  CG2  A ILE A 1 13 ? 1.646   -3.960  2.318   0.84 13.17  ? 33  ILE A CG2  1 
ATOM   277 C  CG2  C ILE A 1 13 ? 1.781   -3.853  2.406   0.16 11.04  ? 33  ILE A CG2  1 
ATOM   278 C  CD1  A ILE A 1 13 ? -0.136  -4.794  4.915   0.84 16.01  ? 33  ILE A CD1  1 
ATOM   279 C  CD1  C ILE A 1 13 ? 0.074   -4.993  4.703   0.16 10.53  ? 33  ILE A CD1  1 
ATOM   280 H  H    . ILE A 1 13 ? -1.712  -2.064  2.811   1.00 11.09  ? 33  ILE A H    1 
ATOM   281 H  HA   . ILE A 1 13 ? 0.770   -1.336  2.916   1.00 12.37  ? 33  ILE A HA   1 
ATOM   282 H  HB   A ILE A 1 13 ? -0.400  -3.858  2.452   0.84 14.07  ? 33  ILE A HB   1 
ATOM   283 H  HB   C ILE A 1 13 ? -0.272  -3.896  2.264   0.16 12.72  ? 33  ILE A HB   1 
ATOM   284 H  HG12 A ILE A 1 13 ? 1.043   -3.127  4.750   0.84 15.62  ? 33  ILE A HG12 1 
ATOM   285 H  HG12 C ILE A 1 13 ? 0.812   -3.095  4.749   0.16 12.51  ? 33  ILE A HG12 1 
ATOM   286 H  HG13 A ILE A 1 13 ? -0.504  -2.799  4.629   0.84 15.62  ? 33  ILE A HG13 1 
ATOM   287 H  HG13 C ILE A 1 13 ? -0.750  -3.145  4.468   0.16 12.51  ? 33  ILE A HG13 1 
ATOM   288 H  HG21 A ILE A 1 13 ? 1.710   -4.877  2.627   0.84 15.81  ? 33  ILE A HG21 1 
ATOM   289 H  HG21 C ILE A 1 13 ? 1.865   -4.784  2.667   0.16 13.25  ? 33  ILE A HG21 1 
ATOM   290 H  HG22 A ILE A 1 13 ? 1.645   -3.937  1.348   0.84 15.81  ? 33  ILE A HG22 1 
ATOM   291 H  HG22 C ILE A 1 13 ? 1.916   -3.763  1.450   0.16 13.25  ? 33  ILE A HG22 1 
ATOM   292 H  HG23 A ILE A 1 13 ? 2.391   -3.442  2.662   0.84 15.81  ? 33  ILE A HG23 1 
ATOM   293 H  HG23 C ILE A 1 13 ? 2.430   -3.315  2.885   0.16 13.25  ? 33  ILE A HG23 1 
ATOM   294 H  HD11 A ILE A 1 13 ? -0.201  -4.738  5.882   0.84 19.22  ? 33  ILE A HD11 1 
ATOM   295 H  HD11 C ILE A 1 13 ? -0.097  -5.024  5.657   0.16 12.63  ? 33  ILE A HD11 1 
ATOM   296 H  HD12 A ILE A 1 13 ? -0.983  -5.086  4.544   0.84 19.22  ? 33  ILE A HD12 1 
ATOM   297 H  HD12 C ILE A 1 13 ? -0.632  -5.455  4.224   0.16 12.63  ? 33  ILE A HD12 1 
ATOM   298 H  HD13 A ILE A 1 13 ? 0.567   -5.414  4.666   0.84 19.22  ? 33  ILE A HD13 1 
ATOM   299 H  HD13 C ILE A 1 13 ? 0.931   -5.405  4.506   0.16 12.63  ? 33  ILE A HD13 1 
ATOM   300 N  N    . GLY A 1 14 ? -0.213  -2.047  -0.042  1.00 9.82   ? 34  GLY A N    1 
ATOM   301 C  CA   . GLY A 1 14 ? 0.155   -1.923  -1.435  1.00 11.06  ? 34  GLY A CA   1 
ATOM   302 C  C    . GLY A 1 14 ? 0.344   -0.481  -1.858  1.00 10.37  ? 34  GLY A C    1 
ATOM   303 O  O    . GLY A 1 14 ? 1.266   -0.165  -2.637  1.00 11.58  ? 34  GLY A O    1 
ATOM   304 H  H    . GLY A 1 14 ? -0.999  -2.367  0.092   1.00 11.78  ? 34  GLY A H    1 
ATOM   305 H  HA2  . GLY A 1 14 ? 0.984   -2.401  -1.595  1.00 13.27  ? 34  GLY A HA2  1 
ATOM   306 H  HA3  . GLY A 1 14 ? -0.538  -2.317  -1.988  1.00 13.27  ? 34  GLY A HA3  1 
ATOM   307 N  N    A ILE A 1 15 ? -0.516  0.404   -1.353  0.43 12.91  ? 35  ILE A N    1 
ATOM   308 N  N    B ILE A 1 15 ? -0.550  0.408   -1.423  0.57 8.60   ? 35  ILE A N    1 
ATOM   309 C  CA   A ILE A 1 15 ? -0.413  1.828   -1.656  0.43 14.66  ? 35  ILE A CA   1 
ATOM   310 C  CA   B ILE A 1 15 ? -0.382  1.828   -1.723  0.57 8.66   ? 35  ILE A CA   1 
ATOM   311 C  C    A ILE A 1 15 ? 0.862   2.426   -1.046  0.43 13.80  ? 35  ILE A C    1 
ATOM   312 C  C    B ILE A 1 15 ? 0.897   2.363   -1.098  0.57 8.65   ? 35  ILE A C    1 
ATOM   313 O  O    A ILE A 1 15 ? 1.560   3.232   -1.682  0.43 13.16  ? 35  ILE A O    1 
ATOM   314 O  O    B ILE A 1 15 ? 1.691   3.045   -1.761  0.57 9.96   ? 35  ILE A O    1 
ATOM   315 C  CB   A ILE A 1 15 ? -1.672  2.581   -1.158  0.43 17.60  ? 35  ILE A CB   1 
ATOM   316 C  CB   B ILE A 1 15 ? -1.606  2.615   -1.244  0.57 9.07   ? 35  ILE A CB   1 
ATOM   317 C  CG1  A ILE A 1 15 ? -2.937  2.017   -1.817  0.43 20.02  ? 35  ILE A CG1  1 
ATOM   318 C  CG1  B ILE A 1 15 ? -2.804  2.291   -2.151  0.57 8.93   ? 35  ILE A CG1  1 
ATOM   319 C  CG2  A ILE A 1 15 ? -1.558  4.056   -1.464  0.43 19.07  ? 35  ILE A CG2  1 
ATOM   320 C  CG2  B ILE A 1 15 ? -1.293  4.104   -1.260  0.57 11.34  ? 35  ILE A CG2  1 
ATOM   321 C  CD1  A ILE A 1 15 ? -4.234  2.533   -1.193  0.43 21.64  ? 35  ILE A CD1  1 
ATOM   322 C  CD1  B ILE A 1 15 ? -4.164  2.793   -1.560  0.57 10.47  ? 35  ILE A CD1  1 
ATOM   323 H  H    A ILE A 1 15 ? -1.169  0.203   -0.831  0.43 15.50  ? 35  ILE A H    1 
ATOM   324 H  H    B ILE A 1 15 ? -1.250  0.219   -0.962  0.57 10.32  ? 35  ILE A H    1 
ATOM   325 H  HA   A ILE A 1 15 ? -0.362  1.939   -2.619  0.43 17.59  ? 35  ILE A HA   1 
ATOM   326 H  HA   B ILE A 1 15 ? -0.313  1.940   -2.684  0.57 10.39  ? 35  ILE A HA   1 
ATOM   327 H  HB   A ILE A 1 15 ? -1.744  2.466   -0.198  0.43 21.13  ? 35  ILE A HB   1 
ATOM   328 H  HB   B ILE A 1 15 ? -1.818  2.347   -0.336  0.57 10.88  ? 35  ILE A HB   1 
ATOM   329 H  HG12 A ILE A 1 15 ? -2.939  2.265   -2.755  0.43 24.02  ? 35  ILE A HG12 1 
ATOM   330 H  HG12 B ILE A 1 15 ? -2.674  2.720   -3.011  0.57 10.71  ? 35  ILE A HG12 1 
ATOM   331 H  HG13 A ILE A 1 15 ? -2.931  1.051   -1.733  0.43 24.02  ? 35  ILE A HG13 1 
ATOM   332 H  HG13 B ILE A 1 15 ? -2.863  1.329   -2.264  0.57 10.71  ? 35  ILE A HG13 1 
ATOM   333 H  HG21 A ILE A 1 15 ? -2.355  4.507   -1.144  0.43 22.88  ? 35  ILE A HG21 1 
ATOM   334 H  HG21 B ILE A 1 15 ? -2.073  4.593   -0.955  0.57 13.61  ? 35  ILE A HG21 1 
ATOM   335 H  HG22 A ILE A 1 15 ? -0.774  4.412   -1.016  0.43 22.88  ? 35  ILE A HG22 1 
ATOM   336 H  HG22 B ILE A 1 15 ? -0.544  4.275   -0.668  0.57 13.61  ? 35  ILE A HG22 1 
ATOM   337 H  HG23 A ILE A 1 15 ? -1.474  4.174   -2.423  0.43 22.88  ? 35  ILE A HG23 1 
ATOM   338 H  HG23 B ILE A 1 15 ? -1.068  4.369   -2.165  0.57 13.61  ? 35  ILE A HG23 1 
ATOM   339 H  HD11 A ILE A 1 15 ? -4.987  2.136   -1.659  0.43 25.96  ? 35  ILE A HD11 1 
ATOM   340 H  HD11 B ILE A 1 15 ? -4.879  2.561   -2.173  0.57 12.56  ? 35  ILE A HD11 1 
ATOM   341 H  HD12 A ILE A 1 15 ? -4.255  2.283   -0.256  0.43 25.96  ? 35  ILE A HD12 1 
ATOM   342 H  HD12 B ILE A 1 15 ? -4.312  2.366   -0.703  0.57 12.56  ? 35  ILE A HD12 1 
ATOM   343 H  HD13 A ILE A 1 15 ? -4.263  3.499   -1.279  0.43 25.96  ? 35  ILE A HD13 1 
ATOM   344 H  HD13 B ILE A 1 15 ? -4.123  3.756   -1.448  0.57 12.56  ? 35  ILE A HD13 1 
ATOM   345 N  N    A LEU A 1 16 ? 1.182   2.030   0.181   0.43 12.79  ? 36  LEU A N    1 
ATOM   346 N  N    B LEU A 1 16 ? 1.136   2.087   0.179   0.57 8.65   ? 36  LEU A N    1 
ATOM   347 C  CA   A LEU A 1 16 ? 2.377   2.525   0.843   0.43 12.51  ? 36  LEU A CA   1 
ATOM   348 C  CA   B LEU A 1 16 ? 2.356   2.539   0.829   0.57 9.96   ? 36  LEU A CA   1 
ATOM   349 C  C    A LEU A 1 16 ? 3.638   1.976   0.185   0.43 12.04  ? 36  LEU A C    1 
ATOM   350 C  C    B LEU A 1 16 ? 3.608   1.991   0.136   0.57 10.19  ? 36  LEU A C    1 
ATOM   351 O  O    A LEU A 1 16 ? 4.654   2.680   0.077   0.43 12.56  ? 36  LEU A O    1 
ATOM   352 O  O    B LEU A 1 16 ? 4.601   2.713   -0.044  0.57 10.31  ? 36  LEU A O    1 
ATOM   353 C  CB   A LEU A 1 16 ? 2.348   2.172   2.324   0.43 13.46  ? 36  LEU A CB   1 
ATOM   354 C  CB   B LEU A 1 16 ? 2.350   2.155   2.299   0.57 11.95  ? 36  LEU A CB   1 
ATOM   355 C  CG   A LEU A 1 16 ? 1.432   3.059   3.167   0.43 14.86  ? 36  LEU A CG   1 
ATOM   356 C  CG   B LEU A 1 16 ? 1.270   2.812   3.167   0.57 15.36  ? 36  LEU A CG   1 
ATOM   357 C  CD1  A LEU A 1 16 ? 1.267   2.507   4.564   0.43 16.62  ? 36  LEU A CD1  1 
ATOM   358 C  CD1  B LEU A 1 16 ? 1.312   2.237   4.567   0.57 16.85  ? 36  LEU A CD1  1 
ATOM   359 C  CD2  A LEU A 1 16 ? 1.987   4.467   3.242   0.43 16.84  ? 36  LEU A CD2  1 
ATOM   360 C  CD2  B LEU A 1 16 ? 1.404   4.329   3.206   0.57 17.45  ? 36  LEU A CD2  1 
ATOM   361 H  H    A LEU A 1 16 ? 0.722   1.476   0.650   0.43 15.35  ? 36  LEU A H    1 
ATOM   362 H  H    B LEU A 1 16 ? 0.607   1.641   0.689   0.57 10.39  ? 36  LEU A H    1 
ATOM   363 H  HA   A LEU A 1 16 ? 2.400   3.491   0.768   0.43 15.01  ? 36  LEU A HA   1 
ATOM   364 H  HA   B LEU A 1 16 ? 2.393   3.507   0.778   0.57 11.95  ? 36  LEU A HA   1 
ATOM   365 H  HB2  A LEU A 1 16 ? 2.040   1.257   2.418   0.43 16.16  ? 36  LEU A HB2  1 
ATOM   366 H  HB2  B LEU A 1 16 ? 2.226   1.195   2.362   0.57 14.34  ? 36  LEU A HB2  1 
ATOM   367 H  HB3  A LEU A 1 16 ? 3.246   2.252   2.680   0.43 16.16  ? 36  LEU A HB3  1 
ATOM   368 H  HB3  B LEU A 1 16 ? 3.210   2.393   2.680   0.57 14.34  ? 36  LEU A HB3  1 
ATOM   369 H  HG   A LEU A 1 16 ? 0.557   3.100   2.752   0.43 17.83  ? 36  LEU A HG   1 
ATOM   370 H  HG   B LEU A 1 16 ? 0.401   2.603   2.789   0.57 18.43  ? 36  LEU A HG   1 
ATOM   371 H  HD11 A LEU A 1 16 ? 0.681   3.094   5.068   0.43 19.94  ? 36  LEU A HD11 1 
ATOM   372 H  HD11 B LEU A 1 16 ? 0.624   2.662   5.103   0.57 20.22  ? 36  LEU A HD11 1 
ATOM   373 H  HD12 A LEU A 1 16 ? 0.878   1.620   4.508   0.43 19.94  ? 36  LEU A HD12 1 
ATOM   374 H  HD12 B LEU A 1 16 ? 1.152   1.282   4.521   0.57 20.22  ? 36  LEU A HD12 1 
ATOM   375 H  HD13 A LEU A 1 16 ? 2.137   2.462   4.989   0.43 19.94  ? 36  LEU A HD13 1 
ATOM   376 H  HD13 B LEU A 1 16 ? 2.185   2.409   4.953   0.57 20.22  ? 36  LEU A HD13 1 
ATOM   377 H  HD21 A LEU A 1 16 ? 1.393   5.012   3.780   0.43 20.21  ? 36  LEU A HD21 1 
ATOM   378 H  HD21 B LEU A 1 16 ? 0.700   4.693   3.765   0.57 20.94  ? 36  LEU A HD21 1 
ATOM   379 H  HD22 A LEU A 1 16 ? 2.868   4.437   3.648   0.43 20.21  ? 36  LEU A HD22 1 
ATOM   380 H  HD22 B LEU A 1 16 ? 2.271   4.560   3.573   0.57 20.94  ? 36  LEU A HD22 1 
ATOM   381 H  HD23 A LEU A 1 16 ? 2.048   4.830   2.345   0.43 20.21  ? 36  LEU A HD23 1 
ATOM   382 H  HD23 B LEU A 1 16 ? 1.323   4.676   2.304   0.57 20.94  ? 36  LEU A HD23 1 
ATOM   383 N  N    . HIS A 1 17 ? 3.558   0.729   -0.272  1.00 11.23  ? 37  HIS A N    1 
ATOM   384 C  CA   . HIS A 1 17 ? 4.613   0.103   -1.041  1.00 11.44  ? 37  HIS A CA   1 
ATOM   385 C  C    . HIS A 1 17 ? 4.953   0.924   -2.250  1.00 10.57  ? 37  HIS A C    1 
ATOM   386 O  O    . HIS A 1 17 ? 6.135   1.261   -2.482  1.00 11.42  ? 37  HIS A O    1 
ATOM   387 C  CB   . HIS A 1 17 ? 4.197   -1.299  -1.469  1.00 13.61  ? 37  HIS A CB   1 
ATOM   388 C  CG   . HIS A 1 17 ? 5.294   -2.077  -2.155  1.00 15.02  ? 37  HIS A CG   1 
ATOM   389 N  ND1  . HIS A 1 17 ? 5.096   -3.302  -2.676  1.00 16.62  ? 37  HIS A ND1  1 
ATOM   390 C  CD2  . HIS A 1 17 ? 6.630   -1.761  -2.393  1.00 16.87  ? 37  HIS A CD2  1 
ATOM   391 C  CE1  . HIS A 1 17 ? 6.243   -3.748  -3.220  1.00 19.08  ? 37  HIS A CE1  1 
ATOM   392 N  NE2  . HIS A 1 17 ? 7.182   -2.804  -3.046  1.00 17.93  ? 37  HIS A NE2  1 
ATOM   393 H  H    . HIS A 1 17 ? 2.891   0.206   -0.126  1.00 13.48  ? 37  HIS A H    1 
ATOM   394 H  HA   . HIS A 1 17 ? 5.409   0.028   -0.491  1.00 13.73  ? 37  HIS A HA   1 
ATOM   395 H  HB2  . HIS A 1 17 ? 3.926   -1.799  -0.683  1.00 16.33  ? 37  HIS A HB2  1 
ATOM   396 H  HB3  . HIS A 1 17 ? 3.452   -1.229  -2.087  1.00 16.33  ? 37  HIS A HB3  1 
ATOM   397 H  HD1  . HIS A 1 17 ? 4.351   -3.733  -2.664  1.00 19.95  ? 37  HIS A HD1  1 
ATOM   398 H  HD2  . HIS A 1 17 ? 7.062   -0.974  -2.147  1.00 20.24  ? 37  HIS A HD2  1 
ATOM   399 H  HE1  . HIS A 1 17 ? 6.365   -4.568  -3.642  1.00 22.90  ? 37  HIS A HE1  1 
ATOM   400 H  HE2  . HIS A 1 17 ? 7.999   -2.856  -3.307  1.00 21.51  ? 37  HIS A HE2  1 
ATOM   401 N  N    . LEU A 1 18 ? 3.938   1.260   -3.039  1.00 10.65  ? 38  LEU A N    1 
ATOM   402 C  CA   . LEU A 1 18 ? 4.147   2.039   -4.253  1.00 10.46  ? 38  LEU A CA   1 
ATOM   403 C  C    . LEU A 1 18 ? 4.708   3.420   -3.934  1.00 10.32  ? 38  LEU A C    1 
ATOM   404 O  O    . LEU A 1 18 ? 5.631   3.890   -4.611  1.00 10.75  ? 38  LEU A O    1 
ATOM   405 C  CB   A LEU A 1 18 ? 2.869   2.131   -5.086  0.64 12.24  ? 38  LEU A CB   1 
ATOM   406 C  CB   B LEU A 1 18 ? 2.830   2.152   -5.026  0.36 11.05  ? 38  LEU A CB   1 
ATOM   407 C  CG   A LEU A 1 18 ? 3.018   2.874   -6.430  0.64 13.10  ? 38  LEU A CG   1 
ATOM   408 C  CG   B LEU A 1 18 ? 2.810   3.026   -6.288  0.36 11.47  ? 38  LEU A CG   1 
ATOM   409 C  CD1  A LEU A 1 18 ? 4.131   2.292   -7.306  0.64 14.01  ? 38  LEU A CD1  1 
ATOM   410 C  CD1  B LEU A 1 18 ? 3.760   2.515   -7.338  0.36 12.56  ? 38  LEU A CD1  1 
ATOM   411 C  CD2  A LEU A 1 18 ? 1.699   2.849   -7.191  0.64 14.88  ? 38  LEU A CD2  1 
ATOM   412 C  CD2  B LEU A 1 18 ? 1.412   3.058   -6.856  0.36 13.96  ? 38  LEU A CD2  1 
ATOM   413 H  H    . LEU A 1 18 ? 3.117   1.048   -2.893  1.00 12.78  ? 38  LEU A H    1 
ATOM   414 H  HA   . LEU A 1 18 ? 4.805   1.581   -4.799  1.00 12.55  ? 38  LEU A HA   1 
ATOM   415 H  HB2  A LEU A 1 18 ? 2.564   1.232   -5.281  0.64 14.69  ? 38  LEU A HB2  1 
ATOM   416 H  HB2  B LEU A 1 18 ? 2.565   1.259   -5.296  0.36 13.26  ? 38  LEU A HB2  1 
ATOM   417 H  HB3  A LEU A 1 18 ? 2.195   2.598   -4.567  0.64 14.69  ? 38  LEU A HB3  1 
ATOM   418 H  HB3  B LEU A 1 18 ? 2.160   2.512   -4.422  0.36 13.26  ? 38  LEU A HB3  1 
ATOM   419 H  HG   A LEU A 1 18 ? 3.238   3.802   -6.250  0.64 15.72  ? 38  LEU A HG   1 
ATOM   420 H  HG   B LEU A 1 18 ? 3.068   3.932   -6.058  0.36 13.76  ? 38  LEU A HG   1 
ATOM   421 H  HD11 A LEU A 1 18 ? 4.177   2.796   -8.134  0.64 16.82  ? 38  LEU A HD11 1 
ATOM   422 H  HD11 B LEU A 1 18 ? 3.715   3.095   -8.114  0.36 15.07  ? 38  LEU A HD11 1 
ATOM   423 H  HD12 A LEU A 1 18 ? 4.974   2.357   -6.830  0.64 16.82  ? 38  LEU A HD12 1 
ATOM   424 H  HD12 B LEU A 1 18 ? 4.661   2.516   -6.975  0.36 15.07  ? 38  LEU A HD12 1 
ATOM   425 H  HD13 A LEU A 1 18 ? 3.929   1.362   -7.496  0.64 16.82  ? 38  LEU A HD13 1 
ATOM   426 H  HD13 B LEU A 1 18 ? 3.504   1.612   -7.583  0.36 15.07  ? 38  LEU A HD13 1 
ATOM   427 H  HD21 A LEU A 1 18 ? 1.811   3.319   -8.032  0.64 17.85  ? 38  LEU A HD21 1 
ATOM   428 H  HD21 B LEU A 1 18 ? 1.407   3.612   -7.652  0.36 16.75  ? 38  LEU A HD21 1 
ATOM   429 H  HD22 A LEU A 1 18 ? 1.450   1.926   -7.359  0.64 17.85  ? 38  LEU A HD22 1 
ATOM   430 H  HD22 B LEU A 1 18 ? 1.142   2.153   -7.080  0.36 16.75  ? 38  LEU A HD22 1 
ATOM   431 H  HD23 A LEU A 1 18 ? 1.018   3.284   -6.656  0.64 17.85  ? 38  LEU A HD23 1 
ATOM   432 H  HD23 B LEU A 1 18 ? 0.810   3.429   -6.192  0.36 16.75  ? 38  LEU A HD23 1 
ATOM   433 N  N    A ILE A 1 19 ? 4.148   4.082   -2.928  0.23 9.78   ? 39  ILE A N    1 
ATOM   434 N  N    B ILE A 1 19 ? 4.163   4.091   -2.925  0.77 10.69  ? 39  ILE A N    1 
ATOM   435 C  CA   A ILE A 1 19 ? 4.640   5.394   -2.530  0.23 9.30   ? 39  ILE A CA   1 
ATOM   436 C  CA   B ILE A 1 19 ? 4.667   5.420   -2.588  0.77 10.46  ? 39  ILE A CA   1 
ATOM   437 C  C    A ILE A 1 19 ? 6.136   5.319   -2.225  0.23 9.03   ? 39  ILE A C    1 
ATOM   438 C  C    B ILE A 1 19 ? 6.147   5.360   -2.170  0.77 10.66  ? 39  ILE A C    1 
ATOM   439 O  O    A ILE A 1 19 ? 6.934   6.089   -2.763  0.23 6.83   ? 39  ILE A O    1 
ATOM   440 O  O    B ILE A 1 19 ? 6.968   6.183   -2.585  0.77 11.44  ? 39  ILE A O    1 
ATOM   441 C  CB   A ILE A 1 19 ? 3.882   5.908   -1.289  0.23 9.82   ? 39  ILE A CB   1 
ATOM   442 C  CB   B ILE A 1 19 ? 3.814   6.055   -1.478  0.77 13.13  ? 39  ILE A CB   1 
ATOM   443 C  CG1  A ILE A 1 19 ? 2.442   6.269   -1.658  0.23 8.67   ? 39  ILE A CG1  1 
ATOM   444 C  CG1  B ILE A 1 19 ? 2.397   6.310   -1.987  0.77 14.25  ? 39  ILE A CG1  1 
ATOM   445 C  CG2  A ILE A 1 19 ? 4.609   7.110   -0.681  0.23 10.42  ? 39  ILE A CG2  1 
ATOM   446 C  CG2  B ILE A 1 19 ? 4.484   7.333   -0.985  0.77 14.98  ? 39  ILE A CG2  1 
ATOM   447 C  CD1  A ILE A 1 19 ? 1.537   6.517   -0.447  0.23 9.04   ? 39  ILE A CD1  1 
ATOM   448 C  CD1  B ILE A 1 19 ? 1.449   6.786   -0.899  0.77 17.02  ? 39  ILE A CD1  1 
ATOM   449 H  H    A ILE A 1 19 ? 3.484   3.795   -2.463  0.23 11.73  ? 39  ILE A H    1 
ATOM   450 H  H    B ILE A 1 19 ? 3.518   3.810   -2.431  0.77 12.82  ? 39  ILE A H    1 
ATOM   451 H  HA   A ILE A 1 19 ? 4.505   6.024   -3.255  0.23 11.16  ? 39  ILE A HA   1 
ATOM   452 H  HA   B ILE A 1 19 ? 4.604   5.987   -3.373  0.77 12.56  ? 39  ILE A HA   1 
ATOM   453 H  HB   A ILE A 1 19 ? 3.859   5.198   -0.629  0.23 11.78  ? 39  ILE A HB   1 
ATOM   454 H  HB   B ILE A 1 19 ? 3.763   5.432   -0.737  0.77 15.76  ? 39  ILE A HB   1 
ATOM   455 H  HG12 A ILE A 1 19 ? 2.450   7.078   -2.193  0.23 10.40  ? 39  ILE A HG12 1 
ATOM   456 H  HG12 B ILE A 1 19 ? 2.427   6.993   -2.676  0.77 17.10  ? 39  ILE A HG12 1 
ATOM   457 H  HG13 A ILE A 1 19 ? 2.058   5.540   -2.170  0.23 10.40  ? 39  ILE A HG13 1 
ATOM   458 H  HG13 B ILE A 1 19 ? 2.041   5.486   -2.354  0.77 17.10  ? 39  ILE A HG13 1 
ATOM   459 H  HG21 A ILE A 1 19 ? 4.117   7.417   0.096   0.23 12.50  ? 39  ILE A HG21 1 
ATOM   460 H  HG21 B ILE A 1 19 ? 3.938   7.726   -0.285  0.77 17.97  ? 39  ILE A HG21 1 
ATOM   461 H  HG22 A ILE A 1 19 ? 5.504   6.838   -0.420  0.23 12.50  ? 39  ILE A HG22 1 
ATOM   462 H  HG22 B ILE A 1 19 ? 5.362   7.114   -0.636  0.77 17.97  ? 39  ILE A HG22 1 
ATOM   463 H  HG23 A ILE A 1 19 ? 4.658   7.817   -1.343  0.23 12.50  ? 39  ILE A HG23 1 
ATOM   464 H  HG23 B ILE A 1 19 ? 4.567   7.952   -1.727  0.77 17.97  ? 39  ILE A HG23 1 
ATOM   465 H  HD11 A ILE A 1 19 ? 0.646   6.738   -0.758  0.23 10.85  ? 39  ILE A HD11 1 
ATOM   466 H  HD11 B ILE A 1 19 ? 0.571   6.929   -1.285  0.77 20.42  ? 39  ILE A HD11 1 
ATOM   467 H  HD12 A ILE A 1 19 ? 1.508   5.712   0.094   0.23 10.85  ? 39  ILE A HD12 1 
ATOM   468 H  HD12 B ILE A 1 19 ? 1.400   6.109   -0.205  0.77 20.42  ? 39  ILE A HD12 1 
ATOM   469 H  HD13 A ILE A 1 19 ? 1.899   7.252   0.072   0.23 10.85  ? 39  ILE A HD13 1 
ATOM   470 H  HD13 B ILE A 1 19 ? 1.786   7.616   -0.527  0.77 20.42  ? 39  ILE A HD13 1 
ATOM   471 N  N    . LEU A 1 20 ? 6.516   4.378   -1.371  1.00 10.48  ? 40  LEU A N    1 
ATOM   472 C  CA   . LEU A 1 20 ? 7.890   4.257   -0.940  1.00 11.09  ? 40  LEU A CA   1 
ATOM   473 C  C    . LEU A 1 20 ? 8.801   3.950   -2.125  1.00 10.70  ? 40  LEU A C    1 
ATOM   474 O  O    . LEU A 1 20 ? 9.919   4.482   -2.214  1.00 11.86  ? 40  LEU A O    1 
ATOM   475 C  CB   A LEU A 1 20 ? 8.030   3.171   0.130   0.14 12.09  ? 40  LEU A CB   1 
ATOM   476 C  CB   B LEU A 1 20 ? 8.025   3.200   0.165   0.32 13.36  ? 40  LEU A CB   1 
ATOM   477 C  CB   C LEU A 1 20 ? 8.022   3.178   0.143   0.32 12.26  ? 40  LEU A CB   1 
ATOM   478 C  CB   D LEU A 1 20 ? 7.996   3.151   0.100   0.22 13.20  ? 40  LEU A CB   1 
ATOM   479 C  CG   A LEU A 1 20 ? 7.869   3.618   1.585   0.14 12.89  ? 40  LEU A CG   1 
ATOM   480 C  CG   B LEU A 1 20 ? 7.268   3.462   1.481   0.32 15.29  ? 40  LEU A CG   1 
ATOM   481 C  CG   C LEU A 1 20 ? 7.452   3.518   1.527   0.32 13.54  ? 40  LEU A CG   1 
ATOM   482 C  CG   D LEU A 1 20 ? 9.309   3.020   0.856   0.22 15.49  ? 40  LEU A CG   1 
ATOM   483 C  CD1  A LEU A 1 20 ? 6.596   4.436   1.771   0.14 13.56  ? 40  LEU A CD1  1 
ATOM   484 C  CD1  B LEU A 1 20 ? 7.539   2.348   2.480   0.32 16.38  ? 40  LEU A CD1  1 
ATOM   485 C  CD1  C LEU A 1 20 ? 7.171   2.257   2.342   0.32 13.77  ? 40  LEU A CD1  1 
ATOM   486 C  CD1  D LEU A 1 20 ? 9.395   4.041   1.998   0.22 17.05  ? 40  LEU A CD1  1 
ATOM   487 C  CD2  A LEU A 1 20 ? 7.860   2.418   2.514   0.14 13.67  ? 40  LEU A CD2  1 
ATOM   488 C  CD2  B LEU A 1 20 ? 7.626   4.817   2.102   0.32 16.06  ? 40  LEU A CD2  1 
ATOM   489 C  CD2  C LEU A 1 20 ? 8.410   4.449   2.272   0.32 13.93  ? 40  LEU A CD2  1 
ATOM   490 C  CD2  D LEU A 1 20 ? 9.396   1.621   1.413   0.22 15.87  ? 40  LEU A CD2  1 
ATOM   491 H  H    B LEU A 1 20 ? 5.991   3.770   -1.065  0.50 12.57  ? 40  LEU A H    1 
ATOM   492 H  H    C LEU A 1 20 ? 5.996   3.767   -1.061  0.50 12.57  ? 40  LEU A H    1 
ATOM   493 H  HA   . LEU A 1 20 ? 8.174   5.104   -0.563  1.00 13.31  ? 40  LEU A HA   1 
ATOM   494 H  HB2  A LEU A 1 20 ? 7.358   2.492   -0.038  0.14 14.50  ? 40  LEU A HB2  1 
ATOM   495 H  HB2  B LEU A 1 20 ? 7.705   2.355   -0.186  0.32 16.03  ? 40  LEU A HB2  1 
ATOM   496 H  HB2  C LEU A 1 20 ? 7.564   2.380   -0.167  0.32 14.72  ? 40  LEU A HB2  1 
ATOM   497 H  HB2  D LEU A 1 20 ? 7.301   3.295   0.762   0.22 15.84  ? 40  LEU A HB2  1 
ATOM   498 H  HB3  A LEU A 1 20 ? 8.912   2.776   0.047   0.14 14.50  ? 40  LEU A HB3  1 
ATOM   499 H  HB3  B LEU A 1 20 ? 8.966   3.116   0.388   0.32 16.03  ? 40  LEU A HB3  1 
ATOM   500 H  HB3  C LEU A 1 20 ? 8.965   2.980   0.260   0.32 14.72  ? 40  LEU A HB3  1 
ATOM   501 H  HB3  D LEU A 1 20 ? 7.840   2.305   -0.346  0.22 15.84  ? 40  LEU A HB3  1 
ATOM   502 H  HG   A LEU A 1 20 ? 8.622   4.179   1.828   0.14 15.47  ? 40  LEU A HG   1 
ATOM   503 H  HG   B LEU A 1 20 ? 6.316   3.465   1.295   0.32 18.35  ? 40  LEU A HG   1 
ATOM   504 H  HG   C LEU A 1 20 ? 6.612   3.989   1.412   0.32 16.25  ? 40  LEU A HG   1 
ATOM   505 H  HG   D LEU A 1 20 ? 10.054  3.163   0.251   0.22 18.59  ? 40  LEU A HG   1 
ATOM   506 H  HD11 A LEU A 1 20 ? 6.525   4.702   2.701   0.14 16.27  ? 40  LEU A HD11 1 
ATOM   507 H  HD11 B LEU A 1 20 ? 7.053   2.533   3.299   0.32 19.66  ? 40  LEU A HD11 1 
ATOM   508 H  HD11 C LEU A 1 20 ? 6.814   2.514   3.206   0.32 16.52  ? 40  LEU A HD11 1 
ATOM   509 H  HD11 D LEU A 1 20 ? 10.242  3.929   2.458   0.22 20.46  ? 40  LEU A HD11 1 
ATOM   510 H  HD12 A LEU A 1 20 ? 6.640   5.222   1.204   0.14 16.27  ? 40  LEU A HD12 1 
ATOM   511 H  HD12 B LEU A 1 20 ? 7.241   1.505   2.102   0.32 19.66  ? 40  LEU A HD12 1 
ATOM   512 H  HD12 C LEU A 1 20 ? 6.526   1.711   1.866   0.32 16.52  ? 40  LEU A HD12 1 
ATOM   513 H  HD12 D LEU A 1 20 ? 9.334   4.935   1.627   0.22 20.46  ? 40  LEU A HD12 1 
ATOM   514 H  HD13 A LEU A 1 20 ? 5.832   3.891   1.524   0.14 16.27  ? 40  LEU A HD13 1 
ATOM   515 H  HD13 B LEU A 1 20 ? 8.491   2.311   2.661   0.32 19.66  ? 40  LEU A HD13 1 
ATOM   516 H  HD13 C LEU A 1 20 ? 8.000   1.766   2.458   0.32 16.52  ? 40  LEU A HD13 1 
ATOM   517 H  HD13 D LEU A 1 20 ? 8.661   3.886   2.614   0.22 20.46  ? 40  LEU A HD13 1 
ATOM   518 H  HD21 A LEU A 1 20 ? 7.757   2.727   3.427   0.14 16.40  ? 40  LEU A HD21 1 
ATOM   519 H  HD21 B LEU A 1 20 ? 7.124   4.930   2.923   0.32 19.27  ? 40  LEU A HD21 1 
ATOM   520 H  HD21 C LEU A 1 20 ? 8.037   4.654   3.143   0.32 16.72  ? 40  LEU A HD21 1 
ATOM   521 H  HD21 D LEU A 1 20 ? 10.231  1.526   1.898   0.22 19.05  ? 40  LEU A HD21 1 
ATOM   522 H  HD22 A LEU A 1 20 ? 7.120   1.840   2.274   0.14 16.40  ? 40  LEU A HD22 1 
ATOM   523 H  HD22 B LEU A 1 20 ? 8.578   4.836   2.290   0.32 19.27  ? 40  LEU A HD22 1 
ATOM   524 H  HD22 C LEU A 1 20 ? 9.265   4.004   2.374   0.32 16.72  ? 40  LEU A HD22 1 
ATOM   525 H  HD22 D LEU A 1 20 ? 8.647   1.473   2.012   0.22 19.05  ? 40  LEU A HD22 1 
ATOM   526 H  HD23 A LEU A 1 20 ? 8.698   1.939   2.419   0.14 16.40  ? 40  LEU A HD23 1 
ATOM   527 H  HD23 B LEU A 1 20 ? 7.398   5.521   1.475   0.32 19.27  ? 40  LEU A HD23 1 
ATOM   528 H  HD23 C LEU A 1 20 ? 8.521   5.264   1.758   0.32 16.72  ? 40  LEU A HD23 1 
ATOM   529 H  HD23 D LEU A 1 20 ? 9.365   0.987   0.680   0.22 19.05  ? 40  LEU A HD23 1 
ATOM   530 N  N    A TRP A 1 21 ? 8.351   3.124   -3.055  0.46 9.99   ? 41  TRP A N    1 
ATOM   531 N  N    C TRP A 1 21 ? 8.370   3.078   -3.021  0.54 10.70  ? 41  TRP A N    1 
ATOM   532 C  CA   A TRP A 1 21 ? 9.124   2.846   -4.252  0.46 10.38  ? 41  TRP A CA   1 
ATOM   533 C  CA   C TRP A 1 21 ? 9.183   2.717   -4.164  0.54 11.10  ? 41  TRP A CA   1 
ATOM   534 C  C    A TRP A 1 21 ? 9.353   4.113   -5.075  0.46 9.20   ? 41  TRP A C    1 
ATOM   535 C  C    C TRP A 1 21 ? 9.443   3.936   -5.031  0.54 10.99  ? 41  TRP A C    1 
ATOM   536 O  O    A TRP A 1 21 ? 10.482  4.395   -5.491  0.46 9.95   ? 41  TRP A O    1 
ATOM   537 O  O    C TRP A 1 21 ? 10.568  4.153   -5.495  0.54 13.18  ? 41  TRP A O    1 
ATOM   538 C  CB   A TRP A 1 21 ? 8.405   1.776   -5.078  0.46 13.09  ? 41  TRP A CB   1 
ATOM   539 C  CB   C TRP A 1 21 ? 8.500   1.600   -4.956  0.54 12.25  ? 41  TRP A CB   1 
ATOM   540 C  CG   A TRP A 1 21 ? 9.109   1.398   -6.340  0.46 15.27  ? 41  TRP A CG   1 
ATOM   541 C  CG   C TRP A 1 21 ? 9.275   1.132   -6.142  0.54 15.28  ? 41  TRP A CG   1 
ATOM   542 C  CD1  A TRP A 1 21 ? 10.117  0.494   -6.475  0.46 19.17  ? 41  TRP A CD1  1 
ATOM   543 C  CD1  C TRP A 1 21 ? 10.155  0.096   -6.182  0.54 18.95  ? 41  TRP A CD1  1 
ATOM   544 C  CD2  A TRP A 1 21 ? 8.861   1.919   -7.651  0.46 18.66  ? 41  TRP A CD2  1 
ATOM   545 C  CD2  C TRP A 1 21 ? 9.247   1.691   -7.465  0.54 18.19  ? 41  TRP A CD2  1 
ATOM   546 N  NE1  A TRP A 1 21 ? 10.516  0.420   -7.791  0.46 20.51  ? 41  TRP A NE1  1 
ATOM   547 N  NE1  C TRP A 1 21 ? 10.680  -0.026  -7.446  0.54 20.16  ? 41  TRP A NE1  1 
ATOM   548 C  CE2  A TRP A 1 21 ? 9.756   1.286   -8.531  0.46 19.69  ? 41  TRP A CE2  1 
ATOM   549 C  CE2  C TRP A 1 21 ? 10.139  0.942   -8.254  0.54 19.52  ? 41  TRP A CE2  1 
ATOM   550 C  CE3  A TRP A 1 21 ? 7.968   2.858   -8.165  0.46 18.29  ? 41  TRP A CE3  1 
ATOM   551 C  CE3  C TRP A 1 21 ? 8.545   2.751   -8.057  0.54 19.95  ? 41  TRP A CE3  1 
ATOM   552 C  CZ2  A TRP A 1 21 ? 9.779   1.557   -9.901  0.46 19.96  ? 41  TRP A CZ2  1 
ATOM   553 C  CZ2  C TRP A 1 21 ? 10.352  1.215   -9.610  0.54 21.16  ? 41  TRP A CZ2  1 
ATOM   554 C  CZ3  A TRP A 1 21 ? 7.997   3.128   -9.531  0.46 19.69  ? 41  TRP A CZ3  1 
ATOM   555 C  CZ3  C TRP A 1 21 ? 8.758   3.021   -9.402  0.54 21.32  ? 41  TRP A CZ3  1 
ATOM   556 C  CH2  A TRP A 1 21 ? 8.899   2.486   -10.375 0.46 20.54  ? 41  TRP A CH2  1 
ATOM   557 C  CH2  C TRP A 1 21 ? 9.653   2.262   -10.159 0.54 21.90  ? 41  TRP A CH2  1 
ATOM   558 H  H    A TRP A 1 21 ? 7.597   2.711   -3.017  0.46 11.99  ? 41  TRP A H    1 
ATOM   559 H  H    C TRP A 1 21 ? 7.608   2.680   -2.990  0.54 12.84  ? 41  TRP A H    1 
ATOM   560 H  HA   A TRP A 1 21 ? 9.990   2.495   -3.995  0.46 12.45  ? 41  TRP A HA   1 
ATOM   561 H  HA   C TRP A 1 21 ? 10.038  2.384   -3.850  0.54 13.32  ? 41  TRP A HA   1 
ATOM   562 H  HB2  A TRP A 1 21 ? 8.316   0.974   -4.539  0.46 15.71  ? 41  TRP A HB2  1 
ATOM   563 H  HB2  C TRP A 1 21 ? 8.368   0.839   -4.370  0.54 14.70  ? 41  TRP A HB2  1 
ATOM   564 H  HB3  A TRP A 1 21 ? 7.525   2.107   -5.320  0.46 15.71  ? 41  TRP A HB3  1 
ATOM   565 H  HB3  C TRP A 1 21 ? 7.642   1.922   -5.271  0.54 14.70  ? 41  TRP A HB3  1 
ATOM   566 H  HD1  A TRP A 1 21 ? 10.487  0.001   -5.778  0.46 23.01  ? 41  TRP A HD1  1 
ATOM   567 H  HD1  C TRP A 1 21 ? 10.377  -0.444  -5.458  0.54 22.73  ? 41  TRP A HD1  1 
ATOM   568 H  HE1  A TRP A 1 21 ? 11.136  -0.090  -8.098  0.46 24.61  ? 41  TRP A HE1  1 
ATOM   569 H  HE1  C TRP A 1 21 ? 11.257  -0.615  -7.692  0.54 24.19  ? 41  TRP A HE1  1 
ATOM   570 H  HE3  A TRP A 1 21 ? 7.364   3.293   -7.608  0.46 21.94  ? 41  TRP A HE3  1 
ATOM   571 H  HE3  C TRP A 1 21 ? 7.950   3.264   -7.558  0.54 23.94  ? 41  TRP A HE3  1 
ATOM   572 H  HZ2  A TRP A 1 21 ? 10.381  1.130   -10.467 0.46 23.95  ? 41  TRP A HZ2  1 
ATOM   573 H  HZ2  C TRP A 1 21 ? 10.944  0.709   -10.119 0.54 25.40  ? 41  TRP A HZ2  1 
ATOM   574 H  HZ3  A TRP A 1 21 ? 7.407   3.755   -9.885  0.46 23.62  ? 41  TRP A HZ3  1 
ATOM   575 H  HZ3  C TRP A 1 21 ? 8.303   3.725   -9.804  0.54 25.58  ? 41  TRP A HZ3  1 
ATOM   576 H  HH2  A TRP A 1 21 ? 8.894   2.685   -11.283 0.46 24.64  ? 41  TRP A HH2  1 
ATOM   577 H  HH2  C TRP A 1 21 ? 9.775   2.467   -11.058 0.54 26.27  ? 41  TRP A HH2  1 
ATOM   578 N  N    A ILE A 1 22 ? 8.289   4.885   -5.296  0.46 8.55   ? 42  ILE A N    1 
ATOM   579 N  N    C ILE A 1 22 ? 8.417   4.759   -5.219  0.54 10.46  ? 42  ILE A N    1 
ATOM   580 C  CA   A ILE A 1 22 ? 8.389   6.139   -6.043  0.46 9.33   ? 42  ILE A CA   1 
ATOM   581 C  CA   C ILE A 1 22 ? 8.563   5.961   -6.031  0.54 9.95   ? 42  ILE A CA   1 
ATOM   582 C  C    A ILE A 1 22 ? 9.383   7.082   -5.368  0.46 9.77   ? 42  ILE A C    1 
ATOM   583 C  C    C ILE A 1 22 ? 9.492   6.966   -5.339  0.54 9.15   ? 42  ILE A C    1 
ATOM   584 O  O    A ILE A 1 22 ? 10.228  7.680   -6.031  0.46 10.66  ? 42  ILE A O    1 
ATOM   585 O  O    C ILE A 1 22 ? 10.401  7.499   -5.972  0.54 9.64   ? 42  ILE A O    1 
ATOM   586 C  CB   A ILE A 1 22 ? 6.999   6.823   -6.148  0.46 10.78  ? 42  ILE A CB   1 
ATOM   587 C  CB   C ILE A 1 22 ? 7.182   6.580   -6.320  0.54 10.59  ? 42  ILE A CB   1 
ATOM   588 C  CG1  A ILE A 1 22 ? 6.084   6.047   -7.098  0.46 9.69   ? 42  ILE A CG1  1 
ATOM   589 C  CG1  C ILE A 1 22 ? 6.370   5.667   -7.246  0.54 12.06  ? 42  ILE A CG1  1 
ATOM   590 C  CG2  A ILE A 1 22 ? 7.152   8.270   -6.604  0.46 11.66  ? 42  ILE A CG2  1 
ATOM   591 C  CG2  C ILE A 1 22 ? 7.350   7.958   -6.954  0.54 11.33  ? 42  ILE A CG2  1 
ATOM   592 C  CD1  A ILE A 1 22 ? 4.620   6.486   -7.038  0.46 11.15  ? 42  ILE A CD1  1 
ATOM   593 C  CD1  C ILE A 1 22 ? 4.941   6.094   -7.417  0.54 14.19  ? 42  ILE A CD1  1 
ATOM   594 H  H    A ILE A 1 22 ? 7.494   4.703   -5.023  0.46 10.26  ? 42  ILE A H    1 
ATOM   595 H  H    C ILE A 1 22 ? 7.631   4.645   -4.890  0.54 12.55  ? 42  ILE A H    1 
ATOM   596 H  HA   A ILE A 1 22 ? 8.707   5.954   -6.941  0.46 11.20  ? 42  ILE A HA   1 
ATOM   597 H  HA   C ILE A 1 22 ? 8.965   5.720   -6.880  0.54 11.95  ? 42  ILE A HA   1 
ATOM   598 H  HB   A ILE A 1 22 ? 6.592   6.823   -5.267  0.46 12.93  ? 42  ILE A HB   1 
ATOM   599 H  HB   C ILE A 1 22 ? 6.703   6.680   -5.482  0.54 12.71  ? 42  ILE A HB   1 
ATOM   600 H  HG12 A ILE A 1 22 ? 6.396   6.178   -8.007  0.46 11.63  ? 42  ILE A HG12 1 
ATOM   601 H  HG12 C ILE A 1 22 ? 6.784   5.661   -8.122  0.54 14.48  ? 42  ILE A HG12 1 
ATOM   602 H  HG13 A ILE A 1 22 ? 6.122   5.105   -6.870  0.46 11.63  ? 42  ILE A HG13 1 
ATOM   603 H  HG13 C ILE A 1 22 ? 6.368   4.769   -6.877  0.54 14.48  ? 42  ILE A HG13 1 
ATOM   604 H  HG21 A ILE A 1 22 ? 6.274   8.677   -6.662  0.46 14.00  ? 42  ILE A HG21 1 
ATOM   605 H  HG21 C ILE A 1 22 ? 6.474   8.334   -7.129  0.54 13.60  ? 42  ILE A HG21 1 
ATOM   606 H  HG22 A ILE A 1 22 ? 7.696   8.748   -5.958  0.46 14.00  ? 42  ILE A HG22 1 
ATOM   607 H  HG22 C ILE A 1 22 ? 7.839   8.529   -6.341  0.54 13.60  ? 42  ILE A HG22 1 
ATOM   608 H  HG23 A ILE A 1 22 ? 7.582   8.282   -7.473  0.46 14.00  ? 42  ILE A HG23 1 
ATOM   609 H  HG23 C ILE A 1 22 ? 7.844   7.866   -7.783  0.54 13.60  ? 42  ILE A HG23 1 
ATOM   610 H  HD11 A ILE A 1 22 ? 4.105   5.952   -7.665  0.46 13.38  ? 42  ILE A HD11 1 
ATOM   611 H  HD11 C ILE A 1 22 ? 4.494   5.472   -8.011  0.54 17.02  ? 42  ILE A HD11 1 
ATOM   612 H  HD12 A ILE A 1 22 ? 4.288   6.351   -6.137  0.46 13.38  ? 42  ILE A HD12 1 
ATOM   613 H  HD12 C ILE A 1 22 ? 4.506   6.095   -6.550  0.54 17.02  ? 42  ILE A HD12 1 
ATOM   614 H  HD13 A ILE A 1 22 ? 4.562   7.424   -7.276  0.46 13.38  ? 42  ILE A HD13 1 
ATOM   615 H  HD13 C ILE A 1 22 ? 4.922   6.987   -7.797  0.54 17.02  ? 42  ILE A HD13 1 
ATOM   616 N  N    . LEU A 1 23 ? 9.272   7.214   -4.055  1.00 9.29   ? 43  LEU A N    1 
ATOM   617 C  CA   . LEU A 1 23 ? 10.131  8.143   -3.338  1.00 10.61  ? 43  LEU A CA   1 
ATOM   618 C  C    . LEU A 1 23 ? 11.596  7.694   -3.398  1.00 9.75   ? 43  LEU A C    1 
ATOM   619 O  O    . LEU A 1 23 ? 12.514  8.518   -3.554  1.00 11.20  ? 43  LEU A O    1 
ATOM   620 C  CB   A LEU A 1 23 ? 9.659   8.351   -1.900  0.34 10.42  ? 43  LEU A CB   1 
ATOM   621 C  CB   B LEU A 1 23 ? 9.729   8.263   -1.874  0.44 12.71  ? 43  LEU A CB   1 
ATOM   622 C  CB   C LEU A 1 23 ? 9.661   8.331   -1.896  0.22 9.99   ? 43  LEU A CB   1 
ATOM   623 C  CG   A LEU A 1 23 ? 8.256   8.960   -1.747  0.34 12.08  ? 43  LEU A CG   1 
ATOM   624 C  CG   B LEU A 1 23 ? 8.538   9.139   -1.510  0.44 16.06  ? 43  LEU A CG   1 
ATOM   625 C  CG   C LEU A 1 23 ? 8.292   9.008   -1.745  0.22 9.97   ? 43  LEU A CG   1 
ATOM   626 C  CD1  A LEU A 1 23 ? 7.953   9.262   -0.290  0.34 12.88  ? 43  LEU A CD1  1 
ATOM   627 C  CD1  B LEU A 1 23 ? 8.258   8.975   -0.036  0.44 18.10  ? 43  LEU A CD1  1 
ATOM   628 C  CD1  C LEU A 1 23 ? 7.761   8.864   -0.328  0.22 10.81  ? 43  LEU A CD1  1 
ATOM   629 C  CD2  A LEU A 1 23 ? 8.051   10.222  -2.606  0.34 12.67  ? 43  LEU A CD2  1 
ATOM   630 C  CD2  B LEU A 1 23 ? 8.794   10.595  -1.843  0.44 18.47  ? 43  LEU A CD2  1 
ATOM   631 C  CD2  C LEU A 1 23 ? 8.329   10.487  -2.145  0.22 9.30   ? 43  LEU A CD2  1 
ATOM   632 H  H    A LEU A 1 23 ? 8.716   6.784   -3.561  0.50 11.15  ? 43  LEU A H    1 
ATOM   633 H  H    C LEU A 1 23 ? 8.645   6.865   -3.583  0.50 11.15  ? 43  LEU A H    1 
ATOM   634 H  HA   . LEU A 1 23 ? 10.079  9.006   -3.779  1.00 12.73  ? 43  LEU A HA   1 
ATOM   635 H  HB2  A LEU A 1 23 ? 9.653   7.491   -1.452  0.34 12.51  ? 43  LEU A HB2  1 
ATOM   636 H  HB2  B LEU A 1 23 ? 9.530   7.371   -1.549  0.44 15.26  ? 43  LEU A HB2  1 
ATOM   637 H  HB2  C LEU A 1 23 ? 9.604   7.459   -1.474  0.22 11.98  ? 43  LEU A HB2  1 
ATOM   638 H  HB3  A LEU A 1 23 ? 10.285  8.944   -1.454  0.34 12.51  ? 43  LEU A HB3  1 
ATOM   639 H  HB3  B LEU A 1 23 ? 10.492  8.612   -1.387  0.44 15.26  ? 43  LEU A HB3  1 
ATOM   640 H  HB3  C LEU A 1 23 ? 10.311  8.877   -1.428  0.22 11.98  ? 43  LEU A HB3  1 
ATOM   641 H  HG   A LEU A 1 23 ? 7.608   8.303   -2.045  0.34 14.49  ? 43  LEU A HG   1 
ATOM   642 H  HG   B LEU A 1 23 ? 7.757   8.844   -2.005  0.44 19.27  ? 43  LEU A HG   1 
ATOM   643 H  HG   C LEU A 1 23 ? 7.664   8.564   -2.337  0.22 11.97  ? 43  LEU A HG   1 
ATOM   644 H  HD11 A LEU A 1 23 ? 7.064   9.644   -0.226  0.34 15.46  ? 43  LEU A HD11 1 
ATOM   645 H  HD11 B LEU A 1 23 ? 7.500   9.530   0.204   0.44 21.72  ? 43  LEU A HD11 1 
ATOM   646 H  HD11 C LEU A 1 23 ? 6.897   9.302   -0.269  0.22 12.97  ? 43  LEU A HD11 1 
ATOM   647 H  HD12 A LEU A 1 23 ? 7.996   8.438   0.219   0.34 15.46  ? 43  LEU A HD12 1 
ATOM   648 H  HD12 B LEU A 1 23 ? 8.057   8.044   0.145   0.44 21.72  ? 43  LEU A HD12 1 
ATOM   649 H  HD12 C LEU A 1 23 ? 7.669   7.921   -0.121  0.22 12.97  ? 43  LEU A HD12 1 
ATOM   650 H  HD13 A LEU A 1 23 ? 8.610   9.893   0.045   0.34 15.46  ? 43  LEU A HD13 1 
ATOM   651 H  HD13 B LEU A 1 23 ? 9.042   9.249   0.467   0.44 21.72  ? 43  LEU A HD13 1 
ATOM   652 H  HD13 C LEU A 1 23 ? 8.386   9.279   0.286   0.22 12.97  ? 43  LEU A HD13 1 
ATOM   653 H  HD21 A LEU A 1 23 ? 7.152   10.555  -2.465  0.34 15.20  ? 43  LEU A HD21 1 
ATOM   654 H  HD21 B LEU A 1 23 ? 8.015   11.118  -1.596  0.44 22.16  ? 43  LEU A HD21 1 
ATOM   655 H  HD21 C LEU A 1 23 ? 7.443   10.866  -2.031  0.22 11.16  ? 43  LEU A HD21 1 
ATOM   656 H  HD22 A LEU A 1 23 ? 8.700   10.893  -2.340  0.34 15.20  ? 43  LEU A HD22 1 
ATOM   657 H  HD22 B LEU A 1 23 ? 9.568   10.901  -1.345  0.44 22.16  ? 43  LEU A HD22 1 
ATOM   658 H  HD22 C LEU A 1 23 ? 8.964   10.951  -1.577  0.22 11.16  ? 43  LEU A HD22 1 
ATOM   659 H  HD23 A LEU A 1 23 ? 8.177   9.991   -3.539  0.34 15.20  ? 43  LEU A HD23 1 
ATOM   660 H  HD23 B LEU A 1 23 ? 8.959   10.677  -2.795  0.44 22.16  ? 43  LEU A HD23 1 
ATOM   661 H  HD23 C LEU A 1 23 ? 8.603   10.555  -3.073  0.22 11.16  ? 43  LEU A HD23 1 
ATOM   662 N  N    A ASP A 1 24 ? 11.819  6.384   -3.280  0.55 10.32  ? 44  ASP A N    1 
ATOM   663 N  N    B ASP A 1 24 ? 11.832  6.396   -3.325  0.45 10.09  ? 44  ASP A N    1 
ATOM   664 C  CA   A ASP A 1 24 ? 13.157  5.780   -3.353  0.55 12.50  ? 44  ASP A CA   1 
ATOM   665 C  CA   B ASP A 1 24 ? 13.196  5.905   -3.376  0.45 10.00  ? 44  ASP A CA   1 
ATOM   666 C  C    A ASP A 1 24 ? 13.800  6.096   -4.709  0.55 11.27  ? 44  ASP A C    1 
ATOM   667 C  C    B ASP A 1 24 ? 13.792  6.073   -4.768  0.45 10.35  ? 44  ASP A C    1 
ATOM   668 O  O    A ASP A 1 24 ? 14.995  6.370   -4.788  0.55 13.27  ? 44  ASP A O    1 
ATOM   669 O  O    B ASP A 1 24 ? 14.947  6.481   -4.905  0.45 11.42  ? 44  ASP A O    1 
ATOM   670 C  CB   A ASP A 1 24 ? 13.028  4.253   -3.129  0.55 15.22  ? 44  ASP A CB   1 
ATOM   671 C  CB   B ASP A 1 24 ? 13.245  4.443   -2.936  0.45 11.31  ? 44  ASP A CB   1 
ATOM   672 C  CG   A ASP A 1 24 ? 14.361  3.500   -3.154  0.55 19.01  ? 44  ASP A CG   1 
ATOM   673 C  CG   B ASP A 1 24 ? 13.047  4.289   -1.448  0.45 16.12  ? 44  ASP A CG   1 
ATOM   674 O  OD1  A ASP A 1 24 ? 14.878  3.137   -2.073  0.55 19.40  ? 44  ASP A OD1  1 
ATOM   675 O  OD1  B ASP A 1 24 ? 13.239  5.276   -0.716  0.45 16.67  ? 44  ASP A OD1  1 
ATOM   676 O  OD2  A ASP A 1 24 ? 14.858  3.225   -4.253  0.55 23.08  ? 44  ASP A OD2  1 
ATOM   677 O  OD2  B ASP A 1 24 ? 12.689  3.189   -1.009  0.45 20.07  ? 44  ASP A OD2  1 
ATOM   678 H  H    A ASP A 1 24 ? 11.195  5.807   -3.153  0.55 12.38  ? 44  ASP A H    1 
ATOM   679 H  H    B ASP A 1 24 ? 11.231  5.786   -3.247  0.45 12.11  ? 44  ASP A H    1 
ATOM   680 H  HA   A ASP A 1 24 ? 13.718  6.148   -2.653  0.55 15.01  ? 44  ASP A HA   1 
ATOM   681 H  HA   B ASP A 1 24 ? 13.737  6.419   -2.757  0.45 12.01  ? 44  ASP A HA   1 
ATOM   682 H  HB2  A ASP A 1 24 ? 12.618  4.100   -2.264  0.55 18.26  ? 44  ASP A HB2  1 
ATOM   683 H  HB2  B ASP A 1 24 ? 12.540  3.952   -3.387  0.45 13.58  ? 44  ASP A HB2  1 
ATOM   684 H  HB3  A ASP A 1 24 ? 12.467  3.883   -3.828  0.55 18.26  ? 44  ASP A HB3  1 
ATOM   685 H  HB3  B ASP A 1 24 ? 14.110  4.070   -3.166  0.45 13.58  ? 44  ASP A HB3  1 
ATOM   686 N  N    A ARG A 1 25 ? 13.019  6.071   -5.779  0.55 11.16  ? 45  ARG A N    1 
ATOM   687 N  N    B ARG A 1 25 ? 13.028  5.757   -5.806  0.45 11.17  ? 45  ARG A N    1 
ATOM   688 C  CA   A ARG A 1 25 ? 13.537  6.343   -7.117  0.55 11.85  ? 45  ARG A CA   1 
ATOM   689 C  CA   B ARG A 1 25 ? 13.523  5.900   -7.172  0.45 12.93  ? 45  ARG A CA   1 
ATOM   690 C  C    A ARG A 1 25 ? 13.681  7.844   -7.431  0.55 11.96  ? 45  ARG A C    1 
ATOM   691 C  C    B ARG A 1 25 ? 13.907  7.324   -7.473  0.45 12.97  ? 45  ARG A C    1 
ATOM   692 O  O    A ARG A 1 25 ? 14.536  8.248   -8.222  0.55 13.79  ? 45  ARG A O    1 
ATOM   693 O  O    B ARG A 1 25 ? 14.902  7.577   -8.141  0.45 14.80  ? 45  ARG A O    1 
ATOM   694 C  CB   A ARG A 1 25 ? 12.618  5.694   -8.142  0.55 15.07  ? 45  ARG A CB   1 
ATOM   695 C  CB   B ARG A 1 25 ? 12.477  5.468   -8.184  0.45 14.60  ? 45  ARG A CB   1 
ATOM   696 C  CG   A ARG A 1 25 ? 12.403  4.187   -7.942  0.55 21.49  ? 45  ARG A CG   1 
ATOM   697 C  CG   B ARG A 1 25 ? 12.395  3.962   -8.398  0.45 20.26  ? 45  ARG A CG   1 
ATOM   698 C  CD   A ARG A 1 25 ? 12.697  3.386   -9.198  0.55 27.13  ? 45  ARG A CD   1 
ATOM   699 C  CD   B ARG A 1 25 ? 13.586  3.415   -9.197  0.45 27.13  ? 45  ARG A CD   1 
ATOM   700 N  NE   A ARG A 1 25 ? 12.356  4.148   -10.393 0.55 30.24  ? 45  ARG A NE   1 
ATOM   701 N  NE   B ARG A 1 25 ? 13.140  2.408   -10.163 0.45 31.35  ? 45  ARG A NE   1 
ATOM   702 C  CZ   A ARG A 1 25 ? 12.694  3.814   -11.629 0.55 31.34  ? 45  ARG A CZ   1 
ATOM   703 C  CZ   B ARG A 1 25 ? 13.943  1.660   -10.910 0.45 33.45  ? 45  ARG A CZ   1 
ATOM   704 N  NH1  A ARG A 1 25 ? 13.376  2.707   -11.880 0.55 32.45  ? 45  ARG A NH1  1 
ATOM   705 N  NH1  B ARG A 1 25 ? 15.259  1.784   -10.815 0.45 34.01  ? 45  ARG A NH1  1 
ATOM   706 N  NH2  A ARG A 1 25 ? 12.336  4.609   -12.619 0.55 31.09  ? 45  ARG A NH2  1 
ATOM   707 N  NH2  B ARG A 1 25 ? 13.421  0.779   -11.753 0.45 34.41  ? 45  ARG A NH2  1 
ATOM   708 H  H    A ARG A 1 25 ? 12.177  5.897   -5.759  0.55 13.40  ? 45  ARG A H    1 
ATOM   709 H  H    B ARG A 1 25 ? 12.222  5.460   -5.749  0.45 13.41  ? 45  ARG A H    1 
ATOM   710 H  HA   A ARG A 1 25 ? 14.413  5.937   -7.202  0.55 14.22  ? 45  ARG A HA   1 
ATOM   711 H  HA   B ARG A 1 25 ? 14.307  5.342   -7.288  0.45 15.52  ? 45  ARG A HA   1 
ATOM   712 H  HB2  A ARG A 1 25 ? 11.749  6.124   -8.095  0.55 18.08  ? 45  ARG A HB2  1 
ATOM   713 H  HB2  B ARG A 1 25 ? 11.607  5.770   -7.879  0.45 17.52  ? 45  ARG A HB2  1 
ATOM   714 H  HB3  A ARG A 1 25 ? 12.999  5.823   -9.025  0.55 18.08  ? 45  ARG A HB3  1 
ATOM   715 H  HB3  B ARG A 1 25 ? 12.683  5.877   -9.039  0.45 17.52  ? 45  ARG A HB3  1 
ATOM   716 H  HG2  A ARG A 1 25 ? 12.995  3.872   -7.241  0.55 25.79  ? 45  ARG A HG2  1 
ATOM   717 H  HG2  B ARG A 1 25 ? 12.383  3.519   -7.535  0.45 24.31  ? 45  ARG A HG2  1 
ATOM   718 H  HG3  A ARG A 1 25 ? 11.479  4.029   -7.694  0.55 25.79  ? 45  ARG A HG3  1 
ATOM   719 H  HG3  B ARG A 1 25 ? 11.584  3.756   -8.889  0.45 24.31  ? 45  ARG A HG3  1 
ATOM   720 H  HD2  A ARG A 1 25 ? 13.643  3.173   -9.230  0.55 32.56  ? 45  ARG A HD2  1 
ATOM   721 H  HD2  B ARG A 1 25 ? 14.009  4.140   -9.683  0.45 32.56  ? 45  ARG A HD2  1 
ATOM   722 H  HD3  A ARG A 1 25 ? 12.167  2.573   -9.192  0.55 32.56  ? 45  ARG A HD3  1 
ATOM   723 H  HD3  B ARG A 1 25 ? 14.218  3.000   -8.590  0.45 32.56  ? 45  ARG A HD3  1 
ATOM   724 H  HE   A ARG A 1 25 ? 11.899  4.869   -10.287 0.55 36.29  ? 45  ARG A HE   1 
ATOM   725 H  HE   B ARG A 1 25 ? 12.293  2.293   -10.253 0.45 37.62  ? 45  ARG A HE   1 
ATOM   726 H  HH11 A ARG A 1 25 ? 13.613  2.192   -11.233 0.55 38.94  ? 45  ARG A HH11 1 
ATOM   727 H  HH11 B ARG A 1 25 ? 15.599  2.356   -10.268 0.45 40.82  ? 45  ARG A HH11 1 
ATOM   728 H  HH12 A ARG A 1 25 ? 13.584  2.504   -12.690 0.55 38.94  ? 45  ARG A HH12 1 
ATOM   729 H  HH12 B ARG A 1 25 ? 15.774  1.296   -11.301 0.45 40.82  ? 45  ARG A HH12 1 
ATOM   730 H  HH21 A ARG A 1 25 ? 11.889  5.325   -12.456 0.55 37.31  ? 45  ARG A HH21 1 
ATOM   731 H  HH21 B ARG A 1 25 ? 12.567  0.697   -11.814 0.45 41.29  ? 45  ARG A HH21 1 
ATOM   732 H  HH22 A ARG A 1 25 ? 12.539  4.403   -13.430 0.55 37.31  ? 45  ARG A HH22 1 
ATOM   733 H  HH22 B ARG A 1 25 ? 13.936  0.290   -12.238 0.45 41.29  ? 45  ARG A HH22 1 
ATOM   734 N  N    A LEU A 1 26 ? 12.857  8.679   -6.801  0.55 11.64  ? 46  LEU A N    1 
ATOM   735 N  N    B LEU A 1 26 ? 13.121  8.262   -6.969  0.45 13.07  ? 46  LEU A N    1 
ATOM   736 C  CA   A LEU A 1 26 ? 12.994  10.124  -6.938  0.55 12.07  ? 46  LEU A CA   1 
ATOM   737 C  CA   B LEU A 1 26 ? 13.362  9.655   -7.260  0.45 12.54  ? 46  LEU A CA   1 
ATOM   738 C  C    A LEU A 1 26 ? 14.154  10.659  -6.093  0.55 12.40  ? 46  LEU A C    1 
ATOM   739 C  C    B LEU A 1 26 ? 14.319  10.301  -6.280  0.45 11.04  ? 46  LEU A C    1 
ATOM   740 O  O    A LEU A 1 26 ? 14.730  9.938   -5.263  0.55 16.07  ? 46  LEU A O    1 
ATOM   741 O  O    B LEU A 1 26 ? 14.546  9.830   -5.129  0.45 12.10  ? 46  LEU A O    1 
ATOM   742 C  CB   A LEU A 1 26 ? 11.729  10.830  -6.482  0.55 11.35  ? 46  LEU A CB   1 
ATOM   743 C  CB   B LEU A 1 26 ? 12.055  10.428  -7.254  0.45 14.68  ? 46  LEU A CB   1 
ATOM   744 C  CG   A LEU A 1 26 ? 10.502  10.640  -7.363  0.55 11.26  ? 46  LEU A CG   1 
ATOM   745 C  CG   B LEU A 1 26 ? 11.228  10.309  -8.536  0.45 19.95  ? 46  LEU A CG   1 
ATOM   746 C  CD1  A LEU A 1 26 ? 9.299   11.241  -6.651  0.55 12.24  ? 46  LEU A CD1  1 
ATOM   747 C  CD1  B LEU A 1 26 ? 10.958  8.873   -8.892  0.45 23.04  ? 46  LEU A CD1  1 
ATOM   748 C  CD2  A LEU A 1 26 ? 10.651  11.304  -8.727  0.55 13.30  ? 46  LEU A CD2  1 
ATOM   749 C  CD2  B LEU A 1 26 ? 9.918   11.075  -8.401  0.45 21.46  ? 46  LEU A CD2  1 
ATOM   750 H  H    A LEU A 1 26 ? 12.212  8.433   -6.289  0.55 13.97  ? 46  LEU A H    1 
ATOM   751 H  H    B LEU A 1 26 ? 12.445  8.114   -6.458  0.45 15.69  ? 46  LEU A H    1 
ATOM   752 H  HA   A LEU A 1 26 ? 13.158  10.349  -7.868  0.55 14.48  ? 46  LEU A HA   1 
ATOM   753 H  HA   B LEU A 1 26 ? 13.748  9.728   -8.147  0.45 15.05  ? 46  LEU A HA   1 
ATOM   754 H  HB2  A LEU A 1 26 ? 11.501  10.507  -5.596  0.55 13.62  ? 46  LEU A HB2  1 
ATOM   755 H  HB2  B LEU A 1 26 ? 11.508  10.103  -6.522  0.45 17.61  ? 46  LEU A HB2  1 
ATOM   756 H  HB3  A LEU A 1 26 ? 11.910  11.782  -6.440  0.55 13.62  ? 46  LEU A HB3  1 
ATOM   757 H  HB3  B LEU A 1 26 ? 12.253  11.367  -7.119  0.45 17.61  ? 46  LEU A HB3  1 
ATOM   758 H  HG   A LEU A 1 26 ? 10.341  9.693   -7.496  0.55 13.51  ? 46  LEU A HG   1 
ATOM   759 H  HG   B LEU A 1 26 ? 11.727  10.706  -9.267  0.45 23.94  ? 46  LEU A HG   1 
ATOM   760 H  HD11 A LEU A 1 26 ? 8.513   11.124  -7.207  0.55 14.69  ? 46  LEU A HD11 1 
ATOM   761 H  HD11 B LEU A 1 26 ? 10.433  8.843   -9.708  0.45 27.65  ? 46  LEU A HD11 1 
ATOM   762 H  HD12 A LEU A 1 26 ? 9.176   10.788  -5.802  0.55 14.69  ? 46  LEU A HD12 1 
ATOM   763 H  HD12 B LEU A 1 26 ? 11.803  8.416   -9.026  0.45 27.65  ? 46  LEU A HD12 1 
ATOM   764 H  HD13 A LEU A 1 26 ? 9.461   12.186  -6.501  0.55 14.69  ? 46  LEU A HD13 1 
ATOM   765 H  HD13 B LEU A 1 26 ? 10.467  8.454   -8.167  0.45 27.65  ? 46  LEU A HD13 1 
ATOM   766 H  HD21 A LEU A 1 26 ? 9.844   11.152  -9.242  0.55 15.96  ? 46  LEU A HD21 1 
ATOM   767 H  HD21 B LEU A 1 26 ? 9.413   10.984  -9.225  0.45 25.75  ? 46  LEU A HD21 1 
ATOM   768 H  HD22 A LEU A 1 26 ? 10.787  12.257  -8.600  0.55 15.96  ? 46  LEU A HD22 1 
ATOM   769 H  HD22 B LEU A 1 26 ? 9.411   10.705  -7.661  0.45 25.75  ? 46  LEU A HD22 1 
ATOM   770 H  HD23 A LEU A 1 26 ? 11.414  10.918  -9.183  0.55 15.96  ? 46  LEU A HD23 1 
ATOM   771 H  HD23 B LEU A 1 26 ? 10.114  12.010  -8.234  0.45 25.75  ? 46  LEU A HD23 1 
HETATM 772 N  N    A NH2 A 1 27 ? 14.440  11.948  -6.229  0.24 7.91   ? 47  NH2 A N    1 
HETATM 773 N  N    B NH2 A 1 27 ? 14.848  11.426  -6.706  0.76 10.52  ? 47  NH2 A N    1 
HETATM 774 H  HN1  A NH2 A 1 27 ? 15.192  12.361  -5.687  0.24 9.49   ? 47  NH2 A HN1  1 
HETATM 775 H  HN1  B NH2 A 1 27 ? 15.498  11.936  -6.116  0.76 12.63  ? 47  NH2 A HN1  1 
HETATM 776 H  HN2  A NH2 A 1 27 ? 13.934  12.512  -6.904  0.24 9.49   ? 47  NH2 A HN2  1 
HETATM 777 H  HN2  B NH2 A 1 27 ? 14.627  11.772  -7.634  0.76 12.63  ? 47  NH2 A HN2  1 
HETATM 778 CA CA   . CA  B 2 .  ? -18.301 -5.794  0.516   0.25 6.89   ? 101 CA  A CA   1 
HETATM 779 CL CL   . CL  C 3 .  ? -13.263 -5.906  -1.330  0.25 7.87   ? 102 CL  A CL   1 
HETATM 780 CA CA   . CA  D 2 .  ? -13.192 -12.045 7.497   0.31 8.87   ? 103 CA  A CA   1 
HETATM 781 C  C1   . EDO E 4 .  ? 6.686   -2.026  -7.546  1.00 50.45  ? 104 EDO A C1   1 
HETATM 782 O  O1   . EDO E 4 .  ? 7.801   -1.458  -8.241  1.00 119.88 ? 104 EDO A O1   1 
HETATM 783 C  C2   . EDO E 4 .  ? 6.384   -1.231  -6.286  1.00 117.45 ? 104 EDO A C2   1 
HETATM 784 O  O2   . EDO E 4 .  ? 5.010   -1.409  -5.932  1.00 46.25  ? 104 EDO A O2   1 
HETATM 785 H  H11  . EDO E 4 .  ? 6.910   -3.061  -7.282  1.00 60.54  ? 104 EDO A H11  1 
HETATM 786 H  H12  . EDO E 4 .  ? 5.810   -2.025  -8.198  1.00 60.54  ? 104 EDO A H12  1 
HETATM 787 H  HO1  . EDO E 4 .  ? 7.980   -1.974  -9.039  1.00 143.86 ? 104 EDO A HO1  1 
HETATM 788 H  H21  . EDO E 4 .  ? 6.587   -0.171  -6.459  1.00 140.94 ? 104 EDO A H21  1 
HETATM 789 H  H22  . EDO E 4 .  ? 7.024   -1.572  -5.470  1.00 140.94 ? 104 EDO A H22  1 
HETATM 790 H  HO2  . EDO E 4 .  ? 4.815   -0.904  -5.130  1.00 55.50  ? 104 EDO A HO2  1 
HETATM 791 C  C1   . OLB F 5 .  ? -8.343  -9.144  10.563  0.68 52.02  ? 105 OLB A C1   1 
HETATM 792 C  C2   . OLB F 5 .  ? -6.871  -8.848  10.266  0.68 42.49  ? 105 OLB A C2   1 
HETATM 793 C  C3   . OLB F 5 .  ? -6.692  -7.332  10.005  0.68 38.51  ? 105 OLB A C3   1 
HETATM 794 C  C4   . OLB F 5 .  ? -5.239  -6.954  10.192  0.68 64.61  ? 105 OLB A C4   1 
HETATM 795 C  C5   . OLB F 5 .  ? -4.395  -7.569  9.066   0.68 41.50  ? 105 OLB A C5   1 
HETATM 796 O  O19  . OLB F 5 .  ? -8.815  -8.856  11.652  0.68 95.58  ? 105 OLB A O19  1 
HETATM 797 O  O20  . OLB F 5 .  ? -9.131  -9.852  9.615   0.68 76.46  ? 105 OLB A O20  1 
HETATM 798 C  C21  . OLB F 5 .  ? -10.483 -10.113 10.056  0.68 37.10  ? 105 OLB A C21  1 
HETATM 799 C  C22  . OLB F 5 .  ? -11.394 -10.278 8.842   0.68 46.21  ? 105 OLB A C22  1 
HETATM 800 O  O23  . OLB F 5 .  ? -10.951 -11.369 8.069   0.68 23.88  ? 105 OLB A O23  1 
HETATM 801 C  C24  . OLB F 5 .  ? -12.786 -10.527 9.301   0.68 18.26  ? 105 OLB A C24  1 
HETATM 802 O  O25  . OLB F 5 .  ? -13.613 -10.759 8.201   0.68 60.08  ? 105 OLB A O25  1 
HETATM 803 C  C6   . OLB F 5 .  ? -2.910  -7.162  9.258   0.68 29.84  ? 105 OLB A C6   1 
HETATM 804 C  C7   . OLB F 5 .  ? -2.041  -7.792  8.120   0.68 28.00  ? 105 OLB A C7   1 
HETATM 805 C  C8   . OLB F 5 .  ? -0.560  -7.902  8.600   0.68 36.17  ? 105 OLB A C8   1 
HETATM 806 C  C9   . OLB F 5 .  ? 0.358   -7.981  7.397   0.68 37.22  ? 105 OLB A C9   1 
HETATM 807 C  C10  . OLB F 5 .  ? 1.738   -8.035  7.576   0.68 51.98  ? 105 OLB A C10  1 
HETATM 808 C  C11  . OLB F 5 .  ? 2.678   -7.930  6.352   0.68 39.70  ? 105 OLB A C11  1 
HETATM 809 H  H2   . OLB F 5 .  ? -6.319  -9.114  11.043  0.68 50.99  ? 105 OLB A H2   1 
HETATM 810 H  H2A  . OLB F 5 .  ? -6.588  -9.354  9.478   0.68 50.99  ? 105 OLB A H2A  1 
HETATM 811 H  H3   . OLB F 5 .  ? -6.970  -7.121  9.087   0.68 46.21  ? 105 OLB A H3   1 
HETATM 812 H  H3A  . OLB F 5 .  ? -7.243  -6.828  10.635  0.68 46.21  ? 105 OLB A H3A  1 
HETATM 813 H  H4   . OLB F 5 .  ? -4.924  -7.287  11.055  0.68 77.53  ? 105 OLB A H4   1 
HETATM 814 H  H4A  . OLB F 5 .  ? -5.152  -5.990  10.168  0.68 77.53  ? 105 OLB A H4A  1 
HETATM 815 H  H5   . OLB F 5 .  ? -4.471  -8.540  9.096   0.68 49.80  ? 105 OLB A H5   1 
HETATM 816 H  H5A  . OLB F 5 .  ? -4.714  -7.243  8.203   0.68 49.80  ? 105 OLB A H5A  1 
HETATM 817 H  H21  . OLB F 5 .  ? -10.499 -10.946 10.598  0.68 44.52  ? 105 OLB A H21  1 
HETATM 818 H  H21A . OLB F 5 .  ? -10.799 -9.360  10.603  0.68 44.52  ? 105 OLB A H21A 1 
HETATM 819 H  H22  . OLB F 5 .  ? -11.368 -9.466  8.303   0.68 55.45  ? 105 OLB A H22  1 
HETATM 820 H  HO23 . OLB F 5 .  ? -11.598 -11.614 7.495   0.68 28.66  ? 105 OLB A HO23 1 
HETATM 821 H  H24  . OLB F 5 .  ? -12.797 -11.314 9.889   0.68 21.91  ? 105 OLB A H24  1 
HETATM 822 H  H24A . OLB F 5 .  ? -13.107 -9.752  9.794   0.68 21.91  ? 105 OLB A H24A 1 
HETATM 823 H  HO25 . OLB F 5 .  ? -13.415 -10.205 7.561   0.68 72.10  ? 105 OLB A HO25 1 
HETATM 824 H  H16  . OLB F 5 .  ? -2.835  -6.182  9.227   0.68 35.81  ? 105 OLB A H16  1 
HETATM 825 H  H17  . OLB F 5 .  ? -2.595  -7.484  10.125  0.68 35.81  ? 105 OLB A H17  1 
HETATM 826 H  H18  . OLB F 5 .  ? -2.385  -8.695  7.901   0.68 33.60  ? 105 OLB A H18  1 
HETATM 827 H  H19  . OLB F 5 .  ? -2.084  -7.220  7.316   0.68 33.60  ? 105 OLB A H19  1 
HETATM 828 H  H20  . OLB F 5 .  ? -0.329  -7.111  9.133   0.68 43.40  ? 105 OLB A H20  1 
HETATM 829 H  H211 . OLB F 5 .  ? -0.451  -8.707  9.146   0.68 43.40  ? 105 OLB A H211 1 
HETATM 830 H  H221 . OLB F 5 .  ? -0.013  -7.946  6.504   0.68 44.66  ? 105 OLB A H221 1 
HETATM 831 C  C12  . OLB F 5 .  ? 3.306   -6.516  6.295   0.68 79.82  ? 105 OLB A C12  1 
HETATM 832 H  H23  . OLB F 5 .  ? 2.117   -8.104  8.487   0.68 62.38  ? 105 OLB A H23  1 
HETATM 833 H  H241 . OLB F 5 .  ? 3.387   -8.597  6.429   0.68 47.64  ? 105 OLB A H241 1 
HETATM 834 C  C13  . OLB F 5 .  ? 4.077   -6.354  4.979   0.68 41.34  ? 105 OLB A C13  1 
HETATM 835 H  H25  . OLB F 5 .  ? 2.159   -8.095  5.523   0.68 47.64  ? 105 OLB A H25  1 
HETATM 836 C  C14  . OLB F 5 .  ? 4.694   -4.952  4.917   0.68 36.37  ? 105 OLB A C14  1 
HETATM 837 H  H26  . OLB F 5 .  ? 3.926   -6.399  7.056   0.68 95.78  ? 105 OLB A H26  1 
HETATM 838 H  H27  . OLB F 5 .  ? 2.601   -5.846  6.342   0.68 95.78  ? 105 OLB A H27  1 
HETATM 839 H  H28  . OLB F 5 .  ? 4.776   -7.015  4.934   0.68 49.61  ? 105 OLB A H28  1 
HETATM 840 C  C15  . OLB F 5 .  ? 5.944   -4.898  5.822   0.68 49.11  ? 105 OLB A C15  1 
HETATM 841 H  H29  . OLB F 5 .  ? 3.460   -6.476  4.221   0.68 49.61  ? 105 OLB A H29  1 
HETATM 842 C  C16  . OLB F 5 .  ? 6.726   -3.611  5.536   0.68 44.68  ? 105 OLB A C16  1 
HETATM 843 H  H30  . OLB F 5 .  ? 4.955   -4.745  3.977   0.68 43.64  ? 105 OLB A H30  1 
HETATM 844 H  H31  . OLB F 5 .  ? 4.040   -4.294  5.226   0.68 43.64  ? 105 OLB A H31  1 
HETATM 845 H  H32  . OLB F 5 .  ? 5.671   -4.909  6.752   0.68 58.93  ? 105 OLB A H32  1 
HETATM 846 C  C17  . OLB F 5 .  ? 8.033   -3.631  6.308   0.68 30.07  ? 105 OLB A C17  1 
HETATM 847 H  H33  . OLB F 5 .  ? 6.520   -5.682  5.639   0.68 58.93  ? 105 OLB A H33  1 
HETATM 848 C  C18  . OLB F 5 .  ? 8.901   -2.431  5.881   0.68 24.28  ? 105 OLB A C18  1 
HETATM 849 H  H34  . OLB F 5 .  ? 6.914   -3.552  4.586   0.68 53.62  ? 105 OLB A H34  1 
HETATM 850 H  H35  . OLB F 5 .  ? 6.193   -2.834  5.815   0.68 53.62  ? 105 OLB A H35  1 
HETATM 851 H  H36  . OLB F 5 .  ? 7.846   -3.573  7.279   0.68 36.08  ? 105 OLB A H36  1 
HETATM 852 H  H37  . OLB F 5 .  ? 8.511   -4.463  6.117   0.68 36.08  ? 105 OLB A H37  1 
HETATM 853 H  H38  . OLB F 5 .  ? 9.705   -2.391  6.445   0.68 29.14  ? 105 OLB A H38  1 
HETATM 854 H  H39  . OLB F 5 .  ? 8.384   -1.597  5.986   0.68 29.14  ? 105 OLB A H39  1 
HETATM 855 H  H40  . OLB F 5 .  ? 9.164   -2.537  4.943   0.68 29.14  ? 105 OLB A H40  1 
HETATM 856 C  C1   . OLB G 5 .  ? -8.121  -2.232  9.240   0.72 42.46  ? 106 OLB A C1   1 
HETATM 857 C  C2   . OLB G 5 .  ? -6.858  -2.885  8.668   0.72 41.14  ? 106 OLB A C2   1 
HETATM 858 C  C3   . OLB G 5 .  ? -5.646  -1.952  8.899   0.72 48.97  ? 106 OLB A C3   1 
HETATM 859 C  C4   . OLB G 5 .  ? -4.475  -2.436  8.072   0.72 50.16  ? 106 OLB A C4   1 
HETATM 860 C  C5   . OLB G 5 .  ? -3.246  -1.562  8.359   0.72 48.18  ? 106 OLB A C5   1 
HETATM 861 O  O19  . OLB G 5 .  ? -8.710  -1.377  8.597   0.72 164.55 ? 106 OLB A O19  1 
HETATM 862 O  O20  . OLB G 5 .  ? -8.554  -2.556  10.555  0.72 89.72  ? 106 OLB A O20  1 
HETATM 863 C  C21  . OLB G 5 .  ? -9.836  -3.221  10.601  0.72 90.41  ? 106 OLB A C21  1 
HETATM 864 C  C22  . OLB G 5 .  ? -10.898 -2.323  9.967   0.72 130.57 ? 106 OLB A C22  1 
HETATM 865 O  O23  . OLB G 5 .  ? -11.064 -2.675  8.611   0.72 27.19  ? 106 OLB A O23  1 
HETATM 866 C  C24  . OLB G 5 .  ? -12.198 -2.495  10.692  0.72 73.19  ? 106 OLB A C24  1 
HETATM 867 O  O25  . OLB G 5 .  ? -12.309 -3.803  11.170  0.72 34.78  ? 106 OLB A O25  1 
HETATM 868 C  C6   . OLB G 5 .  ? -1.986  -2.228  7.747   0.72 40.95  ? 106 OLB A C6   1 
HETATM 869 C  C7   . OLB G 5 .  ? -0.843  -1.168  7.614   0.72 35.98  ? 106 OLB A C7   1 
HETATM 870 C  C8   . OLB G 5 .  ? 0.510   -1.896  7.335   0.72 50.64  ? 106 OLB A C8   1 
HETATM 871 C  C9   . OLB G 5 .  ? 1.482   -0.928  6.693   0.72 81.98  ? 106 OLB A C9   1 
HETATM 872 C  C10  . OLB G 5 .  ? 2.835   -0.979  7.017   0.72 89.15  ? 106 OLB A C10  1 
HETATM 873 C  C11  . OLB G 5 .  ? 3.676   0.318   7.027   0.72 126.40 ? 106 OLB A C11  1 
HETATM 874 H  H2   . OLB G 5 .  ? -6.700  -3.750  9.121   0.72 49.37  ? 106 OLB A H2   1 
HETATM 875 H  H2A  . OLB G 5 .  ? -6.975  -3.037  7.709   0.72 49.37  ? 106 OLB A H2A  1 
HETATM 876 H  H3   . OLB G 5 .  ? -5.880  -1.038  8.631   0.72 58.76  ? 106 OLB A H3   1 
HETATM 877 H  H3A  . OLB G 5 .  ? -5.402  -1.962  9.845   0.72 58.76  ? 106 OLB A H3A  1 
HETATM 878 H  H4   . OLB G 5 .  ? -4.700  -2.378  7.123   0.72 60.19  ? 106 OLB A H4   1 
HETATM 879 H  H4A  . OLB G 5 .  ? -4.276  -3.355  8.301   0.72 60.19  ? 106 OLB A H4A  1 
HETATM 880 H  H5   . OLB G 5 .  ? -3.373  -0.682  7.963   0.72 57.82  ? 106 OLB A H5   1 
HETATM 881 H  H5A  . OLB G 5 .  ? -3.129  -1.470  9.324   0.72 57.82  ? 106 OLB A H5A  1 
HETATM 882 H  H21  . OLB G 5 .  ? -9.780  -4.077  10.100  0.72 108.49 ? 106 OLB A H21  1 
HETATM 883 H  H21A . OLB G 5 .  ? -10.074 -3.404  11.537  0.72 108.49 ? 106 OLB A H21A 1 
HETATM 884 H  H22  . OLB G 5 .  ? -10.583 -1.396  9.996   0.72 156.68 ? 106 OLB A H22  1 
HETATM 885 H  HO23 . OLB G 5 .  ? -11.376 -3.514  8.543   0.72 32.63  ? 106 OLB A HO23 1 
HETATM 886 H  H24  . OLB G 5 .  ? -12.277 -1.885  11.463  0.72 87.83  ? 106 OLB A H24  1 
HETATM 887 H  H24A . OLB G 5 .  ? -12.929 -2.320  10.075  0.72 87.83  ? 106 OLB A H24A 1 
HETATM 888 H  HO25 . OLB G 5 .  ? -12.010 -4.367  10.582  0.72 41.74  ? 106 OLB A HO25 1 
HETATM 889 H  H16  . OLB G 5 .  ? -1.688  -2.961  8.328   0.72 49.14  ? 106 OLB A H16  1 
HETATM 890 H  H17  . OLB G 5 .  ? -2.205  -2.584  6.863   0.72 49.14  ? 106 OLB A H17  1 
HETATM 891 H  H18  . OLB G 5 .  ? -1.048  -0.553  6.864   0.72 43.17  ? 106 OLB A H18  1 
HETATM 892 H  H19  . OLB G 5 .  ? -0.773  -0.653  8.452   0.72 43.17  ? 106 OLB A H19  1 
HETATM 893 H  H20  . OLB G 5 .  ? 0.885   -2.224  8.180   0.72 60.77  ? 106 OLB A H20  1 
HETATM 894 H  H211 . OLB G 5 .  ? 0.357   -2.652  6.730   0.72 60.77  ? 106 OLB A H211 1 
HETATM 895 H  H221 . OLB G 5 .  ? 1.158   -0.259  6.072   0.72 98.38  ? 106 OLB A H221 1 
HETATM 896 C  C12  . OLB G 5 .  ? 4.898   0.158   6.090   0.72 56.50  ? 106 OLB A C12  1 
HETATM 897 H  H23  . OLB G 5 .  ? 3.263   -1.850  7.212   0.72 106.98 ? 106 OLB A H23  1 
HETATM 898 H  H241 . OLB G 5 .  ? 3.127   1.063   6.718   0.72 151.68 ? 106 OLB A H241 1 
HETATM 899 C  C13  . OLB G 5 .  ? 4.453   -0.510  4.784   0.72 36.95  ? 106 OLB A C13  1 
HETATM 900 H  H25  . OLB G 5 .  ? 3.990   0.501   7.950   0.72 151.68 ? 106 OLB A H25  1 
HETATM 901 C  C14  . OLB G 5 .  ? 5.619   -0.516  3.788   0.72 38.42  ? 106 OLB A C14  1 
HETATM 902 H  H26  . OLB G 5 .  ? 5.581   -0.404  6.531   0.72 67.80  ? 106 OLB A H26  1 
HETATM 903 H  H27  . OLB G 5 .  ? 5.275   1.033   5.894   0.72 67.80  ? 106 OLB A H27  1 
HETATM 904 H  H28  . OLB G 5 .  ? 4.180   -1.417  4.964   0.72 44.34  ? 106 OLB A H28  1 
HETATM 905 C  C15  . OLB G 5 .  ? 5.332   -1.537  2.663   0.72 27.00  ? 106 OLB A C15  1 
HETATM 906 H  H29  . OLB G 5 .  ? 3.696   -0.009  4.400   0.72 44.34  ? 106 OLB A H29  1 
HETATM 907 C  C16  . OLB G 5 .  ? 6.457   -1.484  1.625   0.72 35.48  ? 106 OLB A C16  1 
HETATM 908 H  H30  . OLB G 5 .  ? 5.724   0.392   3.393   0.72 46.10  ? 106 OLB A H30  1 
HETATM 909 H  H31  . OLB G 5 .  ? 6.443   -0.767  4.252   0.72 46.10  ? 106 OLB A H31  1 
HETATM 910 H  H32  . OLB G 5 .  ? 5.282   -2.428  3.042   0.72 32.40  ? 106 OLB A H32  1 
HETATM 911 C  C17  . OLB G 5 .  ? 7.700   -2.152  2.185   0.72 34.91  ? 106 OLB A C17  1 
HETATM 912 H  H33  . OLB G 5 .  ? 4.471   -1.315  2.228   0.72 32.40  ? 106 OLB A H33  1 
HETATM 913 C  C18  . OLB G 5 .  ? 8.719   -2.376  1.050   0.72 25.47  ? 106 OLB A C18  1 
HETATM 914 H  H34  . OLB G 5 .  ? 6.176   -1.950  0.820   0.72 42.58  ? 106 OLB A H34  1 
HETATM 915 H  H35  . OLB G 5 .  ? 6.659   -0.547  1.407   0.72 42.58  ? 106 OLB A H35  1 
HETATM 916 H  H36  . OLB G 5 .  ? 8.103   -1.573  2.879   0.72 41.89  ? 106 OLB A H36  1 
HETATM 917 H  H37  . OLB G 5 .  ? 7.458   -3.013  2.579   0.72 41.89  ? 106 OLB A H37  1 
HETATM 918 H  H38  . OLB G 5 .  ? 8.810   -1.550  0.524   0.72 30.56  ? 106 OLB A H38  1 
HETATM 919 H  H39  . OLB G 5 .  ? 8.404   -3.105  0.464   0.72 30.56  ? 106 OLB A H39  1 
HETATM 920 H  H40  . OLB G 5 .  ? 9.588   -2.616  1.434   0.72 30.56  ? 106 OLB A H40  1 
HETATM 921 O  O    A HOH H 6 .  ? -19.721 -3.878  0.726   0.95 8.65   ? 201 HOH A O    1 
HETATM 922 O  O    . HOH H 6 .  ? -2.470  -0.716  -4.999  0.54 15.95  ? 202 HOH A O    1 
HETATM 923 O  O    A HOH H 6 .  ? -0.029  0.334   -5.323  0.47 15.08  ? 203 HOH A O    1 
HETATM 924 O  O    A HOH H 6 .  ? 0.628   -1.217  -7.588  0.71 19.75  ? 204 HOH A O    1 
HETATM 925 O  O    B HOH H 6 .  ? 0.120   -0.728  -6.534  0.29 25.34  ? 204 HOH A O    1 
HETATM 926 O  O    . HOH H 6 .  ? -14.578 -11.322 3.632   1.00 10.94  ? 205 HOH A O    1 
HETATM 927 O  O    . HOH H 6 .  ? 17.701  6.299   -4.986  1.00 11.51  ? 206 HOH A O    1 
HETATM 928 O  O    . HOH H 6 .  ? -16.215 1.123   4.756   1.00 19.97  ? 207 HOH A O    1 
HETATM 929 O  O    . HOH H 6 .  ? -22.059 -3.482  2.498   1.00 42.31  ? 208 HOH A O    1 
HETATM 930 O  O    . HOH H 6 .  ? 11.336  5.577   0.474   1.00 50.53  ? 209 HOH A O    1 
HETATM 931 O  O    . HOH H 6 .  ? 12.415  11.145  -2.561  1.00 35.31  ? 210 HOH A O    1 
HETATM 932 O  O    . HOH H 6 .  ? -11.565 -13.546 6.351   1.00 34.95  ? 211 HOH A O    1 
HETATM 933 O  O    . HOH H 6 .  ? -14.432 -13.347 5.848   1.00 67.16  ? 212 HOH A O    1 
HETATM 934 O  O    . HOH H 6 .  ? -21.183 -0.988  4.218   1.00 50.73  ? 213 HOH A O    1 
HETATM 935 O  O    A HOH H 6 .  ? -5.586  -4.190  -2.758  0.41 16.07  ? 214 HOH A O    1 
HETATM 936 O  O    B HOH H 6 .  ? -6.216  -5.338  -1.425  0.59 41.39  ? 214 HOH A O    1 
HETATM 937 O  O    . HOH H 6 .  ? 13.583  13.539  -3.511  1.00 57.86  ? 215 HOH A O    1 
HETATM 938 O  O    A HOH H 6 .  ? -7.360  -5.811  -3.441  0.13 33.60  ? 216 HOH A O    1 
HETATM 939 O  O    B HOH H 6 .  ? -6.183  -5.791  -3.860  0.12 42.01  ? 217 HOH A O    1 
HETATM 940 O  O    . HOH H 6 .  ? -21.994 -5.989  1.857   0.25 59.80  ? 218 HOH A O    1 
HETATM 941 O  O    A HOH H 6 .  ? -2.812  -3.470  -3.522  0.66 49.58  ? 219 HOH A O    1 
HETATM 942 O  O    B HOH H 6 .  ? -2.793  -1.951  -2.814  0.34 15.19  ? 219 HOH A O    1 
HETATM 943 O  O    . HOH H 6 .  ? -15.318 -12.205 8.562   1.00 54.66  ? 220 HOH A O    1 
HETATM 944 O  O    . HOH H 6 .  ? 12.696  1.884   -5.713  1.00 36.67  ? 221 HOH A O    1 
HETATM 945 O  O    . HOH H 6 .  ? 13.066  7.185   -0.131  1.00 28.07  ? 222 HOH A O    1 
HETATM 946 O  O    A HOH H 6 .  ? 7.904   -1.790  -10.647 0.25 46.91  ? 223 HOH A O    1 
HETATM 947 O  O    B HOH H 6 .  ? 7.032   -0.352  -11.786 0.75 36.33  ? 223 HOH A O    1 
HETATM 948 O  O    . HOH H 6 .  ? 5.463   -4.888  -6.428  1.00 68.99  ? 224 HOH A O    1 
HETATM 949 O  O    . HOH H 6 .  ? 9.752   -5.656  -9.610  0.25 50.20  ? 225 HOH A O    1 
HETATM 950 O  O    . HOH H 6 .  ? 12.819  -5.565  -10.746 0.25 72.44  ? 226 HOH A O    1 
HETATM 951 O  O    . HOH H 6 .  ? 2.540   -1.856  -5.976  0.65 47.50  ? 227 HOH A O    1 
HETATM 952 O  O    . HOH H 6 .  ? 3.518   -6.240  -7.365  0.25 65.95  ? 228 HOH A O    1 
HETATM 953 O  O    A HOH H 6 .  ? 6.941   0.017   -12.924 0.25 53.20  ? 229 HOH A O    1 
HETATM 954 O  O    . HOH H 6 .  ? 10.620  0.307   -13.759 1.00 76.22  ? 230 HOH A O    1 
HETATM 955 O  O    . HOH H 6 .  ? 7.237   2.159   -15.971 1.00 60.79  ? 231 HOH A O    1 
HETATM 956 O  O    . HOH H 6 .  ? 0.415   -4.518  -4.078  0.42 32.80  ? 232 HOH A O    1 
HETATM 957 O  O    . HOH H 6 .  ? 0.667   -5.736  -6.339  0.10 42.70  ? 233 HOH A O    1 
HETATM 958 O  O    . HOH H 6 .  ? 12.086  -2.343  -8.835  1.00 104.08 ? 234 HOH A O    1 
HETATM 959 O  O    . HOH H 6 .  ? 13.969  0.614   -7.511  1.00 60.31  ? 235 HOH A O    1 
HETATM 960 O  O    A HOH H 6 .  ? -24.824 -3.480  3.685   0.38 33.86  ? 236 HOH A O    1 
HETATM 961 O  O    B HOH H 6 .  ? -23.661 -4.390  5.166   0.62 47.19  ? 236 HOH A O    1 
HETATM 962 O  O    . HOH H 6 .  ? -26.977 -6.051  3.661   0.25 72.58  ? 237 HOH A O    1 
HETATM 963 O  O    . HOH H 6 .  ? -28.509 -2.426  3.226   1.00 89.61  ? 238 HOH A O    1 
HETATM 964 O  O    . HOH H 6 .  ? 6.051   2.020   -13.875 1.00 61.12  ? 239 HOH A O    1 
HETATM 965 O  O    . HOH H 6 .  ? -12.125 -15.462 4.922   1.00 48.67  ? 240 HOH A O    1 
HETATM 966 O  O    B HOH H 6 .  ? -1.935  -4.697  -2.995  0.31 31.35  ? 241 HOH A O    1 
HETATM 967 O  O    B HOH H 6 .  ? -19.678 -4.177  1.180   0.41 18.43  ? 242 HOH A O    1 
# 
loop_
_atom_site_anisotrop.id 
_atom_site_anisotrop.type_symbol 
_atom_site_anisotrop.pdbx_label_atom_id 
_atom_site_anisotrop.pdbx_label_alt_id 
_atom_site_anisotrop.pdbx_label_comp_id 
_atom_site_anisotrop.pdbx_label_asym_id 
_atom_site_anisotrop.pdbx_label_seq_id 
_atom_site_anisotrop.pdbx_PDB_ins_code 
_atom_site_anisotrop.U[1][1] 
_atom_site_anisotrop.U[2][2] 
_atom_site_anisotrop.U[3][3] 
_atom_site_anisotrop.U[1][2] 
_atom_site_anisotrop.U[1][3] 
_atom_site_anisotrop.U[2][3] 
_atom_site_anisotrop.pdbx_auth_seq_id 
_atom_site_anisotrop.pdbx_auth_comp_id 
_atom_site_anisotrop.pdbx_auth_asym_id 
_atom_site_anisotrop.pdbx_auth_atom_id 
7   N  N   . SER A 2  ? 0.0784 0.1052 0.1103 0.0109  0.0086  -0.0132 22  SER A N   
8   C  CA  . SER A 2  ? 0.0873 0.1155 0.1016 0.0233  0.0038  0.0029  22  SER A CA  
9   C  C   . SER A 2  ? 0.0671 0.1029 0.0878 0.0062  0.0146  -0.0120 22  SER A C   
10  O  O   . SER A 2  ? 0.0603 0.1085 0.1084 0.0085  0.0144  0.0010  22  SER A O   
11  C  CB  . SER A 2  ? 0.1182 0.1310 0.1141 0.0262  0.0331  -0.0113 22  SER A CB  
12  O  OG  . SER A 2  ? 0.1251 0.1436 0.1318 0.0186  0.0567  0.0015  22  SER A OG  
18  N  N   A SER A 3  ? 0.0709 0.1087 0.0907 0.0105  0.0065  -0.0118 23  SER A N   
19  N  N   B SER A 3  ? 0.0767 0.1078 0.0931 0.0000  0.0161  -0.0061 23  SER A N   
20  C  CA  A SER A 3  ? 0.0748 0.1082 0.0840 0.0065  0.0102  -0.0103 23  SER A CA  
21  C  CA  B SER A 3  ? 0.0853 0.1135 0.0985 -0.0052 0.0169  -0.0010 23  SER A CA  
22  C  C   A SER A 3  ? 0.0727 0.1111 0.0909 0.0021  0.0114  -0.0134 23  SER A C   
23  C  C   B SER A 3  ? 0.0846 0.1128 0.0961 -0.0048 0.0129  -0.0035 23  SER A C   
24  O  O   A SER A 3  ? 0.0858 0.1161 0.0944 0.0155  0.0123  -0.0023 23  SER A O   
25  O  O   B SER A 3  ? 0.0858 0.1189 0.0966 -0.0132 0.0148  -0.0057 23  SER A O   
26  C  CB  A SER A 3  ? 0.0731 0.1170 0.0973 0.0019  -0.0011 -0.0065 23  SER A CB  
27  C  CB  B SER A 3  ? 0.0925 0.1256 0.1084 -0.0153 0.0184  0.0059  23  SER A CB  
28  O  OG  A SER A 3  ? 0.0736 0.1007 0.0868 -0.0048 0.0047  -0.0015 23  SER A OG  
29  O  OG  B SER A 3  ? 0.0985 0.1485 0.1187 -0.0293 0.0221  0.0158  23  SER A OG  
40  N  N   . ASP A 4  ? 0.0828 0.1094 0.0899 0.0060  0.0067  -0.0016 24  ASP A N   
41  C  CA  . ASP A 4  ? 0.0818 0.1159 0.0943 0.0106  0.0061  0.0106  24  ASP A CA  
42  C  C   . ASP A 4  ? 0.0792 0.1173 0.0946 0.0110  0.0011  0.0034  24  ASP A C   
43  O  O   . ASP A 4  ? 0.0744 0.1121 0.1025 0.0036  0.0135  0.0172  24  ASP A O   
44  C  CB  . ASP A 4  ? 0.0866 0.1202 0.1138 -0.0002 0.0154  0.0127  24  ASP A CB  
45  C  CG  . ASP A 4  ? 0.0958 0.1368 0.1667 -0.0007 0.0006  0.0315  24  ASP A CG  
46  O  OD1 . ASP A 4  ? 0.1366 0.1802 0.2365 -0.0435 -0.0346 0.0768  24  ASP A OD1 
47  O  OD2 . ASP A 4  ? 0.1196 0.1672 0.1924 -0.0158 -0.0225 0.0529  24  ASP A OD2 
52  N  N   A PRO A 5  ? 0.0881 0.1604 0.0919 0.0001  0.0048  0.0036  25  PRO A N   
53  N  N   B PRO A 5  ? 0.0859 0.1259 0.0822 0.0037  0.0041  0.0279  25  PRO A N   
54  C  CA  A PRO A 5  ? 0.1148 0.1613 0.0913 -0.0132 0.0044  -0.0047 25  PRO A CA  
55  C  CA  B PRO A 5  ? 0.0972 0.1315 0.0781 -0.0042 0.0061  0.0399  25  PRO A CA  
56  C  C   A PRO A 5  ? 0.1019 0.1532 0.0854 -0.0160 -0.0188 0.0157  25  PRO A C   
57  C  C   B PRO A 5  ? 0.1154 0.1204 0.0821 -0.0061 0.0069  0.0345  25  PRO A C   
58  O  O   A PRO A 5  ? 0.1089 0.1597 0.0848 -0.0232 -0.0096 0.0078  25  PRO A O   
59  O  O   B PRO A 5  ? 0.1280 0.1195 0.0431 0.0010  0.0000  0.0300  25  PRO A O   
60  C  CB  A PRO A 5  ? 0.1499 0.2277 0.1248 -0.0257 0.0103  -0.0063 25  PRO A CB  
61  C  CB  B PRO A 5  ? 0.0977 0.1712 0.0737 -0.0075 0.0049  0.0479  25  PRO A CB  
62  C  CG  A PRO A 5  ? 0.1494 0.2717 0.1178 -0.0376 0.0217  -0.0096 25  PRO A CG  
63  C  CG  B PRO A 5  ? 0.0973 0.1576 0.0753 -0.0046 0.0002  0.0561  25  PRO A CG  
64  C  CD  A PRO A 5  ? 0.1201 0.2122 0.0964 -0.0169 0.0163  0.0104  25  PRO A CD  
65  C  CD  B PRO A 5  ? 0.0868 0.1394 0.0737 -0.0098 0.0031  0.0363  25  PRO A CD  
80  N  N   A LEU A 6  ? 0.0772 0.1678 0.1541 -0.0127 -0.0122 0.0003  26  LEU A N   
81  N  N   B LEU A 6  ? 0.0945 0.1226 0.0757 -0.0004 -0.0130 0.0171  26  LEU A N   
82  N  N   C LEU A 6  ? 0.0997 0.0899 0.1540 0.0098  0.0020  0.0648  26  LEU A N   
83  C  CA  A LEU A 6  ? 0.0672 0.1596 0.1837 0.0049  -0.0131 0.0194  26  LEU A CA  
84  C  CA  B LEU A 6  ? 0.1034 0.1268 0.0887 0.0011  -0.0052 0.0308  26  LEU A CA  
85  C  CA  C LEU A 6  ? 0.0934 0.0966 0.1658 0.0114  -0.0041 0.0578  26  LEU A CA  
86  C  C   A LEU A 6  ? 0.0691 0.1121 0.1586 -0.0028 -0.0057 0.0035  26  LEU A C   
87  C  C   B LEU A 6  ? 0.0939 0.1021 0.1056 -0.0182 0.0017  0.0104  26  LEU A C   
88  C  C   C LEU A 6  ? 0.0713 0.0988 0.1484 0.0118  -0.0141 0.0293  26  LEU A C   
89  O  O   A LEU A 6  ? 0.0655 0.1060 0.1819 0.0070  -0.0039 0.0242  26  LEU A O   
90  O  O   B LEU A 6  ? 0.1252 0.1220 0.1168 -0.0319 0.0149  0.0245  26  LEU A O   
91  O  O   C LEU A 6  ? 0.0686 0.1188 0.1509 0.0291  -0.0305 0.0253  26  LEU A O   
92  C  CB  A LEU A 6  ? 0.1117 0.1949 0.2208 0.0374  0.0189  0.0336  26  LEU A CB  
93  C  CB  B LEU A 6  ? 0.1253 0.1222 0.1102 0.0041  0.0019  0.0249  26  LEU A CB  
94  C  CB  C LEU A 6  ? 0.1212 0.1174 0.1811 0.0261  0.0003  0.0764  26  LEU A CB  
95  C  CG  A LEU A 6  ? 0.1284 0.1782 0.2595 0.0332  0.0157  -0.0043 26  LEU A CG  
96  C  CG  B LEU A 6  ? 0.1542 0.1347 0.1433 0.0069  0.0112  0.0122  26  LEU A CG  
97  C  CG  C LEU A 6  ? 0.1342 0.1226 0.2012 0.0247  -0.0091 0.0397  26  LEU A CG  
98  C  CD1 A LEU A 6  ? 0.1137 0.2119 0.2535 0.0401  0.0191  0.0301  26  LEU A CD1 
99  C  CD1 B LEU A 6  ? 0.1442 0.1656 0.2027 0.0103  -0.0092 0.0180  26  LEU A CD1 
100 C  CD1 C LEU A 6  ? 0.1553 0.1120 0.2290 0.0146  0.0024  0.0008  26  LEU A CD1 
101 C  CD2 A LEU A 6  ? 0.1302 0.1411 0.3192 0.0322  -0.0071 -0.0204 26  LEU A CD2 
102 C  CD2 B LEU A 6  ? 0.1827 0.1194 0.0910 0.0334  0.0353  0.0303  26  LEU A CD2 
103 C  CD2 C LEU A 6  ? 0.1166 0.1521 0.2085 0.0488  -0.0309 0.0516  26  LEU A CD2 
137 N  N   . VAL A 7  ? 0.0729 0.1056 0.1149 0.0006  -0.0013 0.0090  27  VAL A N   
138 C  CA  . VAL A 7  ? 0.0700 0.0998 0.1162 0.0121  0.0062  0.0024  27  VAL A CA  
139 C  C   . VAL A 7  ? 0.0685 0.0974 0.1066 0.0045  0.0000  0.0070  27  VAL A C   
140 O  O   . VAL A 7  ? 0.0717 0.1163 0.1100 -0.0075 0.0097  0.0039  27  VAL A O   
141 C  CB  . VAL A 7  ? 0.0727 0.0869 0.1102 0.0056  0.0140  -0.0126 27  VAL A CB  
142 C  CG1 . VAL A 7  ? 0.0779 0.1189 0.1007 0.0029  0.0120  0.0080  27  VAL A CG1 
143 C  CG2 . VAL A 7  ? 0.0863 0.1134 0.0997 0.0033  0.0205  -0.0094 27  VAL A CG2 
154 N  N   A VAL A 8  ? 0.0738 0.0978 0.0976 0.0023  0.0018  -0.0005 28  VAL A N   
155 N  N   B VAL A 8  ? 0.0771 0.1095 0.1264 0.0014  0.0067  0.0042  28  VAL A N   
156 C  CA  A VAL A 8  ? 0.0726 0.1035 0.0917 0.0021  -0.0011 -0.0005 28  VAL A CA  
157 C  CA  B VAL A 8  ? 0.0873 0.1234 0.1463 0.0080  0.0144  0.0043  28  VAL A CA  
158 C  C   A VAL A 8  ? 0.0748 0.1100 0.0972 -0.0025 -0.0040 -0.0015 28  VAL A C   
159 C  C   B VAL A 8  ? 0.0928 0.1162 0.1117 -0.0074 0.0126  0.0169  28  VAL A C   
160 O  O   A VAL A 8  ? 0.0798 0.1064 0.1198 -0.0019 -0.0100 0.0056  28  VAL A O   
161 O  O   B VAL A 8  ? 0.0836 0.1081 0.1095 -0.0313 0.0175  -0.0196 28  VAL A O   
162 C  CB  A VAL A 8  ? 0.0760 0.1129 0.0974 -0.0033 -0.0092 -0.0055 28  VAL A CB  
163 C  CB  B VAL A 8  ? 0.0968 0.1648 0.1830 0.0017  0.0150  0.0050  28  VAL A CB  
164 C  CG1 A VAL A 8  ? 0.0940 0.1006 0.1543 -0.0150 0.0100  -0.0306 28  VAL A CG1 
165 C  CG1 B VAL A 8  ? 0.0878 0.1520 0.2007 0.0206  0.0236  0.0372  28  VAL A CG1 
166 C  CG2 A VAL A 8  ? 0.0920 0.1190 0.0866 0.0018  0.0047  -0.0152 28  VAL A CG2 
167 C  CG2 B VAL A 8  ? 0.1252 0.2166 0.2019 -0.0014 0.0226  0.0114  28  VAL A CG2 
186 N  N   A ALA A 9  ? 0.0808 0.1336 0.1159 -0.0068 -0.0164 0.0254  29  ALA A N   
187 N  N   B ALA A 9  ? 0.0885 0.1206 0.1118 -0.0211 -0.0024 0.0243  29  ALA A N   
188 C  CA  A ALA A 9  ? 0.0862 0.1613 0.1520 -0.0037 -0.0266 0.0354  29  ALA A CA  
189 C  CA  B ALA A 9  ? 0.1028 0.1352 0.0735 -0.0120 -0.0057 0.0394  29  ALA A CA  
190 C  C   A ALA A 9  ? 0.0807 0.1242 0.1824 0.0000  -0.0139 0.0374  29  ALA A C   
191 C  C   B ALA A 9  ? 0.0975 0.1107 0.0757 -0.0187 -0.0115 0.0215  29  ALA A C   
192 O  O   A ALA A 9  ? 0.0734 0.1428 0.1881 -0.0104 -0.0134 0.0345  29  ALA A O   
193 O  O   B ALA A 9  ? 0.0902 0.0968 0.0671 -0.0419 -0.0228 -0.0099 29  ALA A O   
194 C  CB  A ALA A 9  ? 0.0976 0.2233 0.1747 -0.0003 -0.0306 0.0634  29  ALA A CB  
195 C  CB  B ALA A 9  ? 0.1004 0.1678 0.0941 -0.0105 -0.0107 0.0533  29  ALA A CB  
206 N  N   A ALA A 10 ? 0.0686 0.1224 0.1891 -0.0033 0.0138  0.0188  30  ALA A N   
207 N  N   B ALA A 10 ? 0.0886 0.1052 0.0987 -0.0167 -0.0070 0.0071  30  ALA A N   
208 C  CA  A ALA A 10 ? 0.0746 0.1038 0.1848 -0.0094 -0.0068 -0.0031 30  ALA A CA  
209 C  CA  B ALA A 10 ? 0.0972 0.1044 0.0877 -0.0051 0.0045  0.0117  30  ALA A CA  
210 C  C   A ALA A 10 ? 0.0642 0.1264 0.1711 -0.0075 -0.0070 -0.0052 30  ALA A C   
211 C  C   B ALA A 10 ? 0.0873 0.1093 0.0619 0.0087  -0.0037 -0.0002 30  ALA A C   
212 O  O   A ALA A 10 ? 0.0630 0.1356 0.1786 -0.0078 0.0136  -0.0060 30  ALA A O   
213 O  O   B ALA A 10 ? 0.0643 0.1097 0.0557 0.0033  -0.0220 -0.0155 30  ALA A O   
214 C  CB  A ALA A 10 ? 0.0848 0.1392 0.2647 0.0020  0.0139  -0.0172 30  ALA A CB  
215 C  CB  B ALA A 10 ? 0.1085 0.1241 0.1022 -0.0019 0.0150  0.0197  30  ALA A CB  
226 N  N   A SER A 11 ? 0.0561 0.1240 0.1506 -0.0086 0.0053  0.0170  31  SER A N   
227 N  N   B SER A 11 ? 0.0979 0.1128 0.0877 0.0093  0.0208  -0.0185 31  SER A N   
228 C  CA  A SER A 11 ? 0.0655 0.1392 0.1266 -0.0063 0.0117  0.0090  31  SER A CA  
229 C  CA  B SER A 11 ? 0.0908 0.1440 0.1152 -0.0049 0.0176  -0.0182 31  SER A CA  
230 C  C   A SER A 11 ? 0.0762 0.1262 0.1295 -0.0092 0.0117  0.0235  31  SER A C   
231 C  C   B SER A 11 ? 0.0805 0.1145 0.1311 0.0102  0.0049  -0.0004 31  SER A C   
232 O  O   A SER A 11 ? 0.0894 0.1630 0.1331 -0.0317 0.0145  0.0311  31  SER A O   
233 O  O   B SER A 11 ? 0.0701 0.0832 0.1509 0.0303  -0.0143 -0.0116 31  SER A O   
234 C  CB  A SER A 11 ? 0.0681 0.1565 0.1212 -0.0069 -0.0007 0.0241  31  SER A CB  
235 C  CB  B SER A 11 ? 0.0749 0.1989 0.1438 -0.0383 0.0013  -0.0453 31  SER A CB  
236 O  OG  A SER A 11 ? 0.0673 0.1783 0.1255 -0.0106 0.0054  0.0048  31  SER A OG  
237 O  OG  B SER A 11 ? 0.0763 0.2445 0.1831 -0.0275 0.0067  -0.0452 31  SER A OG  
248 N  N   . ILE A 12 ? 0.0765 0.1155 0.1316 0.0011  0.0068  0.0136  32  ILE A N   
249 C  CA  . ILE A 12 ? 0.0906 0.1107 0.1642 -0.0118 0.0049  0.0016  32  ILE A CA  
250 C  C   . ILE A 12 ? 0.0775 0.1283 0.1543 -0.0234 -0.0081 0.0049  32  ILE A C   
251 O  O   . ILE A 12 ? 0.0918 0.1255 0.1727 -0.0180 0.0032  0.0178  32  ILE A O   
252 C  CB  . ILE A 12 ? 0.1020 0.1420 0.1548 -0.0133 0.0152  -0.0162 32  ILE A CB  
253 C  CG1 . ILE A 12 ? 0.1267 0.1576 0.1629 -0.0120 0.0308  -0.0346 32  ILE A CG1 
254 C  CG2 . ILE A 12 ? 0.1195 0.1733 0.1846 -0.0290 0.0086  -0.0181 32  ILE A CG2 
255 C  CD1 . ILE A 12 ? 0.1381 0.2086 0.2149 -0.0203 0.0217  -0.0712 32  ILE A CD1 
268 N  N   . ILE A 13 ? 0.0711 0.1153 0.1647 -0.0052 -0.0005 0.0157  33  ILE A N   
269 C  CA  . ILE A 13 ? 0.0868 0.1296 0.1753 -0.0072 -0.0006 0.0078  33  ILE A CA  
270 C  C   . ILE A 13 ? 0.0856 0.1202 0.1736 -0.0073 0.0121  0.0115  33  ILE A C   
271 O  O   . ILE A 13 ? 0.0744 0.1423 0.1984 -0.0163 0.0138  0.0164  33  ILE A O   
272 C  CB  A ILE A 13 ? 0.0800 0.1687 0.1968 -0.0053 -0.0138 0.0315  33  ILE A CB  
273 C  CB  C ILE A 13 ? 0.0814 0.1310 0.1904 -0.0014 0.0030  -0.0033 33  ILE A CB  
274 C  CG1 A ILE A 13 ? 0.0988 0.1759 0.2199 0.0001  -0.0227 0.0453  33  ILE A CG1 
275 C  CG1 C ILE A 13 ? 0.0766 0.1294 0.1900 0.0171  -0.0029 -0.0117 33  ILE A CG1 
276 C  CG2 A ILE A 13 ? 0.0972 0.1765 0.2268 0.0243  0.0121  0.0379  33  ILE A CG2 
277 C  CG2 C ILE A 13 ? 0.0765 0.1337 0.2091 -0.0102 0.0091  0.0042  33  ILE A CG2 
278 C  CD1 A ILE A 13 ? 0.1486 0.2078 0.2520 0.0380  0.0003  0.0980  33  ILE A CD1 
279 C  CD1 C ILE A 13 ? 0.0635 0.1360 0.2004 0.0284  -0.0191 0.0045  33  ILE A CD1 
300 N  N   . GLY A 14 ? 0.0809 0.1250 0.1672 -0.0091 0.0162  0.0058  34  GLY A N   
301 C  CA  . GLY A 14 ? 0.0914 0.1571 0.1718 -0.0199 0.0150  -0.0127 34  GLY A CA  
302 C  C   . GLY A 14 ? 0.0852 0.1450 0.1639 -0.0164 0.0005  0.0059  34  GLY A C   
303 O  O   . GLY A 14 ? 0.1004 0.1635 0.1761 -0.0254 0.0247  0.0107  34  GLY A O   
307 N  N   A ILE A 15 ? 0.1125 0.1701 0.2080 -0.0106 0.0130  0.0144  35  ILE A N   
308 N  N   B ILE A 15 ? 0.0737 0.1300 0.1229 -0.0286 -0.0054 0.0161  35  ILE A N   
309 C  CA  A ILE A 15 ? 0.1099 0.1851 0.2619 -0.0230 0.0051  -0.0007 35  ILE A CA  
310 C  CA  B ILE A 15 ? 0.0793 0.1219 0.1278 -0.0175 -0.0002 0.0328  35  ILE A CA  
311 C  C   A ILE A 15 ? 0.1064 0.1859 0.2319 -0.0294 0.0072  0.0168  35  ILE A C   
312 C  C   B ILE A 15 ? 0.0783 0.1159 0.1345 -0.0054 0.0040  0.0206  35  ILE A C   
313 O  O   A ILE A 15 ? 0.1075 0.1691 0.2235 -0.0516 0.0053  0.0140  35  ILE A O   
314 O  O   B ILE A 15 ? 0.0771 0.1444 0.1569 -0.0076 0.0153  0.0351  35  ILE A O   
315 C  CB  A ILE A 15 ? 0.1260 0.2175 0.3253 -0.0250 -0.0042 -0.0232 35  ILE A CB  
316 C  CB  B ILE A 15 ? 0.0749 0.1030 0.1667 -0.0105 -0.0090 0.0419  35  ILE A CB  
317 C  CG1 A ILE A 15 ? 0.1417 0.2567 0.3622 -0.0118 -0.0074 -0.0224 35  ILE A CG1 
318 C  CG1 B ILE A 15 ? 0.0732 0.1082 0.1576 -0.0170 0.0027  0.0545  35  ILE A CG1 
319 C  CG2 A ILE A 15 ? 0.1463 0.2242 0.3539 -0.0551 -0.0005 -0.0256 35  ILE A CG2 
320 C  CG2 B ILE A 15 ? 0.0978 0.0945 0.2387 -0.0040 -0.0162 0.0465  35  ILE A CG2 
321 C  CD1 A ILE A 15 ? 0.1582 0.2728 0.3911 -0.0241 0.0084  -0.0098 35  ILE A CD1 
322 C  CD1 B ILE A 15 ? 0.0914 0.0956 0.2107 -0.0075 -0.0087 0.0146  35  ILE A CD1 
345 N  N   A LEU A 16 ? 0.0980 0.1777 0.2103 -0.0502 -0.0006 0.0156  36  LEU A N   
346 N  N   B LEU A 16 ? 0.0803 0.1127 0.1358 -0.0185 0.0033  0.0160  36  LEU A N   
347 C  CA  A LEU A 16 ? 0.1089 0.1683 0.1980 -0.0303 0.0002  0.0250  36  LEU A CA  
348 C  CA  B LEU A 16 ? 0.0913 0.1466 0.1404 -0.0249 -0.0050 0.0231  36  LEU A CA  
349 C  C   A LEU A 16 ? 0.1082 0.1614 0.1877 -0.0161 0.0030  0.0464  36  LEU A C   
350 C  C   B LEU A 16 ? 0.0901 0.1560 0.1409 -0.0247 -0.0106 0.0212  36  LEU A C   
351 O  O   A LEU A 16 ? 0.1085 0.1738 0.1948 -0.0161 0.0037  0.0527  36  LEU A O   
352 O  O   B LEU A 16 ? 0.0752 0.1801 0.1363 -0.0525 -0.0176 0.0193  36  LEU A O   
353 C  CB  A LEU A 16 ? 0.1164 0.1822 0.2130 -0.0327 -0.0011 -0.0113 36  LEU A CB  
354 C  CB  B LEU A 16 ? 0.0984 0.1878 0.1680 -0.0401 -0.0154 -0.0132 36  LEU A CB  
355 C  CG  A LEU A 16 ? 0.1517 0.1831 0.2297 -0.0530 0.0131  -0.0355 36  LEU A CG  
356 C  CG  B LEU A 16 ? 0.1462 0.2313 0.2059 -0.0694 -0.0079 -0.0283 36  LEU A CG  
357 C  CD1 A LEU A 16 ? 0.1825 0.2294 0.2197 -0.0350 0.0242  -0.0411 36  LEU A CD1 
358 C  CD1 B LEU A 16 ? 0.1617 0.2952 0.1834 -0.0658 -0.0093 -0.0300 36  LEU A CD1 
359 C  CD2 A LEU A 16 ? 0.1463 0.2394 0.2542 -0.0832 0.0125  -0.0353 36  LEU A CD2 
360 C  CD2 B LEU A 16 ? 0.1771 0.2065 0.2793 -0.0828 0.0279  -0.0416 36  LEU A CD2 
383 N  N   . HIS A 17 ? 0.0875 0.1584 0.1808 -0.0116 0.0104  0.0353  37  HIS A N   
384 C  CA  . HIS A 17 ? 0.0966 0.1624 0.1757 -0.0121 0.0091  0.0447  37  HIS A CA  
385 C  C   . HIS A 17 ? 0.0834 0.1372 0.1810 -0.0182 0.0092  0.0248  37  HIS A C   
386 O  O   . HIS A 17 ? 0.0847 0.1607 0.1885 -0.0149 -0.0029 0.0279  37  HIS A O   
387 C  CB  . HIS A 17 ? 0.1375 0.1245 0.2551 0.0080  0.0376  0.0490  37  HIS A CB  
388 C  CG  . HIS A 17 ? 0.1608 0.1733 0.2367 0.0088  0.0328  0.0243  37  HIS A CG  
389 N  ND1 . HIS A 17 ? 0.1924 0.1749 0.2642 0.0241  0.0371  0.0395  37  HIS A ND1 
390 C  CD2 . HIS A 17 ? 0.1734 0.1928 0.2747 0.0427  0.0516  0.0564  37  HIS A CD2 
391 C  CE1 . HIS A 17 ? 0.2410 0.2125 0.2715 0.0672  0.0764  0.0453  37  HIS A CE1 
392 N  NE2 . HIS A 17 ? 0.2056 0.2017 0.2739 0.0406  0.0567  0.0326  37  HIS A NE2 
401 N  N   . LEU A 18 ? 0.0822 0.1349 0.1877 -0.0178 -0.0091 0.0154  38  LEU A N   
402 C  CA  . LEU A 18 ? 0.0828 0.1538 0.1607 -0.0359 -0.0154 0.0154  38  LEU A CA  
403 C  C   . LEU A 18 ? 0.0798 0.1503 0.1622 -0.0162 -0.0141 0.0165  38  LEU A C   
404 O  O   . LEU A 18 ? 0.0866 0.1621 0.1599 -0.0352 -0.0069 0.0146  38  LEU A O   
405 C  CB  A LEU A 18 ? 0.1047 0.1748 0.1855 -0.0274 -0.0105 0.0032  38  LEU A CB  
406 C  CB  B LEU A 18 ? 0.1077 0.1611 0.1511 -0.0480 -0.0083 0.0228  38  LEU A CB  
407 C  CG  A LEU A 18 ? 0.1070 0.2138 0.1770 -0.0302 -0.0249 0.0072  38  LEU A CG  
408 C  CG  B LEU A 18 ? 0.1065 0.1897 0.1395 -0.0413 -0.0158 0.0546  38  LEU A CG  
409 C  CD1 A LEU A 18 ? 0.1380 0.1997 0.1948 -0.0243 -0.0226 0.0150  38  LEU A CD1 
410 C  CD1 B LEU A 18 ? 0.0996 0.1965 0.1810 -0.0664 -0.0248 0.0153  38  LEU A CD1 
411 C  CD2 A LEU A 18 ? 0.1196 0.2480 0.1975 -0.0311 -0.0110 0.0328  38  LEU A CD2 
412 C  CD2 B LEU A 18 ? 0.1011 0.2463 0.1831 -0.0223 -0.0183 0.0240  38  LEU A CD2 
433 N  N   A ILE A 19 ? 0.0787 0.1474 0.1456 -0.0114 -0.0126 0.0197  39  ILE A N   
434 N  N   B ILE A 19 ? 0.0845 0.1428 0.1787 -0.0302 0.0014  0.0240  39  ILE A N   
435 C  CA  A ILE A 19 ? 0.0819 0.1403 0.1312 -0.0100 -0.0022 0.0263  39  ILE A CA  
436 C  CA  B ILE A 19 ? 0.0804 0.1136 0.2036 -0.0187 -0.0107 0.0181  39  ILE A CA  
437 C  C   A ILE A 19 ? 0.0845 0.1428 0.1158 -0.0120 -0.0028 0.0179  39  ILE A C   
438 C  C   B ILE A 19 ? 0.0973 0.1372 0.1705 -0.0142 0.0148  0.0176  39  ILE A C   
439 O  O   A ILE A 19 ? 0.0718 0.1201 0.0676 0.0130  -0.0257 0.0134  39  ILE A O   
440 O  O   B ILE A 19 ? 0.1153 0.1346 0.1849 -0.0417 0.0241  0.0116  39  ILE A O   
441 C  CB  A ILE A 19 ? 0.0862 0.1546 0.1322 -0.0152 0.0172  0.0225  39  ILE A CB  
442 C  CB  B ILE A 19 ? 0.1006 0.1472 0.2513 -0.0055 0.0040  0.0079  39  ILE A CB  
443 C  CG1 A ILE A 19 ? 0.0744 0.1268 0.1280 -0.0060 0.0078  0.0386  39  ILE A CG1 
444 C  CG1 B ILE A 19 ? 0.1221 0.1483 0.2709 0.0033  0.0168  0.0071  39  ILE A CG1 
445 C  CG2 A ILE A 19 ? 0.1130 0.1554 0.1275 -0.0286 0.0314  0.0073  39  ILE A CG2 
446 C  CG2 B ILE A 19 ? 0.1362 0.1506 0.2824 -0.0176 0.0037  -0.0184 39  ILE A CG2 
447 C  CD1 A ILE A 19 ? 0.0800 0.1345 0.1290 0.0120  0.0278  0.0468  39  ILE A CD1 
448 C  CD1 B ILE A 19 ? 0.1390 0.1799 0.3278 0.0122  0.0155  0.0016  39  ILE A CD1 
471 N  N   . LEU A 20 ? 0.0793 0.1523 0.1664 -0.0279 -0.0101 0.0216  40  LEU A N   
472 C  CA  . LEU A 20 ? 0.0843 0.1759 0.1612 -0.0280 -0.0167 0.0113  40  LEU A CA  
473 C  C   . LEU A 20 ? 0.0742 0.1811 0.1512 -0.0277 -0.0105 0.0133  40  LEU A C   
474 O  O   . LEU A 20 ? 0.0862 0.1916 0.1727 -0.0353 -0.0037 0.0005  40  LEU A O   
475 C  CB  A LEU A 20 ? 0.0886 0.1984 0.1721 -0.0180 -0.0224 0.0379  40  LEU A CB  
476 C  CB  B LEU A 20 ? 0.1022 0.2274 0.1782 -0.0221 -0.0118 0.0414  40  LEU A CB  
477 C  CB  C LEU A 20 ? 0.0787 0.1933 0.1940 -0.0289 -0.0171 0.0442  40  LEU A CB  
478 C  CB  D LEU A 20 ? 0.0941 0.2082 0.1993 -0.0124 -0.0214 0.0191  40  LEU A CB  
479 C  CG  A LEU A 20 ? 0.0947 0.2256 0.1695 -0.0099 -0.0319 0.0521  40  LEU A CG  
480 C  CG  B LEU A 20 ? 0.1257 0.2855 0.1698 -0.0297 -0.0147 0.0497  40  LEU A CG  
481 C  CG  C LEU A 20 ? 0.0812 0.2189 0.2145 -0.0423 -0.0218 0.0434  40  LEU A CG  
482 C  CG  D LEU A 20 ? 0.1110 0.2484 0.2292 -0.0113 -0.0268 0.0006  40  LEU A CG  
483 C  CD1 A LEU A 20 ? 0.1012 0.2513 0.1626 -0.0088 -0.0297 0.0374  40  LEU A CD1 
484 C  CD1 B LEU A 20 ? 0.1289 0.3169 0.1766 -0.0112 -0.0202 0.0566  40  LEU A CD1 
485 C  CD1 C LEU A 20 ? 0.0900 0.2037 0.2294 -0.0310 -0.0223 0.0360  40  LEU A CD1 
486 C  CD1 D LEU A 20 ? 0.1270 0.2766 0.2443 -0.0065 -0.0409 -0.0266 40  LEU A CD1 
487 C  CD2 A LEU A 20 ? 0.0901 0.2573 0.1720 -0.0164 -0.0400 0.0572  40  LEU A CD2 
488 C  CD2 B LEU A 20 ? 0.1381 0.3121 0.1599 -0.0259 -0.0115 0.0329  40  LEU A CD2 
489 C  CD2 C LEU A 20 ? 0.0827 0.2435 0.2031 -0.0454 -0.0274 0.0250  40  LEU A CD2 
490 C  CD2 D LEU A 20 ? 0.1122 0.2633 0.2275 -0.0205 -0.0275 0.0096  40  LEU A CD2 
530 N  N   A TRP A 21 ? 0.0734 0.1435 0.1626 -0.0369 -0.0072 0.0171  41  TRP A N   
531 N  N   C TRP A 21 ? 0.0735 0.1679 0.1650 -0.0155 -0.0116 0.0218  41  TRP A N   
532 C  CA  A TRP A 21 ? 0.1008 0.1246 0.1688 -0.0248 -0.0013 0.0139  41  TRP A CA  
533 C  CA  C TRP A 21 ? 0.0984 0.1533 0.1702 0.0028  -0.0033 0.0183  41  TRP A CA  
534 C  C   A TRP A 21 ? 0.0969 0.1017 0.1507 -0.0287 0.0011  0.0157  41  TRP A C   
535 C  C   C TRP A 21 ? 0.0853 0.1759 0.1565 -0.0119 -0.0159 0.0153  41  TRP A C   
536 O  O   A TRP A 21 ? 0.0910 0.1360 0.1513 -0.0093 -0.0006 0.0173  41  TRP A O   
537 O  O   C TRP A 21 ? 0.0844 0.1949 0.2212 -0.0346 0.0046  -0.0156 41  TRP A O   
538 C  CB  A TRP A 21 ? 0.1467 0.1586 0.1923 -0.0382 -0.0046 -0.0267 41  TRP A CB  
539 C  CB  C TRP A 21 ? 0.1309 0.1397 0.1949 -0.0052 -0.0074 0.0140  41  TRP A CB  
540 C  CG  A TRP A 21 ? 0.1822 0.2040 0.1941 -0.0126 -0.0041 -0.0479 41  TRP A CG  
541 C  CG  C TRP A 21 ? 0.1824 0.1847 0.2137 0.0215  0.0122  -0.0296 41  TRP A CG  
542 C  CD1 A TRP A 21 ? 0.2214 0.2616 0.2454 0.0319  0.0229  -0.0343 41  TRP A CD1 
543 C  CD1 C TRP A 21 ? 0.2152 0.2420 0.2626 0.0608  0.0343  -0.0203 41  TRP A CD1 
544 C  CD2 A TRP A 21 ? 0.2199 0.2623 0.2267 0.0192  0.0051  -0.0454 41  TRP A CD2 
545 C  CD2 C TRP A 21 ? 0.2077 0.2347 0.2487 0.0428  0.0041  -0.0337 41  TRP A CD2 
546 N  NE1 A TRP A 21 ? 0.2315 0.2801 0.2676 0.0693  0.0313  -0.0391 41  TRP A NE1 
547 N  NE1 C TRP A 21 ? 0.2277 0.2684 0.2698 0.0721  0.0387  -0.0359 41  TRP A NE1 
548 C  CE2 A TRP A 21 ? 0.2375 0.2780 0.2324 0.0311  0.0183  -0.0537 41  TRP A CE2 
549 C  CE2 C TRP A 21 ? 0.2278 0.2693 0.2448 0.0508  0.0103  -0.0397 41  TRP A CE2 
550 C  CE3 A TRP A 21 ? 0.2068 0.2694 0.2186 0.0438  -0.0155 -0.0405 41  TRP A CE3 
551 C  CE3 C TRP A 21 ? 0.2352 0.2557 0.2672 0.0492  0.0079  -0.0204 41  TRP A CE3 
552 C  CZ2 A TRP A 21 ? 0.2436 0.2961 0.2187 0.0357  0.0123  -0.0620 41  TRP A CZ2 
553 C  CZ2 C TRP A 21 ? 0.2489 0.3004 0.2549 0.0569  0.0177  -0.0502 41  TRP A CZ2 
554 C  CZ3 A TRP A 21 ? 0.2138 0.3087 0.2256 0.0367  -0.0019 -0.0494 41  TRP A CZ3 
555 C  CZ3 C TRP A 21 ? 0.2546 0.2746 0.2807 0.0629  0.0143  0.0083  41  TRP A CZ3 
556 C  CH2 A TRP A 21 ? 0.2335 0.3184 0.2284 0.0474  0.0050  -0.0465 41  TRP A CH2 
557 C  CH2 C TRP A 21 ? 0.2448 0.3018 0.2854 0.0666  0.0103  -0.0027 41  TRP A CH2 
578 N  N   A ILE A 22 ? 0.0787 0.1094 0.1368 -0.0239 -0.0238 0.0053  42  ILE A N   
579 N  N   C ILE A 22 ? 0.0991 0.1712 0.1271 -0.0242 0.0006  0.0430  42  ILE A N   
580 C  CA  A ILE A 22 ? 0.0772 0.1390 0.1385 -0.0170 -0.0144 0.0062  42  ILE A CA  
581 C  CA  C ILE A 22 ? 0.0793 0.1639 0.1350 -0.0315 -0.0304 0.0236  42  ILE A CA  
582 C  C   A ILE A 22 ? 0.0793 0.1477 0.1444 -0.0149 0.0039  0.0163  42  ILE A C   
583 C  C   C ILE A 22 ? 0.0692 0.1438 0.1347 -0.0167 -0.0264 0.0237  42  ILE A C   
584 O  O   A ILE A 22 ? 0.0917 0.1685 0.1446 -0.0228 0.0143  0.0238  42  ILE A O   
585 O  O   C ILE A 22 ? 0.0934 0.1425 0.1303 -0.0304 -0.0188 0.0243  42  ILE A O   
586 C  CB  A ILE A 22 ? 0.0848 0.1672 0.1575 -0.0056 -0.0159 0.0308  42  ILE A CB  
587 C  CB  C ILE A 22 ? 0.1178 0.1624 0.1222 -0.0365 -0.0134 0.0388  42  ILE A CB  
588 C  CG1 A ILE A 22 ? 0.0727 0.1474 0.1480 -0.0206 -0.0289 0.0295  42  ILE A CG1 
589 C  CG1 C ILE A 22 ? 0.1112 0.1889 0.1582 -0.0188 -0.0399 0.0340  42  ILE A CG1 
590 C  CG2 A ILE A 22 ? 0.1181 0.1484 0.1767 0.0082  0.0175  0.0058  42  ILE A CG2 
591 C  CG2 C ILE A 22 ? 0.1108 0.1673 0.1524 -0.0163 -0.0217 0.0414  42  ILE A CG2 
592 C  CD1 A ILE A 22 ? 0.0939 0.1494 0.1805 -0.0147 -0.0404 -0.0035 42  ILE A CD1 
593 C  CD1 C ILE A 22 ? 0.1167 0.2396 0.1827 -0.0075 -0.0311 0.0084  42  ILE A CD1 
616 N  N   . LEU A 23 ? 0.0781 0.1394 0.1354 -0.0235 -0.0032 0.0086  43  LEU A N   
617 C  CA  . LEU A 23 ? 0.0981 0.1476 0.1572 -0.0303 0.0061  -0.0019 43  LEU A CA  
618 C  C   . LEU A 23 ? 0.1034 0.1533 0.1139 -0.0286 -0.0043 0.0036  43  LEU A C   
619 O  O   . LEU A 23 ? 0.1035 0.1759 0.1461 -0.0553 0.0013  -0.0018 43  LEU A O   
620 C  CB  A LEU A 23 ? 0.1125 0.1554 0.1281 -0.0409 0.0144  -0.0098 43  LEU A CB  
621 C  CB  B LEU A 23 ? 0.1332 0.1988 0.1511 -0.0283 0.0398  -0.0248 43  LEU A CB  
622 C  CB  C LEU A 23 ? 0.0921 0.1437 0.1437 -0.0512 -0.0062 -0.0238 43  LEU A CB  
623 C  CG  A LEU A 23 ? 0.1418 0.1564 0.1605 -0.0332 0.0276  -0.0265 43  LEU A CG  
624 C  CG  B LEU A 23 ? 0.1624 0.2439 0.2037 -0.0286 0.0511  -0.0347 43  LEU A CG  
625 C  CG  C LEU A 23 ? 0.1003 0.1257 0.1528 -0.0595 -0.0079 -0.0278 43  LEU A CG  
626 C  CD1 A LEU A 23 ? 0.1683 0.1574 0.1638 -0.0339 0.0263  -0.0057 43  LEU A CD1 
627 C  CD1 B LEU A 23 ? 0.1934 0.2835 0.2107 0.0009  0.0766  -0.0486 43  LEU A CD1 
628 C  CD1 C LEU A 23 ? 0.0933 0.1414 0.1760 -0.0619 -0.0208 -0.0147 43  LEU A CD1 
629 C  CD2 A LEU A 23 ? 0.1182 0.1682 0.1949 -0.0275 -0.0075 -0.0264 43  LEU A CD2 
630 C  CD2 B LEU A 23 ? 0.1614 0.2677 0.2725 -0.0415 0.0509  -0.0478 43  LEU A CD2 
631 C  CD2 C LEU A 23 ? 0.1052 0.1106 0.1376 -0.0473 -0.0298 -0.0336 43  LEU A CD2 
662 N  N   A ASP A 24 ? 0.1035 0.1608 0.1278 -0.0208 -0.0101 -0.0266 44  ASP A N   
663 N  N   B ASP A 24 ? 0.0815 0.1535 0.1484 -0.0422 -0.0121 0.0372  44  ASP A N   
664 C  CA  A ASP A 24 ? 0.0987 0.2254 0.1511 0.0201  -0.0093 -0.0180 44  ASP A CA  
665 C  CA  B ASP A 24 ? 0.0722 0.1628 0.1451 -0.0409 -0.0114 0.0199  44  ASP A CA  
666 C  C   A ASP A 24 ? 0.0972 0.1997 0.1315 0.0160  -0.0131 -0.0099 44  ASP A C   
667 C  C   B ASP A 24 ? 0.0854 0.1770 0.1309 -0.0452 -0.0112 -0.0039 44  ASP A C   
668 O  O   A ASP A 24 ? 0.0848 0.2388 0.1808 -0.0034 -0.0103 -0.0113 44  ASP A O   
669 O  O   B ASP A 24 ? 0.0752 0.1942 0.1643 -0.0476 -0.0126 0.0380  44  ASP A O   
670 C  CB  A ASP A 24 ? 0.1153 0.2564 0.2065 0.0510  -0.0159 -0.0139 44  ASP A CB  
671 C  CB  B ASP A 24 ? 0.0793 0.1696 0.1808 -0.0164 -0.0342 0.0446  44  ASP A CB  
672 C  CG  A ASP A 24 ? 0.1479 0.3161 0.2582 0.0517  -0.0086 -0.0133 44  ASP A CG  
673 C  CG  B ASP A 24 ? 0.1133 0.2468 0.2523 -0.0085 -0.0221 0.0817  44  ASP A CG  
674 O  OD1 A ASP A 24 ? 0.1479 0.3110 0.2782 0.0569  -0.0306 -0.0167 44  ASP A OD1 
675 O  OD1 B ASP A 24 ? 0.1203 0.3205 0.1925 0.0125  -0.0179 0.0729  44  ASP A OD1 
676 O  OD2 A ASP A 24 ? 0.1659 0.4000 0.3112 0.1084  0.0009  -0.0194 44  ASP A OD2 
677 O  OD2 B ASP A 24 ? 0.1731 0.2427 0.3467 0.0151  -0.0075 0.1434  44  ASP A OD2 
686 N  N   A ARG A 25 ? 0.1007 0.1978 0.1257 0.0056  0.0088  -0.0030 45  ARG A N   
687 N  N   B ARG A 25 ? 0.0868 0.2100 0.1277 -0.0442 -0.0038 -0.0405 45  ARG A N   
688 C  CA  A ARG A 25 ? 0.1295 0.1918 0.1288 0.0066  0.0094  -0.0242 45  ARG A CA  
689 C  CA  B ARG A 25 ? 0.1162 0.2428 0.1325 -0.0542 -0.0156 -0.0029 45  ARG A CA  
690 C  C   A ARG A 25 ? 0.1203 0.2054 0.1289 -0.0232 -0.0064 -0.0130 45  ARG A C   
691 C  C   B ARG A 25 ? 0.1192 0.2501 0.1234 -0.0726 -0.0072 0.0213  45  ARG A C   
692 O  O   A ARG A 25 ? 0.1229 0.2593 0.1418 -0.0233 0.0142  -0.0109 45  ARG A O   
693 O  O   B ARG A 25 ? 0.1398 0.2814 0.1408 -0.0886 0.0210  0.0265  45  ARG A O   
694 C  CB  A ARG A 25 ? 0.1840 0.2174 0.1711 0.0057  0.0339  -0.0356 45  ARG A CB  
695 C  CB  B ARG A 25 ? 0.1582 0.2699 0.1266 -0.0860 -0.0196 -0.0155 45  ARG A CB  
696 C  CG  A ARG A 25 ? 0.2424 0.3177 0.2566 0.0321  0.0610  -0.0011 45  ARG A CG  
697 C  CG  B ARG A 25 ? 0.2219 0.3550 0.1929 -0.0737 0.0205  -0.0279 45  ARG A CG  
698 C  CD  A ARG A 25 ? 0.3026 0.4108 0.3175 0.0736  0.0833  0.0504  45  ARG A CD  
699 C  CD  B ARG A 25 ? 0.2505 0.4530 0.3275 -0.0428 0.0231  -0.0477 45  ARG A CD  
700 N  NE  A ARG A 25 ? 0.3410 0.4600 0.3481 0.1088  0.0794  0.0799  45  ARG A NE  
701 N  NE  B ARG A 25 ? 0.2977 0.5195 0.3740 -0.0154 0.0424  -0.0701 45  ARG A NE  
702 C  CZ  A ARG A 25 ? 0.3737 0.4693 0.3476 0.1327  0.0946  0.0712  45  ARG A CZ  
703 C  CZ  B ARG A 25 ? 0.3319 0.5503 0.3889 -0.0026 0.0601  -0.0854 45  ARG A CZ  
704 N  NH1 A ARG A 25 ? 0.3710 0.4924 0.3697 0.1312  0.0861  0.0749  45  ARG A NH1 
705 N  NH1 B ARG A 25 ? 0.3495 0.5602 0.3827 0.0121  0.0742  -0.0907 45  ARG A NH1 
706 N  NH2 A ARG A 25 ? 0.3783 0.4514 0.3515 0.1623  0.0891  0.0451  45  ARG A NH2 
707 N  NH2 B ARG A 25 ? 0.3349 0.5608 0.4119 -0.0083 0.0585  -0.0874 45  ARG A NH2 
734 N  N   A LEU A 26 ? 0.1107 0.2061 0.1254 -0.0273 -0.0316 -0.0135 46  LEU A N   
735 N  N   B LEU A 26 ? 0.1205 0.2460 0.1303 -0.0678 -0.0209 0.0554  46  LEU A N   
736 C  CA  A LEU A 26 ? 0.1198 0.1859 0.1529 -0.0300 -0.0201 0.0152  46  LEU A CA  
737 C  CA  B LEU A 26 ? 0.1408 0.2042 0.1315 -0.0575 -0.0158 0.0439  46  LEU A CA  
738 C  C   A LEU A 26 ? 0.1188 0.1711 0.1814 -0.0429 0.0011  0.0412  46  LEU A C   
739 C  C   B LEU A 26 ? 0.1212 0.1849 0.1133 -0.0604 -0.0149 0.0309  46  LEU A C   
740 O  O   A LEU A 26 ? 0.1415 0.2181 0.2508 -0.0359 0.0237  0.0425  46  LEU A O   
741 O  O   B LEU A 26 ? 0.1011 0.2566 0.1018 -0.0646 -0.0222 0.0258  46  LEU A O   
742 C  CB  A LEU A 26 ? 0.1159 0.1792 0.1360 -0.0113 -0.0137 0.0037  46  LEU A CB  
743 C  CB  B LEU A 26 ? 0.1257 0.2437 0.1883 -0.0419 -0.0564 0.0464  46  LEU A CB  
744 C  CG  A LEU A 26 ? 0.1180 0.1625 0.1473 -0.0221 -0.0210 0.0184  46  LEU A CG  
745 C  CG  B LEU A 26 ? 0.1567 0.3506 0.2507 -0.0271 -0.0470 0.0294  46  LEU A CG  
746 C  CD1 A LEU A 26 ? 0.1091 0.1500 0.2061 -0.0072 -0.0362 0.0231  46  LEU A CD1 
747 C  CD1 B LEU A 26 ? 0.1996 0.3939 0.2818 0.0174  0.0000  0.0723  46  LEU A CD1 
748 C  CD2 A LEU A 26 ? 0.1242 0.2169 0.1644 0.0230  -0.0168 0.0391  46  LEU A CD2 
749 C  CD2 B LEU A 26 ? 0.1541 0.3763 0.2850 -0.0533 -0.0546 0.0465  46  LEU A CD2 
778 CA CA  . CA  B .  ? 0.0577 0.1322 0.0720 -0.0113 -0.0016 0.0007  101 CA  A CA  
779 CL CL  . CL  C .  ? 0.0727 0.0734 0.1531 0.0096  -0.0006 0.0009  102 CL  A CL  
# 
